data_1WGO
#
_entry.id   1WGO
#
_entity_poly.entity_id   1
_entity_poly.type   'polypeptide(L)'
_entity_poly.pdbx_seq_one_letter_code
;GSSGSSGCEGGVDMQQSQVQLQCPLTPPRGLQVSIQGEAVAVRPGEDVLFVVRQEQGDVLTTKYQVDLGDGFKAMYVNLT
LTGEPIRHRYESPGIYRVSVRAENTAGHDEAVLFVQVSGPSSG
;
_entity_poly.pdbx_strand_id   A
#
# COMPACT_ATOMS: atom_id res chain seq x y z
N GLY A 1 10.28 -19.59 -11.27
CA GLY A 1 9.62 -18.29 -11.32
C GLY A 1 9.74 -17.53 -10.02
N SER A 2 9.29 -16.27 -10.02
CA SER A 2 9.35 -15.44 -8.82
C SER A 2 7.96 -15.09 -8.34
N SER A 3 7.82 -14.92 -7.02
CA SER A 3 6.54 -14.59 -6.41
C SER A 3 6.72 -14.15 -4.97
N GLY A 4 5.68 -13.52 -4.41
CA GLY A 4 5.75 -13.05 -3.05
C GLY A 4 4.73 -13.72 -2.15
N SER A 5 4.58 -13.22 -0.93
CA SER A 5 3.63 -13.79 0.03
C SER A 5 3.56 -12.93 1.28
N SER A 6 2.51 -13.15 2.08
CA SER A 6 2.32 -12.39 3.32
C SER A 6 1.44 -13.17 4.29
N GLY A 7 1.31 -12.64 5.51
CA GLY A 7 0.50 -13.30 6.52
C GLY A 7 0.68 -12.68 7.89
N CYS A 8 -0.42 -12.31 8.52
CA CYS A 8 -0.39 -11.71 9.85
C CYS A 8 -1.79 -11.57 10.42
N GLU A 9 -1.93 -11.91 11.71
CA GLU A 9 -3.23 -11.84 12.38
C GLU A 9 -3.22 -10.74 13.44
N GLY A 10 -4.37 -10.10 13.64
CA GLY A 10 -4.48 -9.05 14.62
C GLY A 10 -5.92 -8.78 15.03
N GLY A 11 -6.35 -9.43 16.11
CA GLY A 11 -7.72 -9.24 16.58
C GLY A 11 -7.81 -9.29 18.10
N VAL A 12 -8.55 -8.35 18.67
CA VAL A 12 -8.72 -8.30 20.12
C VAL A 12 -10.12 -7.78 20.48
N ASP A 13 -10.67 -8.31 21.57
CA ASP A 13 -11.99 -7.92 22.02
C ASP A 13 -12.14 -6.40 22.02
N MET A 14 -13.38 -5.93 21.97
CA MET A 14 -13.65 -4.50 21.96
C MET A 14 -13.22 -3.85 23.27
N GLN A 15 -11.95 -3.48 23.36
CA GLN A 15 -11.41 -2.85 24.56
C GLN A 15 -11.45 -1.33 24.45
N GLN A 16 -11.06 -0.82 23.29
CA GLN A 16 -11.07 0.62 23.05
C GLN A 16 -11.03 0.93 21.56
N SER A 17 -11.46 2.13 21.20
CA SER A 17 -11.48 2.55 19.80
C SER A 17 -11.75 4.04 19.68
N GLN A 18 -11.08 4.68 18.72
CA GLN A 18 -11.24 6.12 18.50
C GLN A 18 -12.17 6.39 17.32
N VAL A 19 -13.42 5.92 17.43
CA VAL A 19 -14.40 6.11 16.38
C VAL A 19 -15.78 6.37 16.96
N GLN A 20 -16.49 7.34 16.38
CA GLN A 20 -17.83 7.68 16.85
C GLN A 20 -18.88 7.32 15.80
N LEU A 21 -18.70 6.16 15.16
CA LEU A 21 -19.63 5.70 14.14
C LEU A 21 -19.27 4.29 13.68
N GLN A 22 -20.25 3.40 13.71
CA GLN A 22 -20.04 2.02 13.28
C GLN A 22 -20.41 1.83 11.82
N CYS A 23 -19.41 1.62 10.98
CA CYS A 23 -19.63 1.43 9.55
C CYS A 23 -18.96 0.15 9.06
N PRO A 24 -19.65 -0.59 8.19
CA PRO A 24 -19.14 -1.85 7.63
C PRO A 24 -17.98 -1.63 6.67
N LEU A 25 -16.89 -2.34 6.88
CA LEU A 25 -15.71 -2.22 6.03
C LEU A 25 -14.78 -3.42 6.22
N THR A 26 -13.68 -3.43 5.47
CA THR A 26 -12.71 -4.51 5.56
C THR A 26 -11.28 -3.97 5.52
N PRO A 27 -10.36 -4.69 6.19
CA PRO A 27 -8.95 -4.30 6.24
C PRO A 27 -8.25 -4.46 4.90
N PRO A 28 -7.09 -3.81 4.75
CA PRO A 28 -6.30 -3.86 3.51
C PRO A 28 -5.66 -5.24 3.30
N ARG A 29 -5.59 -5.65 2.04
CA ARG A 29 -5.00 -6.94 1.69
C ARG A 29 -4.22 -6.85 0.39
N GLY A 30 -3.14 -7.62 0.29
CA GLY A 30 -2.32 -7.61 -0.90
C GLY A 30 -1.82 -6.23 -1.26
N LEU A 31 -1.19 -5.57 -0.30
CA LEU A 31 -0.68 -4.22 -0.51
C LEU A 31 0.84 -4.25 -0.68
N GLN A 32 1.33 -3.73 -1.80
CA GLN A 32 2.76 -3.70 -2.07
C GLN A 32 3.08 -2.68 -3.17
N VAL A 33 4.34 -2.26 -3.24
CA VAL A 33 4.77 -1.30 -4.24
C VAL A 33 5.67 -1.95 -5.28
N SER A 34 5.72 -1.36 -6.47
CA SER A 34 6.53 -1.90 -7.55
C SER A 34 7.11 -0.77 -8.40
N ILE A 35 8.25 -1.04 -9.04
CA ILE A 35 8.91 -0.05 -9.88
C ILE A 35 8.45 -0.16 -11.33
N GLN A 36 8.13 0.98 -11.93
CA GLN A 36 7.68 1.01 -13.32
C GLN A 36 8.63 0.23 -14.22
N GLY A 37 8.14 -0.86 -14.80
CA GLY A 37 8.96 -1.67 -15.67
C GLY A 37 10.11 -2.33 -14.94
N GLU A 38 10.38 -3.59 -15.27
CA GLU A 38 11.47 -4.32 -14.63
C GLU A 38 12.83 -3.72 -15.00
N ALA A 39 13.45 -3.06 -14.03
CA ALA A 39 14.75 -2.44 -14.24
C ALA A 39 15.84 -3.19 -13.48
N VAL A 40 17.05 -3.20 -14.05
CA VAL A 40 18.18 -3.87 -13.43
C VAL A 40 19.01 -2.90 -12.60
N ALA A 41 19.65 -1.96 -13.27
CA ALA A 41 20.48 -0.96 -12.61
C ALA A 41 20.27 0.43 -13.20
N VAL A 42 19.80 1.36 -12.38
CA VAL A 42 19.56 2.72 -12.83
C VAL A 42 20.74 3.64 -12.48
N ARG A 43 20.91 4.68 -13.28
CA ARG A 43 22.00 5.64 -13.05
C ARG A 43 21.60 6.70 -12.03
N PRO A 44 22.60 7.26 -11.34
CA PRO A 44 22.37 8.29 -10.33
C PRO A 44 21.91 9.61 -10.93
N GLY A 45 20.82 10.15 -10.39
CA GLY A 45 20.29 11.41 -10.90
C GLY A 45 19.06 11.21 -11.76
N GLU A 46 18.69 9.95 -11.99
CA GLU A 46 17.52 9.64 -12.81
C GLU A 46 16.29 9.43 -11.93
N ASP A 47 15.28 10.27 -12.13
CA ASP A 47 14.04 10.18 -11.37
C ASP A 47 13.38 8.81 -11.57
N VAL A 48 13.11 8.12 -10.46
CA VAL A 48 12.47 6.81 -10.52
C VAL A 48 10.98 6.90 -10.20
N LEU A 49 10.20 6.04 -10.84
CA LEU A 49 8.76 6.03 -10.64
C LEU A 49 8.33 4.79 -9.85
N PHE A 50 7.49 5.00 -8.85
CA PHE A 50 7.01 3.90 -8.02
C PHE A 50 5.51 3.69 -8.21
N VAL A 51 5.14 2.55 -8.78
CA VAL A 51 3.74 2.23 -9.01
C VAL A 51 3.15 1.44 -7.85
N VAL A 52 2.06 1.94 -7.30
CA VAL A 52 1.39 1.28 -6.17
C VAL A 52 0.00 0.81 -6.57
N ARG A 53 -0.37 -0.37 -6.11
CA ARG A 53 -1.69 -0.95 -6.40
C ARG A 53 -2.12 -1.90 -5.31
N GLN A 54 -3.41 -2.25 -5.31
CA GLN A 54 -3.95 -3.16 -4.31
C GLN A 54 -4.77 -4.27 -4.98
N GLU A 55 -4.95 -5.38 -4.26
CA GLU A 55 -5.69 -6.51 -4.78
C GLU A 55 -7.20 -6.24 -4.71
N GLN A 56 -7.67 -5.85 -3.53
CA GLN A 56 -9.08 -5.55 -3.33
C GLN A 56 -9.28 -4.12 -2.84
N GLY A 57 -8.29 -3.60 -2.13
CA GLY A 57 -8.37 -2.25 -1.61
C GLY A 57 -9.78 -1.88 -1.21
N ASP A 58 -10.47 -2.81 -0.54
CA ASP A 58 -11.84 -2.57 -0.09
C ASP A 58 -11.87 -1.51 1.00
N VAL A 59 -10.87 -1.54 1.88
CA VAL A 59 -10.79 -0.58 2.98
C VAL A 59 -11.02 0.85 2.48
N LEU A 60 -11.43 1.72 3.38
CA LEU A 60 -11.70 3.12 3.04
C LEU A 60 -10.39 3.91 2.98
N THR A 61 -10.51 5.22 2.74
CA THR A 61 -9.34 6.08 2.65
C THR A 61 -8.32 5.72 3.73
N THR A 62 -7.23 5.09 3.30
CA THR A 62 -6.17 4.69 4.22
C THR A 62 -4.95 5.59 4.08
N LYS A 63 -4.10 5.59 5.10
CA LYS A 63 -2.89 6.42 5.10
C LYS A 63 -1.69 5.60 4.63
N TYR A 64 -0.75 6.28 3.97
CA TYR A 64 0.45 5.62 3.47
C TYR A 64 1.69 6.44 3.79
N GLN A 65 2.71 5.77 4.35
CA GLN A 65 3.95 6.44 4.70
C GLN A 65 5.14 5.80 3.98
N VAL A 66 5.65 6.50 2.97
CA VAL A 66 6.78 6.01 2.20
C VAL A 66 8.10 6.49 2.79
N ASP A 67 9.03 5.56 2.97
CA ASP A 67 10.35 5.89 3.53
C ASP A 67 11.45 5.65 2.50
N LEU A 68 12.04 6.73 2.01
CA LEU A 68 13.11 6.62 1.01
C LEU A 68 14.40 6.13 1.66
N GLY A 69 14.62 6.52 2.91
CA GLY A 69 15.82 6.10 3.62
C GLY A 69 16.96 7.10 3.47
N ASP A 70 16.94 7.84 2.37
CA ASP A 70 17.98 8.84 2.11
C ASP A 70 17.58 10.21 2.67
N GLY A 71 16.98 10.19 3.86
CA GLY A 71 16.56 11.44 4.48
C GLY A 71 15.20 11.90 4.00
N PHE A 72 14.90 11.63 2.73
CA PHE A 72 13.63 12.02 2.14
C PHE A 72 12.47 11.29 2.82
N LYS A 73 11.47 12.06 3.26
CA LYS A 73 10.31 11.48 3.92
C LYS A 73 9.03 12.18 3.48
N ALA A 74 8.02 11.39 3.13
CA ALA A 74 6.74 11.94 2.69
C ALA A 74 5.58 11.09 3.17
N MET A 75 4.44 11.73 3.43
CA MET A 75 3.26 11.02 3.90
C MET A 75 2.10 11.19 2.93
N TYR A 76 1.78 10.12 2.20
CA TYR A 76 0.70 10.16 1.23
C TYR A 76 -0.57 9.54 1.80
N VAL A 77 -1.73 10.06 1.39
CA VAL A 77 -3.00 9.56 1.86
C VAL A 77 -3.87 9.09 0.70
N ASN A 78 -4.31 7.84 0.76
CA ASN A 78 -5.15 7.26 -0.27
C ASN A 78 -4.36 7.07 -1.57
N LEU A 79 -3.08 6.74 -1.43
CA LEU A 79 -2.21 6.53 -2.59
C LEU A 79 -2.93 5.73 -3.66
N THR A 80 -3.32 4.49 -3.33
CA THR A 80 -4.01 3.63 -4.27
C THR A 80 -5.15 4.38 -4.97
N LEU A 81 -5.95 5.08 -4.18
CA LEU A 81 -7.08 5.84 -4.73
C LEU A 81 -6.61 6.79 -5.83
N THR A 82 -5.68 7.67 -5.50
CA THR A 82 -5.16 8.63 -6.46
C THR A 82 -4.37 7.92 -7.56
N GLY A 83 -3.98 6.68 -7.30
CA GLY A 83 -3.23 5.92 -8.29
C GLY A 83 -2.19 6.76 -9.00
N GLU A 84 -1.40 7.49 -8.23
CA GLU A 84 -0.35 8.34 -8.79
C GLU A 84 1.03 7.82 -8.43
N PRO A 85 1.94 7.82 -9.41
CA PRO A 85 3.32 7.35 -9.22
C PRO A 85 4.13 8.28 -8.33
N ILE A 86 5.08 7.72 -7.60
CA ILE A 86 5.93 8.50 -6.71
C ILE A 86 7.30 8.74 -7.33
N ARG A 87 7.52 9.96 -7.82
CA ARG A 87 8.79 10.32 -8.44
C ARG A 87 9.84 10.64 -7.38
N HIS A 88 11.07 10.20 -7.64
CA HIS A 88 12.18 10.44 -6.70
C HIS A 88 13.53 10.27 -7.40
N ARG A 89 14.33 11.33 -7.38
CA ARG A 89 15.64 11.30 -8.01
C ARG A 89 16.74 11.15 -6.97
N TYR A 90 17.77 10.38 -7.29
CA TYR A 90 18.89 10.16 -6.38
C TYR A 90 20.12 10.95 -6.82
N GLU A 91 21.01 11.21 -5.87
CA GLU A 91 22.23 11.96 -6.17
C GLU A 91 23.43 11.02 -6.27
N SER A 92 23.71 10.31 -5.19
CA SER A 92 24.85 9.38 -5.17
C SER A 92 24.36 7.94 -5.38
N PRO A 93 25.17 7.15 -6.09
CA PRO A 93 24.86 5.75 -6.38
C PRO A 93 24.94 4.87 -5.13
N GLY A 94 24.08 3.86 -5.08
CA GLY A 94 24.07 2.96 -3.93
C GLY A 94 22.69 2.41 -3.65
N ILE A 95 22.60 1.09 -3.47
CA ILE A 95 21.33 0.44 -3.18
C ILE A 95 20.59 1.14 -2.05
N TYR A 96 19.34 1.48 -2.29
CA TYR A 96 18.52 2.16 -1.28
C TYR A 96 17.46 1.22 -0.71
N ARG A 97 16.96 1.55 0.47
CA ARG A 97 15.94 0.74 1.13
C ARG A 97 14.62 1.50 1.25
N VAL A 98 13.65 1.13 0.43
CA VAL A 98 12.34 1.78 0.44
C VAL A 98 11.32 0.93 1.19
N SER A 99 10.41 1.60 1.90
CA SER A 99 9.37 0.91 2.66
C SER A 99 8.07 1.69 2.63
N VAL A 100 7.00 1.07 3.13
CA VAL A 100 5.70 1.71 3.16
C VAL A 100 4.86 1.19 4.33
N ARG A 101 4.02 2.05 4.89
CA ARG A 101 3.17 1.69 6.01
C ARG A 101 1.72 2.11 5.75
N ALA A 102 0.80 1.17 5.95
CA ALA A 102 -0.62 1.44 5.74
C ALA A 102 -1.44 0.99 6.95
N GLU A 103 -2.21 1.92 7.51
CA GLU A 103 -3.04 1.62 8.67
C GLU A 103 -4.37 2.38 8.59
N ASN A 104 -5.44 1.65 8.31
CA ASN A 104 -6.76 2.25 8.21
C ASN A 104 -7.61 1.93 9.43
N THR A 105 -8.80 2.53 9.51
CA THR A 105 -9.69 2.30 10.63
C THR A 105 -10.01 0.82 10.80
N ALA A 106 -9.80 0.06 9.72
CA ALA A 106 -10.07 -1.38 9.75
C ALA A 106 -8.80 -2.16 10.10
N GLY A 107 -7.89 -2.26 9.13
CA GLY A 107 -6.66 -2.99 9.35
C GLY A 107 -5.44 -2.16 9.02
N HIS A 108 -4.32 -2.83 8.74
CA HIS A 108 -3.07 -2.15 8.42
C HIS A 108 -2.13 -3.08 7.66
N ASP A 109 -1.54 -2.56 6.59
CA ASP A 109 -0.61 -3.35 5.77
C ASP A 109 0.71 -2.62 5.59
N GLU A 110 1.78 -3.37 5.39
CA GLU A 110 3.10 -2.79 5.21
C GLU A 110 3.91 -3.58 4.18
N ALA A 111 4.85 -2.91 3.53
CA ALA A 111 5.68 -3.55 2.52
C ALA A 111 7.06 -2.90 2.46
N VAL A 112 8.02 -3.60 1.85
CA VAL A 112 9.38 -3.10 1.74
C VAL A 112 9.98 -3.45 0.38
N LEU A 113 10.54 -2.44 -0.29
CA LEU A 113 11.15 -2.64 -1.60
C LEU A 113 12.62 -2.22 -1.59
N PHE A 114 13.43 -2.92 -2.37
CA PHE A 114 14.86 -2.62 -2.45
C PHE A 114 15.23 -2.09 -3.83
N VAL A 115 15.81 -0.89 -3.86
CA VAL A 115 16.20 -0.27 -5.11
C VAL A 115 17.72 -0.26 -5.27
N GLN A 116 18.19 -0.37 -6.51
CA GLN A 116 19.61 -0.38 -6.80
C GLN A 116 19.96 0.64 -7.87
N VAL A 117 20.93 1.50 -7.58
CA VAL A 117 21.36 2.53 -8.51
C VAL A 117 22.88 2.53 -8.67
N SER A 118 23.36 1.97 -9.78
CA SER A 118 24.79 1.92 -10.05
C SER A 118 25.26 3.16 -10.81
N GLY A 119 26.49 3.57 -10.54
CA GLY A 119 27.04 4.74 -11.20
C GLY A 119 27.06 4.60 -12.71
N PRO A 120 27.76 5.52 -13.38
CA PRO A 120 27.88 5.51 -14.85
C PRO A 120 28.73 4.34 -15.36
N SER A 121 29.18 3.51 -14.43
CA SER A 121 30.00 2.36 -14.79
C SER A 121 29.29 1.46 -15.80
N SER A 122 30.06 0.79 -16.63
CA SER A 122 29.51 -0.10 -17.65
C SER A 122 28.37 -0.93 -17.08
N GLY A 123 27.52 -1.45 -17.97
CA GLY A 123 26.40 -2.26 -17.53
C GLY A 123 25.07 -1.54 -17.67
N GLY A 1 -2.44 15.38 49.91
CA GLY A 1 -1.57 16.40 49.36
C GLY A 1 -1.20 17.46 50.38
N SER A 2 -0.71 18.60 49.91
CA SER A 2 -0.32 19.69 50.79
C SER A 2 -1.26 20.87 50.64
N SER A 3 -2.25 20.96 51.53
CA SER A 3 -3.22 22.04 51.50
C SER A 3 -3.89 22.12 50.13
N GLY A 4 -4.23 20.96 49.57
CA GLY A 4 -4.87 20.92 48.28
C GLY A 4 -5.69 19.65 48.07
N SER A 5 -6.98 19.74 48.35
CA SER A 5 -7.88 18.59 48.20
C SER A 5 -8.33 18.44 46.75
N SER A 6 -8.53 17.21 46.32
CA SER A 6 -8.98 16.93 44.96
C SER A 6 -9.97 15.76 44.93
N GLY A 7 -11.17 16.03 44.44
CA GLY A 7 -12.19 14.99 44.36
C GLY A 7 -13.28 15.34 43.38
N CYS A 8 -13.65 14.38 42.54
CA CYS A 8 -14.70 14.59 41.55
C CYS A 8 -15.91 13.70 41.84
N GLU A 9 -17.10 14.20 41.51
CA GLU A 9 -18.33 13.47 41.74
C GLU A 9 -18.39 12.22 40.86
N GLY A 10 -18.27 12.42 39.55
CA GLY A 10 -18.32 11.30 38.63
C GLY A 10 -19.61 10.52 38.72
N GLY A 11 -20.73 11.23 38.67
CA GLY A 11 -22.02 10.57 38.76
C GLY A 11 -22.83 10.68 37.47
N VAL A 12 -22.26 10.15 36.38
CA VAL A 12 -22.93 10.19 35.09
C VAL A 12 -23.32 8.79 34.63
N ASP A 13 -24.28 8.73 33.71
CA ASP A 13 -24.75 7.44 33.18
C ASP A 13 -23.91 7.01 31.98
N MET A 14 -23.76 7.92 31.02
CA MET A 14 -22.98 7.64 29.82
C MET A 14 -23.29 6.23 29.30
N GLN A 15 -24.57 5.88 29.29
CA GLN A 15 -24.99 4.57 28.82
C GLN A 15 -24.82 4.45 27.31
N GLN A 16 -23.68 3.91 26.89
CA GLN A 16 -23.39 3.75 25.47
C GLN A 16 -23.42 2.28 25.08
N SER A 17 -24.34 1.92 24.20
CA SER A 17 -24.49 0.55 23.74
C SER A 17 -23.17 0.03 23.20
N GLN A 18 -22.85 -1.23 23.52
CA GLN A 18 -21.61 -1.85 23.07
C GLN A 18 -21.87 -2.78 21.90
N VAL A 19 -22.81 -2.39 21.03
CA VAL A 19 -23.15 -3.19 19.87
C VAL A 19 -21.94 -3.40 18.96
N GLN A 20 -21.08 -2.38 18.89
CA GLN A 20 -19.88 -2.46 18.06
C GLN A 20 -20.24 -2.75 16.61
N LEU A 21 -21.33 -2.15 16.13
CA LEU A 21 -21.78 -2.33 14.77
C LEU A 21 -20.60 -2.43 13.81
N GLN A 22 -20.68 -3.38 12.88
CA GLN A 22 -19.61 -3.58 11.91
C GLN A 22 -19.88 -2.78 10.63
N CYS A 23 -18.84 -2.60 9.83
CA CYS A 23 -18.96 -1.84 8.59
C CYS A 23 -18.40 -2.64 7.41
N PRO A 24 -19.02 -2.48 6.24
CA PRO A 24 -18.61 -3.18 5.01
C PRO A 24 -17.27 -2.68 4.48
N LEU A 25 -16.18 -3.28 4.98
CA LEU A 25 -14.84 -2.89 4.55
C LEU A 25 -13.85 -4.03 4.80
N THR A 26 -12.79 -4.07 4.00
CA THR A 26 -11.77 -5.10 4.14
C THR A 26 -10.40 -4.48 4.42
N PRO A 27 -9.60 -5.15 5.26
CA PRO A 27 -8.26 -4.70 5.61
C PRO A 27 -7.28 -4.79 4.46
N PRO A 28 -6.13 -4.11 4.58
CA PRO A 28 -5.10 -4.10 3.55
C PRO A 28 -4.39 -5.45 3.44
N ARG A 29 -4.54 -6.09 2.28
CA ARG A 29 -3.92 -7.39 2.04
C ARG A 29 -3.07 -7.36 0.79
N GLY A 30 -1.93 -8.04 0.83
CA GLY A 30 -1.04 -8.08 -0.31
C GLY A 30 -0.48 -6.71 -0.67
N LEU A 31 -0.40 -5.83 0.33
CA LEU A 31 0.11 -4.49 0.12
C LEU A 31 1.59 -4.52 -0.27
N GLN A 32 1.86 -4.18 -1.53
CA GLN A 32 3.23 -4.17 -2.03
C GLN A 32 3.42 -3.05 -3.06
N VAL A 33 4.68 -2.71 -3.32
CA VAL A 33 5.00 -1.66 -4.28
C VAL A 33 5.87 -2.19 -5.41
N SER A 34 5.83 -1.51 -6.55
CA SER A 34 6.60 -1.91 -7.72
C SER A 34 7.12 -0.70 -8.48
N ILE A 35 8.17 -0.91 -9.28
CA ILE A 35 8.75 0.17 -10.06
C ILE A 35 8.28 0.11 -11.51
N GLN A 36 7.64 1.20 -11.96
CA GLN A 36 7.14 1.27 -13.32
C GLN A 36 8.13 0.64 -14.30
N GLY A 37 7.81 -0.58 -14.75
CA GLY A 37 8.67 -1.28 -15.69
C GLY A 37 9.76 -2.07 -14.98
N GLU A 38 9.85 -3.35 -15.30
CA GLU A 38 10.85 -4.22 -14.69
C GLU A 38 12.26 -3.71 -14.98
N ALA A 39 12.91 -3.16 -13.96
CA ALA A 39 14.26 -2.63 -14.09
C ALA A 39 15.27 -3.51 -13.36
N VAL A 40 16.54 -3.38 -13.73
CA VAL A 40 17.60 -4.15 -13.10
C VAL A 40 18.62 -3.25 -12.42
N ALA A 41 19.16 -2.30 -13.18
CA ALA A 41 20.15 -1.37 -12.65
C ALA A 41 19.88 0.05 -13.17
N VAL A 42 19.49 0.93 -12.26
CA VAL A 42 19.20 2.32 -12.61
C VAL A 42 20.45 3.18 -12.48
N ARG A 43 20.47 4.29 -13.22
CA ARG A 43 21.62 5.20 -13.21
C ARG A 43 21.43 6.27 -12.14
N PRO A 44 22.55 6.77 -11.59
CA PRO A 44 22.53 7.80 -10.55
C PRO A 44 22.09 9.16 -11.10
N GLY A 45 21.05 9.71 -10.49
CA GLY A 45 20.54 10.99 -10.92
C GLY A 45 19.22 10.89 -11.66
N GLU A 46 18.85 9.66 -12.04
CA GLU A 46 17.61 9.43 -12.76
C GLU A 46 16.45 9.22 -11.78
N ASP A 47 15.29 9.77 -12.13
CA ASP A 47 14.10 9.65 -11.28
C ASP A 47 13.44 8.29 -11.48
N VAL A 48 12.94 7.72 -10.39
CA VAL A 48 12.28 6.43 -10.44
C VAL A 48 10.81 6.54 -10.03
N LEU A 49 9.94 5.89 -10.78
CA LEU A 49 8.50 5.91 -10.50
C LEU A 49 8.09 4.70 -9.69
N PHE A 50 7.43 4.95 -8.56
CA PHE A 50 6.97 3.87 -7.69
C PHE A 50 5.45 3.71 -7.76
N VAL A 51 5.01 2.58 -8.31
CA VAL A 51 3.59 2.31 -8.45
C VAL A 51 3.06 1.55 -7.24
N VAL A 52 1.95 2.04 -6.68
CA VAL A 52 1.35 1.40 -5.51
C VAL A 52 0.00 0.78 -5.87
N ARG A 53 -0.22 -0.46 -5.43
CA ARG A 53 -1.46 -1.18 -5.71
C ARG A 53 -1.71 -2.26 -4.67
N GLN A 54 -2.98 -2.60 -4.47
CA GLN A 54 -3.35 -3.62 -3.50
C GLN A 54 -3.83 -4.89 -4.20
N GLU A 55 -3.61 -6.03 -3.54
CA GLU A 55 -4.02 -7.31 -4.10
C GLU A 55 -5.54 -7.42 -4.18
N GLN A 56 -6.21 -7.06 -3.10
CA GLN A 56 -7.67 -7.12 -3.05
C GLN A 56 -8.26 -5.72 -2.89
N GLY A 57 -7.40 -4.76 -2.56
CA GLY A 57 -7.87 -3.39 -2.38
C GLY A 57 -9.24 -3.32 -1.76
N ASP A 58 -10.14 -2.57 -2.42
CA ASP A 58 -11.50 -2.43 -1.92
C ASP A 58 -11.51 -1.89 -0.49
N VAL A 59 -10.46 -1.16 -0.13
CA VAL A 59 -10.34 -0.59 1.21
C VAL A 59 -10.56 0.91 1.18
N LEU A 60 -11.38 1.40 2.10
CA LEU A 60 -11.67 2.83 2.18
C LEU A 60 -10.40 3.65 2.25
N THR A 61 -10.53 4.96 2.33
CA THR A 61 -9.38 5.86 2.40
C THR A 61 -8.36 5.36 3.42
N THR A 62 -7.17 5.02 2.94
CA THR A 62 -6.11 4.53 3.81
C THR A 62 -4.83 5.34 3.63
N LYS A 63 -4.22 5.73 4.74
CA LYS A 63 -2.99 6.51 4.71
C LYS A 63 -1.78 5.61 4.45
N TYR A 64 -0.99 5.95 3.43
CA TYR A 64 0.19 5.17 3.10
C TYR A 64 1.46 5.98 3.33
N GLN A 65 2.29 5.51 4.24
CA GLN A 65 3.54 6.19 4.57
C GLN A 65 4.66 5.75 3.62
N VAL A 66 5.35 6.73 3.04
CA VAL A 66 6.45 6.44 2.12
C VAL A 66 7.80 6.74 2.75
N ASP A 67 8.62 5.70 2.88
CA ASP A 67 9.95 5.84 3.47
C ASP A 67 11.03 5.56 2.44
N LEU A 68 11.76 6.60 2.05
CA LEU A 68 12.83 6.46 1.07
C LEU A 68 14.08 5.86 1.72
N GLY A 69 14.55 6.49 2.79
CA GLY A 69 15.72 6.00 3.49
C GLY A 69 16.87 6.99 3.46
N ASP A 70 17.23 7.45 2.26
CA ASP A 70 18.31 8.41 2.11
C ASP A 70 18.13 9.60 3.05
N GLY A 71 17.04 10.33 2.87
CA GLY A 71 16.76 11.48 3.71
C GLY A 71 15.48 12.19 3.32
N PHE A 72 14.54 11.43 2.76
CA PHE A 72 13.25 11.99 2.34
C PHE A 72 12.10 11.32 3.07
N LYS A 73 11.17 12.12 3.58
CA LYS A 73 10.02 11.61 4.30
C LYS A 73 8.76 12.38 3.94
N ALA A 74 7.76 11.68 3.42
CA ALA A 74 6.50 12.31 3.03
C ALA A 74 5.32 11.37 3.28
N MET A 75 4.21 11.95 3.71
CA MET A 75 3.00 11.16 3.99
C MET A 75 1.93 11.40 2.93
N TYR A 76 1.59 10.35 2.20
CA TYR A 76 0.58 10.44 1.15
C TYR A 76 -0.68 9.70 1.55
N VAL A 77 -1.82 10.36 1.36
CA VAL A 77 -3.11 9.76 1.70
C VAL A 77 -3.89 9.39 0.44
N ASN A 78 -4.50 8.22 0.46
CA ASN A 78 -5.28 7.74 -0.69
C ASN A 78 -4.40 7.61 -1.93
N LEU A 79 -3.13 7.30 -1.71
CA LEU A 79 -2.18 7.14 -2.81
C LEU A 79 -2.77 6.25 -3.90
N THR A 80 -3.64 5.33 -3.52
CA THR A 80 -4.27 4.43 -4.47
C THR A 80 -5.33 5.14 -5.29
N LEU A 81 -6.28 5.77 -4.61
CA LEU A 81 -7.35 6.51 -5.28
C LEU A 81 -6.80 7.40 -6.37
N THR A 82 -5.83 8.25 -6.01
CA THR A 82 -5.22 9.16 -6.97
C THR A 82 -4.46 8.40 -8.04
N GLY A 83 -3.96 7.21 -7.69
CA GLY A 83 -3.23 6.41 -8.64
C GLY A 83 -2.02 7.13 -9.22
N GLU A 84 -1.60 8.20 -8.55
CA GLU A 84 -0.46 8.98 -9.00
C GLU A 84 0.85 8.34 -8.55
N PRO A 85 1.82 8.28 -9.48
CA PRO A 85 3.13 7.69 -9.21
C PRO A 85 3.97 8.54 -8.25
N ILE A 86 5.08 7.99 -7.79
CA ILE A 86 5.96 8.69 -6.87
C ILE A 86 7.34 8.91 -7.48
N ARG A 87 7.62 10.14 -7.89
CA ARG A 87 8.90 10.48 -8.49
C ARG A 87 9.95 10.74 -7.43
N HIS A 88 11.15 10.23 -7.65
CA HIS A 88 12.25 10.40 -6.70
C HIS A 88 13.59 10.05 -7.34
N ARG A 89 14.48 11.03 -7.43
CA ARG A 89 15.80 10.82 -8.02
C ARG A 89 16.89 10.90 -6.96
N TYR A 90 17.93 10.10 -7.14
CA TYR A 90 19.04 10.08 -6.20
C TYR A 90 20.29 10.74 -6.80
N GLU A 91 21.18 11.22 -5.94
CA GLU A 91 22.40 11.88 -6.38
C GLU A 91 23.57 10.89 -6.41
N SER A 92 23.86 10.31 -5.25
CA SER A 92 24.96 9.36 -5.13
C SER A 92 24.45 7.92 -5.26
N PRO A 93 25.28 7.06 -5.84
CA PRO A 93 24.93 5.64 -6.05
C PRO A 93 24.88 4.87 -4.74
N GLY A 94 24.21 3.72 -4.76
CA GLY A 94 24.09 2.91 -3.56
C GLY A 94 22.69 2.35 -3.37
N ILE A 95 22.60 1.05 -3.09
CA ILE A 95 21.33 0.40 -2.89
C ILE A 95 20.51 1.09 -1.80
N TYR A 96 19.34 1.59 -2.17
CA TYR A 96 18.48 2.29 -1.21
C TYR A 96 17.42 1.33 -0.64
N ARG A 97 16.88 1.69 0.52
CA ARG A 97 15.86 0.87 1.16
C ARG A 97 14.54 1.63 1.28
N VAL A 98 13.54 1.19 0.52
CA VAL A 98 12.23 1.82 0.54
C VAL A 98 11.18 0.90 1.16
N SER A 99 10.31 1.48 1.97
CA SER A 99 9.26 0.71 2.64
C SER A 99 7.99 1.53 2.76
N VAL A 100 6.85 0.85 2.77
CA VAL A 100 5.55 1.51 2.88
C VAL A 100 4.76 0.97 4.06
N ARG A 101 4.28 1.88 4.91
CA ARG A 101 3.51 1.50 6.09
C ARG A 101 2.14 2.16 6.06
N ALA A 102 1.09 1.34 6.08
CA ALA A 102 -0.27 1.85 6.06
C ALA A 102 -1.11 1.22 7.17
N GLU A 103 -2.00 2.01 7.77
CA GLU A 103 -2.86 1.51 8.84
C GLU A 103 -4.20 2.23 8.84
N ASN A 104 -5.25 1.52 8.48
CA ASN A 104 -6.60 2.08 8.44
C ASN A 104 -7.49 1.44 9.49
N THR A 105 -8.66 2.05 9.71
CA THR A 105 -9.61 1.54 10.68
C THR A 105 -9.80 0.03 10.53
N ALA A 106 -9.91 -0.42 9.28
CA ALA A 106 -10.11 -1.83 8.99
C ALA A 106 -8.91 -2.66 9.48
N GLY A 107 -7.78 -2.53 8.77
CA GLY A 107 -6.60 -3.26 9.14
C GLY A 107 -5.32 -2.48 8.88
N HIS A 108 -4.22 -3.18 8.67
CA HIS A 108 -2.94 -2.55 8.42
C HIS A 108 -1.98 -3.50 7.70
N ASP A 109 -0.95 -2.93 7.10
CA ASP A 109 0.04 -3.73 6.37
C ASP A 109 1.27 -2.90 6.03
N GLU A 110 2.31 -3.57 5.53
CA GLU A 110 3.54 -2.89 5.16
C GLU A 110 4.33 -3.71 4.14
N ALA A 111 5.00 -3.01 3.22
CA ALA A 111 5.79 -3.67 2.20
C ALA A 111 7.24 -3.18 2.21
N VAL A 112 8.10 -3.84 1.44
CA VAL A 112 9.50 -3.47 1.38
C VAL A 112 10.04 -3.65 -0.04
N LEU A 113 10.78 -2.65 -0.53
CA LEU A 113 11.35 -2.69 -1.86
C LEU A 113 12.81 -2.24 -1.84
N PHE A 114 13.67 -2.98 -2.53
CA PHE A 114 15.09 -2.65 -2.59
C PHE A 114 15.45 -2.09 -3.96
N VAL A 115 15.96 -0.86 -3.98
CA VAL A 115 16.35 -0.21 -5.22
C VAL A 115 17.83 -0.45 -5.52
N GLN A 116 18.16 -0.53 -6.80
CA GLN A 116 19.54 -0.75 -7.23
C GLN A 116 20.00 0.35 -8.17
N VAL A 117 20.97 1.15 -7.72
CA VAL A 117 21.50 2.24 -8.53
C VAL A 117 23.00 2.09 -8.73
N SER A 118 23.41 1.86 -9.96
CA SER A 118 24.83 1.70 -10.28
C SER A 118 25.57 3.03 -10.17
N GLY A 119 26.89 2.98 -10.32
CA GLY A 119 27.68 4.19 -10.23
C GLY A 119 28.67 4.32 -11.36
N PRO A 120 29.40 5.44 -11.40
CA PRO A 120 30.39 5.72 -12.45
C PRO A 120 31.62 4.81 -12.34
N SER A 121 31.49 3.58 -12.86
CA SER A 121 32.58 2.62 -12.82
C SER A 121 32.30 1.44 -13.74
N SER A 122 33.28 1.10 -14.58
CA SER A 122 33.13 0.00 -15.51
C SER A 122 33.81 -1.27 -14.97
N GLY A 123 33.06 -2.36 -14.95
CA GLY A 123 33.61 -3.61 -14.45
C GLY A 123 33.53 -4.72 -15.48
N GLY A 1 -60.72 38.79 36.97
CA GLY A 1 -59.89 39.36 35.92
C GLY A 1 -59.41 38.31 34.93
N SER A 2 -58.78 38.77 33.85
CA SER A 2 -58.28 37.87 32.82
C SER A 2 -57.21 38.56 31.98
N SER A 3 -56.47 37.76 31.20
CA SER A 3 -55.41 38.29 30.35
C SER A 3 -54.87 37.21 29.43
N GLY A 4 -54.14 37.63 28.40
CA GLY A 4 -53.57 36.67 27.47
C GLY A 4 -52.29 37.19 26.83
N SER A 5 -51.62 36.32 26.08
CA SER A 5 -50.37 36.70 25.41
C SER A 5 -50.27 36.03 24.05
N SER A 6 -49.93 36.82 23.03
CA SER A 6 -49.80 36.30 21.67
C SER A 6 -48.51 35.48 21.52
N GLY A 7 -48.66 34.17 21.49
CA GLY A 7 -47.51 33.29 21.35
C GLY A 7 -47.89 31.82 21.40
N CYS A 8 -47.08 30.98 20.77
CA CYS A 8 -47.33 29.55 20.75
C CYS A 8 -46.08 28.77 20.34
N GLU A 9 -45.71 27.80 21.16
CA GLU A 9 -44.52 26.99 20.88
C GLU A 9 -44.78 25.52 21.21
N GLY A 10 -44.00 24.63 20.60
CA GLY A 10 -44.16 23.22 20.83
C GLY A 10 -44.42 22.44 19.56
N GLY A 11 -43.93 21.21 19.50
CA GLY A 11 -44.13 20.38 18.32
C GLY A 11 -42.90 20.33 17.44
N VAL A 12 -41.85 19.67 17.93
CA VAL A 12 -40.61 19.55 17.17
C VAL A 12 -40.60 18.27 16.34
N ASP A 13 -39.91 18.32 15.20
CA ASP A 13 -39.82 17.16 14.32
C ASP A 13 -38.54 16.38 14.56
N MET A 14 -38.67 15.08 14.76
CA MET A 14 -37.53 14.21 15.01
C MET A 14 -37.38 13.18 13.91
N GLN A 15 -36.17 13.07 13.36
CA GLN A 15 -35.89 12.11 12.29
C GLN A 15 -34.69 11.24 12.64
N GLN A 16 -34.58 10.09 11.97
CA GLN A 16 -33.49 9.17 12.21
C GLN A 16 -32.14 9.86 12.00
N SER A 17 -31.14 9.44 12.77
CA SER A 17 -29.80 10.01 12.67
C SER A 17 -28.99 9.30 11.60
N GLN A 18 -28.92 7.98 11.69
CA GLN A 18 -28.17 7.19 10.71
C GLN A 18 -29.11 6.55 9.69
N VAL A 19 -29.00 7.01 8.44
CA VAL A 19 -29.83 6.49 7.37
C VAL A 19 -29.66 4.99 7.20
N GLN A 20 -28.43 4.52 7.41
CA GLN A 20 -28.12 3.10 7.28
C GLN A 20 -27.08 2.68 8.32
N LEU A 21 -26.91 1.36 8.47
CA LEU A 21 -25.95 0.83 9.43
C LEU A 21 -24.61 0.57 8.76
N GLN A 22 -23.55 0.46 9.56
CA GLN A 22 -22.21 0.20 9.05
C GLN A 22 -22.01 -1.29 8.78
N CYS A 23 -21.06 -1.60 7.90
CA CYS A 23 -20.77 -2.98 7.54
C CYS A 23 -19.29 -3.29 7.74
N PRO A 24 -19.00 -4.50 8.25
CA PRO A 24 -17.62 -4.95 8.49
C PRO A 24 -16.85 -5.19 7.20
N LEU A 25 -15.54 -4.99 7.25
CA LEU A 25 -14.69 -5.20 6.09
C LEU A 25 -13.40 -5.90 6.47
N THR A 26 -12.68 -6.40 5.47
CA THR A 26 -11.42 -7.10 5.70
C THR A 26 -10.24 -6.14 5.66
N PRO A 27 -9.18 -6.45 6.42
CA PRO A 27 -7.96 -5.63 6.48
C PRO A 27 -7.17 -5.68 5.19
N PRO A 28 -6.21 -4.76 5.05
CA PRO A 28 -5.35 -4.68 3.86
C PRO A 28 -4.38 -5.86 3.76
N ARG A 29 -4.61 -6.70 2.76
CA ARG A 29 -3.76 -7.87 2.55
C ARG A 29 -3.14 -7.85 1.15
N GLY A 30 -1.87 -8.22 1.07
CA GLY A 30 -1.17 -8.22 -0.21
C GLY A 30 -0.68 -6.85 -0.61
N LEU A 31 -0.31 -6.04 0.38
CA LEU A 31 0.18 -4.69 0.11
C LEU A 31 1.65 -4.71 -0.27
N GLN A 32 1.96 -4.25 -1.48
CA GLN A 32 3.33 -4.21 -1.96
C GLN A 32 3.50 -3.15 -3.04
N VAL A 33 4.71 -2.62 -3.16
CA VAL A 33 5.01 -1.60 -4.16
C VAL A 33 5.85 -2.16 -5.29
N SER A 34 5.89 -1.44 -6.41
CA SER A 34 6.65 -1.87 -7.57
C SER A 34 7.15 -0.66 -8.38
N ILE A 35 8.23 -0.86 -9.12
CA ILE A 35 8.81 0.20 -9.93
C ILE A 35 8.29 0.14 -11.37
N GLN A 36 7.69 1.22 -11.83
CA GLN A 36 7.16 1.29 -13.18
C GLN A 36 8.09 0.60 -14.16
N GLY A 37 7.83 -0.69 -14.42
CA GLY A 37 8.65 -1.45 -15.34
C GLY A 37 9.76 -2.22 -14.63
N GLU A 38 9.88 -3.50 -14.95
CA GLU A 38 10.90 -4.34 -14.34
C GLU A 38 12.29 -3.80 -14.63
N ALA A 39 12.94 -3.26 -13.60
CA ALA A 39 14.28 -2.71 -13.73
C ALA A 39 15.31 -3.59 -13.01
N VAL A 40 16.55 -3.53 -13.48
CA VAL A 40 17.63 -4.32 -12.89
C VAL A 40 18.71 -3.41 -12.31
N ALA A 41 19.27 -2.55 -13.17
CA ALA A 41 20.32 -1.63 -12.75
C ALA A 41 20.10 -0.24 -13.32
N VAL A 42 19.76 0.71 -12.46
CA VAL A 42 19.52 2.08 -12.89
C VAL A 42 20.77 2.94 -12.72
N ARG A 43 20.83 4.03 -13.48
CA ARG A 43 21.98 4.92 -13.43
C ARG A 43 21.81 5.94 -12.30
N PRO A 44 22.95 6.38 -11.72
CA PRO A 44 22.96 7.35 -10.63
C PRO A 44 22.55 8.75 -11.09
N GLY A 45 21.30 9.11 -10.83
CA GLY A 45 20.81 10.42 -11.21
C GLY A 45 19.55 10.34 -12.06
N GLU A 46 18.91 9.16 -12.04
CA GLU A 46 17.69 8.96 -12.81
C GLU A 46 16.47 8.88 -11.89
N ASP A 47 15.40 9.56 -12.27
CA ASP A 47 14.18 9.57 -11.47
C ASP A 47 13.45 8.23 -11.59
N VAL A 48 13.34 7.51 -10.48
CA VAL A 48 12.65 6.23 -10.46
C VAL A 48 11.20 6.37 -10.01
N LEU A 49 10.29 5.75 -10.75
CA LEU A 49 8.88 5.80 -10.41
C LEU A 49 8.47 4.60 -9.57
N PHE A 50 7.54 4.84 -8.64
CA PHE A 50 7.07 3.77 -7.76
C PHE A 50 5.54 3.72 -7.76
N VAL A 51 4.99 2.64 -8.31
CA VAL A 51 3.54 2.47 -8.36
C VAL A 51 3.03 1.65 -7.19
N VAL A 52 1.85 1.98 -6.70
CA VAL A 52 1.25 1.27 -5.57
C VAL A 52 -0.11 0.69 -5.95
N ARG A 53 -0.37 -0.53 -5.50
CA ARG A 53 -1.64 -1.20 -5.78
C ARG A 53 -1.91 -2.30 -4.76
N GLN A 54 -3.16 -2.41 -4.33
CA GLN A 54 -3.56 -3.42 -3.36
C GLN A 54 -4.33 -4.55 -4.03
N GLU A 55 -3.97 -5.78 -3.71
CA GLU A 55 -4.63 -6.95 -4.29
C GLU A 55 -6.08 -7.03 -3.82
N GLN A 56 -6.31 -6.71 -2.56
CA GLN A 56 -7.66 -6.75 -1.99
C GLN A 56 -8.39 -5.44 -2.25
N GLY A 57 -7.65 -4.42 -2.67
CA GLY A 57 -8.25 -3.13 -2.95
C GLY A 57 -8.74 -2.43 -1.69
N ASP A 58 -8.47 -1.13 -1.59
CA ASP A 58 -8.88 -0.36 -0.43
C ASP A 58 -9.99 0.62 -0.80
N VAL A 59 -9.84 1.26 -1.95
CA VAL A 59 -10.83 2.23 -2.42
C VAL A 59 -11.49 2.96 -1.26
N LEU A 60 -10.71 3.22 -0.21
CA LEU A 60 -11.21 3.90 0.96
C LEU A 60 -10.11 4.74 1.62
N THR A 61 -10.50 5.63 2.53
CA THR A 61 -9.56 6.48 3.23
C THR A 61 -8.49 5.64 3.95
N THR A 62 -7.30 5.58 3.36
CA THR A 62 -6.20 4.81 3.93
C THR A 62 -4.91 5.62 3.92
N LYS A 63 -4.36 5.85 5.10
CA LYS A 63 -3.12 6.60 5.23
C LYS A 63 -1.91 5.73 4.92
N TYR A 64 -1.13 6.14 3.92
CA TYR A 64 0.06 5.39 3.52
C TYR A 64 1.32 6.20 3.76
N GLN A 65 2.37 5.53 4.23
CA GLN A 65 3.65 6.19 4.51
C GLN A 65 4.69 5.80 3.47
N VAL A 66 5.63 6.70 3.22
CA VAL A 66 6.68 6.45 2.24
C VAL A 66 8.05 6.84 2.81
N ASP A 67 8.96 5.87 2.85
CA ASP A 67 10.30 6.10 3.36
C ASP A 67 11.36 5.76 2.31
N LEU A 68 12.01 6.79 1.79
CA LEU A 68 13.04 6.61 0.77
C LEU A 68 14.27 5.95 1.37
N GLY A 69 14.58 6.28 2.62
CA GLY A 69 15.73 5.69 3.28
C GLY A 69 16.89 6.67 3.39
N ASP A 70 17.09 7.46 2.34
CA ASP A 70 18.17 8.44 2.31
C ASP A 70 17.93 9.54 3.34
N GLY A 71 16.92 10.37 3.09
CA GLY A 71 16.61 11.45 4.00
C GLY A 71 15.31 12.15 3.65
N PHE A 72 14.35 11.39 3.12
CA PHE A 72 13.06 11.93 2.74
C PHE A 72 11.93 11.29 3.54
N LYS A 73 11.01 12.11 4.03
CA LYS A 73 9.89 11.61 4.81
C LYS A 73 8.61 12.37 4.45
N ALA A 74 7.73 11.71 3.69
CA ALA A 74 6.47 12.32 3.29
C ALA A 74 5.28 11.46 3.72
N MET A 75 4.08 12.00 3.57
CA MET A 75 2.86 11.29 3.94
C MET A 75 1.81 11.40 2.85
N TYR A 76 1.50 10.27 2.21
CA TYR A 76 0.50 10.25 1.15
C TYR A 76 -0.71 9.41 1.55
N VAL A 77 -1.87 10.06 1.61
CA VAL A 77 -3.11 9.38 1.97
C VAL A 77 -3.90 8.98 0.74
N ASN A 78 -4.69 7.92 0.87
CA ASN A 78 -5.51 7.44 -0.24
C ASN A 78 -4.69 7.37 -1.53
N LEU A 79 -3.47 6.88 -1.42
CA LEU A 79 -2.59 6.77 -2.58
C LEU A 79 -3.28 6.04 -3.73
N THR A 80 -3.78 4.84 -3.43
CA THR A 80 -4.47 4.03 -4.44
C THR A 80 -5.61 4.81 -5.06
N LEU A 81 -6.02 5.89 -4.42
CA LEU A 81 -7.11 6.73 -4.92
C LEU A 81 -6.60 7.75 -5.93
N THR A 82 -5.50 8.42 -5.59
CA THR A 82 -4.91 9.42 -6.46
C THR A 82 -4.26 8.76 -7.68
N GLY A 83 -4.05 7.46 -7.60
CA GLY A 83 -3.43 6.73 -8.70
C GLY A 83 -2.26 7.49 -9.30
N GLU A 84 -1.48 8.15 -8.44
CA GLU A 84 -0.32 8.91 -8.90
C GLU A 84 0.98 8.23 -8.49
N PRO A 85 1.91 8.10 -9.44
CA PRO A 85 3.20 7.47 -9.19
C PRO A 85 4.10 8.32 -8.31
N ILE A 86 5.00 7.66 -7.57
CA ILE A 86 5.91 8.36 -6.67
C ILE A 86 7.23 8.66 -7.37
N ARG A 87 7.42 9.91 -7.77
CA ARG A 87 8.63 10.33 -8.44
C ARG A 87 9.74 10.62 -7.44
N HIS A 88 10.95 10.14 -7.74
CA HIS A 88 12.09 10.35 -6.86
C HIS A 88 13.40 10.11 -7.60
N ARG A 89 14.34 11.03 -7.44
CA ARG A 89 15.64 10.92 -8.10
C ARG A 89 16.76 10.78 -7.08
N TYR A 90 17.80 10.04 -7.43
CA TYR A 90 18.94 9.83 -6.54
C TYR A 90 20.12 10.69 -6.96
N GLU A 91 21.05 10.89 -6.04
CA GLU A 91 22.24 11.70 -6.31
C GLU A 91 23.49 10.82 -6.36
N SER A 92 23.70 10.04 -5.31
CA SER A 92 24.86 9.16 -5.25
C SER A 92 24.44 7.69 -5.35
N PRO A 93 25.34 6.86 -5.90
CA PRO A 93 25.09 5.42 -6.08
C PRO A 93 25.05 4.67 -4.75
N GLY A 94 24.36 3.54 -4.74
CA GLY A 94 24.26 2.74 -3.53
C GLY A 94 22.88 2.13 -3.35
N ILE A 95 22.85 0.93 -2.78
CA ILE A 95 21.59 0.24 -2.56
C ILE A 95 20.68 1.02 -1.61
N TYR A 96 19.51 1.39 -2.10
CA TYR A 96 18.55 2.14 -1.30
C TYR A 96 17.50 1.22 -0.69
N ARG A 97 16.85 1.69 0.36
CA ARG A 97 15.82 0.92 1.05
C ARG A 97 14.49 1.66 1.05
N VAL A 98 13.57 1.20 0.20
CA VAL A 98 12.25 1.82 0.10
C VAL A 98 11.20 1.01 0.86
N SER A 99 10.29 1.71 1.53
CA SER A 99 9.24 1.05 2.29
C SER A 99 7.90 1.77 2.10
N VAL A 100 6.82 1.08 2.42
CA VAL A 100 5.48 1.64 2.29
C VAL A 100 4.57 1.16 3.41
N ARG A 101 4.19 2.07 4.30
CA ARG A 101 3.31 1.73 5.41
C ARG A 101 1.86 2.01 5.07
N ALA A 102 0.94 1.36 5.78
CA ALA A 102 -0.48 1.54 5.56
C ALA A 102 -1.30 1.12 6.77
N GLU A 103 -2.27 1.95 7.14
CA GLU A 103 -3.11 1.66 8.29
C GLU A 103 -4.50 2.28 8.12
N ASN A 104 -5.50 1.43 7.89
CA ASN A 104 -6.87 1.89 7.70
C ASN A 104 -7.76 1.41 8.83
N THR A 105 -8.98 1.96 8.89
CA THR A 105 -9.94 1.57 9.93
C THR A 105 -9.97 0.07 10.11
N ALA A 106 -9.98 -0.67 9.01
CA ALA A 106 -10.01 -2.12 9.05
C ALA A 106 -8.76 -2.68 9.71
N GLY A 107 -7.64 -2.60 9.00
CA GLY A 107 -6.38 -3.10 9.54
C GLY A 107 -5.19 -2.28 9.08
N HIS A 108 -4.04 -2.93 8.95
CA HIS A 108 -2.82 -2.26 8.53
C HIS A 108 -1.89 -3.22 7.80
N ASP A 109 -1.08 -2.68 6.90
CA ASP A 109 -0.14 -3.50 6.13
C ASP A 109 1.14 -2.72 5.81
N GLU A 110 2.18 -3.43 5.41
CA GLU A 110 3.45 -2.80 5.07
C GLU A 110 4.24 -3.65 4.08
N ALA A 111 5.06 -2.99 3.27
CA ALA A 111 5.87 -3.68 2.28
C ALA A 111 7.31 -3.16 2.28
N VAL A 112 8.19 -3.85 1.57
CA VAL A 112 9.58 -3.47 1.47
C VAL A 112 10.14 -3.70 0.07
N LEU A 113 10.88 -2.71 -0.43
CA LEU A 113 11.47 -2.81 -1.77
C LEU A 113 12.89 -2.25 -1.77
N PHE A 114 13.82 -3.01 -2.33
CA PHE A 114 15.20 -2.58 -2.41
C PHE A 114 15.55 -2.12 -3.82
N VAL A 115 16.25 -0.99 -3.91
CA VAL A 115 16.65 -0.43 -5.19
C VAL A 115 18.16 -0.46 -5.37
N GLN A 116 18.62 -1.00 -6.50
CA GLN A 116 20.04 -1.10 -6.78
C GLN A 116 20.44 -0.12 -7.89
N VAL A 117 21.36 0.78 -7.57
CA VAL A 117 21.83 1.77 -8.53
C VAL A 117 23.33 1.68 -8.72
N SER A 118 23.76 1.21 -9.88
CA SER A 118 25.18 1.08 -10.19
C SER A 118 25.89 2.41 -10.08
N GLY A 119 27.22 2.37 -10.12
CA GLY A 119 27.99 3.60 -10.02
C GLY A 119 29.39 3.45 -10.60
N PRO A 120 30.17 4.54 -10.59
CA PRO A 120 31.52 4.55 -11.13
C PRO A 120 32.49 3.74 -10.27
N SER A 121 32.21 3.67 -8.98
CA SER A 121 33.06 2.93 -8.05
C SER A 121 33.27 1.51 -8.53
N SER A 122 34.54 1.10 -8.60
CA SER A 122 34.89 -0.24 -9.05
C SER A 122 34.25 -1.30 -8.16
N GLY A 123 34.09 -2.51 -8.70
CA GLY A 123 33.50 -3.59 -7.94
C GLY A 123 32.20 -3.18 -7.28
N GLY A 1 -19.76 -11.20 79.70
CA GLY A 1 -20.20 -11.01 78.32
C GLY A 1 -19.42 -11.86 77.34
N SER A 2 -19.98 -12.05 76.15
CA SER A 2 -19.34 -12.85 75.12
C SER A 2 -20.03 -12.67 73.77
N SER A 3 -19.24 -12.68 72.70
CA SER A 3 -19.77 -12.51 71.35
C SER A 3 -18.73 -12.90 70.31
N GLY A 4 -19.17 -13.00 69.06
CA GLY A 4 -18.27 -13.37 67.98
C GLY A 4 -18.99 -13.58 66.67
N SER A 5 -18.37 -13.13 65.58
CA SER A 5 -18.97 -13.26 64.25
C SER A 5 -17.93 -13.03 63.16
N SER A 6 -18.17 -13.59 61.99
CA SER A 6 -17.25 -13.45 60.86
C SER A 6 -17.98 -13.67 59.54
N GLY A 7 -17.28 -13.38 58.44
CA GLY A 7 -17.88 -13.55 57.12
C GLY A 7 -17.01 -12.98 56.02
N CYS A 8 -16.04 -13.77 55.57
CA CYS A 8 -15.13 -13.34 54.51
C CYS A 8 -15.84 -13.31 53.17
N GLU A 9 -16.22 -12.11 52.73
CA GLU A 9 -16.92 -11.95 51.46
C GLU A 9 -16.20 -10.92 50.58
N GLY A 10 -16.55 -10.91 49.29
CA GLY A 10 -15.93 -9.99 48.37
C GLY A 10 -14.95 -10.66 47.43
N GLY A 11 -14.81 -10.12 46.23
CA GLY A 11 -13.90 -10.69 45.25
C GLY A 11 -14.62 -11.31 44.08
N VAL A 12 -14.91 -10.50 43.07
CA VAL A 12 -15.60 -10.97 41.87
C VAL A 12 -14.89 -10.52 40.61
N ASP A 13 -13.96 -11.33 40.12
CA ASP A 13 -13.22 -11.02 38.92
C ASP A 13 -13.31 -12.15 37.91
N MET A 14 -14.05 -11.91 36.82
CA MET A 14 -14.23 -12.92 35.78
C MET A 14 -12.91 -13.18 35.06
N GLN A 15 -12.28 -12.10 34.60
CA GLN A 15 -11.00 -12.22 33.88
C GLN A 15 -10.98 -13.47 33.01
N GLN A 16 -12.10 -13.74 32.34
CA GLN A 16 -12.19 -14.90 31.47
C GLN A 16 -11.80 -14.55 30.04
N SER A 17 -12.31 -13.42 29.55
CA SER A 17 -12.02 -12.98 28.20
C SER A 17 -12.47 -11.54 27.98
N GLN A 18 -11.70 -10.78 27.22
CA GLN A 18 -12.02 -9.39 26.94
C GLN A 18 -12.66 -9.24 25.56
N VAL A 19 -13.49 -10.21 25.20
CA VAL A 19 -14.17 -10.18 23.90
C VAL A 19 -14.60 -8.77 23.53
N GLN A 20 -14.52 -8.46 22.24
CA GLN A 20 -14.91 -7.13 21.75
C GLN A 20 -15.74 -7.24 20.48
N LEU A 21 -16.46 -6.18 20.15
CA LEU A 21 -17.31 -6.17 18.96
C LEU A 21 -16.46 -6.17 17.70
N GLN A 22 -16.63 -7.21 16.87
CA GLN A 22 -15.87 -7.32 15.64
C GLN A 22 -16.75 -6.96 14.44
N CYS A 23 -16.40 -5.86 13.78
CA CYS A 23 -17.15 -5.39 12.61
C CYS A 23 -16.70 -6.11 11.35
N PRO A 24 -17.64 -6.35 10.43
CA PRO A 24 -17.37 -7.03 9.16
C PRO A 24 -16.50 -6.20 8.23
N LEU A 25 -15.19 -6.38 8.31
CA LEU A 25 -14.25 -5.64 7.47
C LEU A 25 -12.90 -6.35 7.42
N THR A 26 -12.11 -6.01 6.40
CA THR A 26 -10.79 -6.60 6.24
C THR A 26 -9.72 -5.53 6.01
N PRO A 27 -8.53 -5.76 6.56
CA PRO A 27 -7.41 -4.82 6.43
C PRO A 27 -6.85 -4.78 5.00
N PRO A 28 -5.99 -3.78 4.74
CA PRO A 28 -5.38 -3.61 3.41
C PRO A 28 -4.36 -4.71 3.09
N ARG A 29 -4.81 -5.73 2.40
CA ARG A 29 -3.94 -6.85 2.03
C ARG A 29 -3.35 -6.64 0.64
N GLY A 30 -2.38 -7.47 0.28
CA GLY A 30 -1.76 -7.37 -1.03
C GLY A 30 -1.06 -6.05 -1.23
N LEU A 31 -0.91 -5.29 -0.15
CA LEU A 31 -0.25 -3.98 -0.21
C LEU A 31 1.22 -4.14 -0.54
N GLN A 32 1.61 -3.69 -1.73
CA GLN A 32 3.00 -3.77 -2.17
C GLN A 32 3.33 -2.65 -3.15
N VAL A 33 4.61 -2.28 -3.21
CA VAL A 33 5.06 -1.23 -4.11
C VAL A 33 5.81 -1.80 -5.30
N SER A 34 5.80 -1.06 -6.41
CA SER A 34 6.47 -1.50 -7.62
C SER A 34 7.14 -0.33 -8.33
N ILE A 35 8.04 -0.64 -9.25
CA ILE A 35 8.76 0.39 -10.00
C ILE A 35 8.28 0.45 -11.44
N GLN A 36 7.74 1.60 -11.84
CA GLN A 36 7.24 1.78 -13.20
C GLN A 36 8.12 1.03 -14.20
N GLY A 37 7.69 -0.17 -14.58
CA GLY A 37 8.45 -0.97 -15.53
C GLY A 37 9.53 -1.79 -14.85
N GLU A 38 9.59 -3.07 -15.19
CA GLU A 38 10.59 -3.97 -14.61
C GLU A 38 11.99 -3.54 -15.01
N ALA A 39 12.74 -3.02 -14.03
CA ALA A 39 14.10 -2.56 -14.28
C ALA A 39 15.12 -3.49 -13.59
N VAL A 40 16.34 -3.47 -14.09
CA VAL A 40 17.41 -4.30 -13.53
C VAL A 40 18.43 -3.45 -12.79
N ALA A 41 19.04 -2.52 -13.50
CA ALA A 41 20.05 -1.64 -12.92
C ALA A 41 19.84 -0.19 -13.36
N VAL A 42 19.55 0.69 -12.41
CA VAL A 42 19.34 2.10 -12.71
C VAL A 42 20.59 2.92 -12.44
N ARG A 43 20.71 4.05 -13.13
CA ARG A 43 21.87 4.92 -12.96
C ARG A 43 21.65 5.90 -11.82
N PRO A 44 22.75 6.35 -11.20
CA PRO A 44 22.70 7.30 -10.08
C PRO A 44 22.27 8.69 -10.52
N GLY A 45 21.04 9.06 -10.18
CA GLY A 45 20.53 10.37 -10.55
C GLY A 45 19.41 10.28 -11.58
N GLU A 46 18.57 9.26 -11.46
CA GLU A 46 17.46 9.07 -12.39
C GLU A 46 16.14 9.05 -11.64
N ASP A 47 15.26 10.01 -11.98
CA ASP A 47 13.96 10.10 -11.34
C ASP A 47 13.17 8.81 -11.52
N VAL A 48 13.37 7.87 -10.61
CA VAL A 48 12.67 6.59 -10.67
C VAL A 48 11.23 6.72 -10.20
N LEU A 49 10.32 6.03 -10.90
CA LEU A 49 8.90 6.08 -10.56
C LEU A 49 8.49 4.85 -9.78
N PHE A 50 7.50 5.01 -8.90
CA PHE A 50 7.01 3.89 -8.10
C PHE A 50 5.48 3.81 -8.15
N VAL A 51 4.97 2.76 -8.77
CA VAL A 51 3.53 2.56 -8.89
C VAL A 51 2.98 1.84 -7.67
N VAL A 52 1.85 2.33 -7.16
CA VAL A 52 1.21 1.73 -6.00
C VAL A 52 -0.20 1.26 -6.32
N ARG A 53 -0.53 0.05 -5.87
CA ARG A 53 -1.85 -0.52 -6.12
C ARG A 53 -2.18 -1.60 -5.09
N GLN A 54 -3.46 -1.71 -4.74
CA GLN A 54 -3.90 -2.70 -3.77
C GLN A 54 -4.64 -3.84 -4.46
N GLU A 55 -4.31 -5.08 -4.08
CA GLU A 55 -4.94 -6.25 -4.67
C GLU A 55 -6.36 -6.43 -4.13
N GLN A 56 -6.50 -6.43 -2.81
CA GLN A 56 -7.80 -6.59 -2.18
C GLN A 56 -8.22 -5.30 -1.48
N GLY A 57 -7.52 -4.21 -1.79
CA GLY A 57 -7.84 -2.93 -1.18
C GLY A 57 -9.32 -2.60 -1.27
N ASP A 58 -10.08 -3.06 -0.29
CA ASP A 58 -11.53 -2.81 -0.26
C ASP A 58 -11.99 -2.38 1.13
N VAL A 59 -11.67 -1.15 1.49
CA VAL A 59 -12.03 -0.61 2.80
C VAL A 59 -11.72 0.88 2.89
N LEU A 60 -12.29 1.54 3.90
CA LEU A 60 -12.07 2.96 4.10
C LEU A 60 -10.63 3.34 3.77
N THR A 61 -10.46 4.54 3.21
CA THR A 61 -9.13 5.02 2.84
C THR A 61 -8.13 4.78 3.97
N THR A 62 -6.87 4.57 3.59
CA THR A 62 -5.82 4.34 4.57
C THR A 62 -4.59 5.20 4.27
N LYS A 63 -3.91 5.61 5.33
CA LYS A 63 -2.71 6.44 5.20
C LYS A 63 -1.48 5.59 4.91
N TYR A 64 -0.73 5.95 3.88
CA TYR A 64 0.46 5.20 3.50
C TYR A 64 1.71 6.08 3.69
N GLN A 65 2.60 5.64 4.58
CA GLN A 65 3.83 6.37 4.85
C GLN A 65 4.98 5.85 4.00
N VAL A 66 5.41 6.64 3.03
CA VAL A 66 6.50 6.24 2.15
C VAL A 66 7.85 6.67 2.72
N ASP A 67 8.72 5.69 2.93
CA ASP A 67 10.05 5.96 3.47
C ASP A 67 11.13 5.56 2.48
N LEU A 68 11.80 6.57 1.92
CA LEU A 68 12.87 6.33 0.95
C LEU A 68 14.10 5.75 1.62
N GLY A 69 14.49 6.34 2.74
CA GLY A 69 15.65 5.87 3.48
C GLY A 69 16.80 6.85 3.43
N ASP A 70 16.99 7.50 2.28
CA ASP A 70 18.05 8.47 2.12
C ASP A 70 17.80 9.72 2.95
N GLY A 71 16.71 10.43 2.62
CA GLY A 71 16.38 11.63 3.35
C GLY A 71 15.08 12.25 2.87
N PHE A 72 14.17 11.41 2.38
CA PHE A 72 12.89 11.89 1.89
C PHE A 72 11.74 11.26 2.67
N LYS A 73 10.86 12.09 3.20
CA LYS A 73 9.71 11.62 3.97
C LYS A 73 8.44 12.36 3.57
N ALA A 74 7.53 11.65 2.89
CA ALA A 74 6.28 12.25 2.46
C ALA A 74 5.09 11.37 2.85
N MET A 75 3.93 11.99 2.99
CA MET A 75 2.72 11.27 3.37
C MET A 75 1.60 11.53 2.36
N TYR A 76 1.05 10.45 1.80
CA TYR A 76 -0.02 10.55 0.83
C TYR A 76 -1.23 9.73 1.26
N VAL A 77 -2.43 10.28 1.00
CA VAL A 77 -3.67 9.60 1.36
C VAL A 77 -4.29 8.92 0.15
N ASN A 78 -5.05 7.86 0.41
CA ASN A 78 -5.71 7.11 -0.65
C ASN A 78 -4.84 7.07 -1.91
N LEU A 79 -3.53 6.96 -1.72
CA LEU A 79 -2.59 6.91 -2.84
C LEU A 79 -3.15 6.08 -3.98
N THR A 80 -3.81 4.97 -3.63
CA THR A 80 -4.39 4.09 -4.63
C THR A 80 -5.38 4.83 -5.53
N LEU A 81 -6.27 5.61 -4.90
CA LEU A 81 -7.27 6.38 -5.64
C LEU A 81 -6.60 7.31 -6.64
N THR A 82 -5.66 8.12 -6.15
CA THR A 82 -4.95 9.07 -7.00
C THR A 82 -4.20 8.35 -8.13
N GLY A 83 -3.86 7.09 -7.88
CA GLY A 83 -3.14 6.31 -8.87
C GLY A 83 -1.92 7.04 -9.41
N GLU A 84 -1.44 8.02 -8.66
CA GLU A 84 -0.28 8.79 -9.07
C GLU A 84 1.01 8.14 -8.59
N PRO A 85 2.00 8.04 -9.49
CA PRO A 85 3.31 7.44 -9.17
C PRO A 85 4.12 8.29 -8.21
N ILE A 86 5.23 7.75 -7.75
CA ILE A 86 6.11 8.45 -6.82
C ILE A 86 7.48 8.69 -7.43
N ARG A 87 7.70 9.91 -7.90
CA ARG A 87 8.98 10.27 -8.52
C ARG A 87 10.02 10.61 -7.44
N HIS A 88 11.26 10.17 -7.67
CA HIS A 88 12.34 10.43 -6.73
C HIS A 88 13.70 10.22 -7.40
N ARG A 89 14.66 11.08 -7.06
CA ARG A 89 15.99 10.99 -7.63
C ARG A 89 17.03 10.79 -6.53
N TYR A 90 18.13 10.11 -6.88
CA TYR A 90 19.20 9.84 -5.92
C TYR A 90 20.45 10.61 -6.27
N GLU A 91 21.37 10.75 -5.31
CA GLU A 91 22.61 11.47 -5.53
C GLU A 91 23.77 10.50 -5.72
N SER A 92 23.98 9.62 -4.74
CA SER A 92 25.06 8.65 -4.81
C SER A 92 24.51 7.24 -5.03
N PRO A 93 25.31 6.40 -5.71
CA PRO A 93 24.93 5.03 -6.01
C PRO A 93 24.91 4.14 -4.76
N GLY A 94 24.23 3.01 -4.86
CA GLY A 94 24.15 2.10 -3.72
C GLY A 94 22.73 1.64 -3.45
N ILE A 95 22.58 0.37 -3.08
CA ILE A 95 21.26 -0.18 -2.79
C ILE A 95 20.52 0.67 -1.78
N TYR A 96 19.25 0.96 -2.08
CA TYR A 96 18.42 1.77 -1.20
C TYR A 96 17.35 0.92 -0.53
N ARG A 97 16.87 1.39 0.62
CA ARG A 97 15.82 0.68 1.36
C ARG A 97 14.52 1.46 1.34
N VAL A 98 13.51 0.91 0.68
CA VAL A 98 12.20 1.55 0.59
C VAL A 98 11.12 0.69 1.24
N SER A 99 10.32 1.30 2.11
CA SER A 99 9.25 0.60 2.79
C SER A 99 8.00 1.47 2.90
N VAL A 100 6.83 0.85 2.78
CA VAL A 100 5.56 1.57 2.87
C VAL A 100 4.74 1.09 4.05
N ARG A 101 4.46 1.98 4.99
CA ARG A 101 3.67 1.65 6.17
C ARG A 101 2.19 1.94 5.94
N ALA A 102 1.33 1.16 6.58
CA ALA A 102 -0.11 1.34 6.44
C ALA A 102 -0.84 0.80 7.68
N GLU A 103 -1.79 1.60 8.18
CA GLU A 103 -2.55 1.22 9.35
C GLU A 103 -3.93 1.87 9.34
N ASN A 104 -4.97 1.06 9.15
CA ASN A 104 -6.34 1.56 9.11
C ASN A 104 -7.14 1.02 10.28
N THR A 105 -8.38 1.51 10.43
CA THR A 105 -9.25 1.08 11.50
C THR A 105 -9.24 -0.44 11.65
N ALA A 106 -9.34 -1.14 10.52
CA ALA A 106 -9.34 -2.59 10.53
C ALA A 106 -8.03 -3.14 11.09
N GLY A 107 -6.97 -3.04 10.30
CA GLY A 107 -5.67 -3.53 10.73
C GLY A 107 -4.53 -2.67 10.23
N HIS A 108 -3.46 -3.33 9.77
CA HIS A 108 -2.29 -2.61 9.26
C HIS A 108 -1.49 -3.50 8.32
N ASP A 109 -0.84 -2.88 7.33
CA ASP A 109 -0.04 -3.61 6.36
C ASP A 109 1.14 -2.78 5.90
N GLU A 110 2.29 -3.43 5.70
CA GLU A 110 3.49 -2.75 5.25
C GLU A 110 4.26 -3.60 4.25
N ALA A 111 4.87 -2.94 3.26
CA ALA A 111 5.64 -3.63 2.24
C ALA A 111 7.08 -3.14 2.20
N VAL A 112 7.97 -3.98 1.69
CA VAL A 112 9.38 -3.63 1.60
C VAL A 112 9.92 -3.86 0.19
N LEU A 113 10.83 -3.00 -0.24
CA LEU A 113 11.42 -3.10 -1.56
C LEU A 113 12.84 -2.53 -1.57
N PHE A 114 13.71 -3.16 -2.36
CA PHE A 114 15.10 -2.72 -2.46
C PHE A 114 15.44 -2.30 -3.89
N VAL A 115 16.05 -1.13 -4.01
CA VAL A 115 16.44 -0.61 -5.32
C VAL A 115 17.93 -0.71 -5.55
N GLN A 116 18.32 -1.31 -6.67
CA GLN A 116 19.73 -1.49 -7.01
C GLN A 116 20.17 -0.44 -8.03
N VAL A 117 20.99 0.51 -7.58
CA VAL A 117 21.49 1.56 -8.45
C VAL A 117 23.00 1.46 -8.62
N SER A 118 23.43 0.93 -9.77
CA SER A 118 24.85 0.78 -10.06
C SER A 118 25.43 2.07 -10.63
N GLY A 119 26.68 2.36 -10.28
CA GLY A 119 27.33 3.56 -10.75
C GLY A 119 27.62 3.51 -12.24
N PRO A 120 28.35 4.51 -12.74
CA PRO A 120 28.71 4.61 -14.16
C PRO A 120 29.71 3.54 -14.57
N SER A 121 29.78 3.25 -15.87
CA SER A 121 30.70 2.25 -16.40
C SER A 121 31.77 2.90 -17.27
N SER A 122 32.83 2.15 -17.56
CA SER A 122 33.92 2.65 -18.38
C SER A 122 34.41 1.57 -19.35
N GLY A 123 35.15 1.99 -20.37
CA GLY A 123 35.66 1.06 -21.35
C GLY A 123 36.71 1.68 -22.25
N GLY A 1 -41.14 -52.22 44.19
CA GLY A 1 -40.34 -52.45 43.01
C GLY A 1 -41.06 -52.06 41.73
N SER A 2 -40.36 -52.14 40.60
CA SER A 2 -40.94 -51.78 39.31
C SER A 2 -40.02 -52.19 38.17
N SER A 3 -40.51 -52.04 36.95
CA SER A 3 -39.72 -52.38 35.76
C SER A 3 -40.04 -51.45 34.60
N GLY A 4 -39.26 -51.56 33.52
CA GLY A 4 -39.48 -50.71 32.37
C GLY A 4 -39.09 -51.40 31.07
N SER A 5 -39.00 -50.62 30.00
CA SER A 5 -38.63 -51.16 28.69
C SER A 5 -37.43 -50.42 28.12
N SER A 6 -36.70 -51.09 27.23
CA SER A 6 -35.52 -50.50 26.61
C SER A 6 -35.92 -49.49 25.54
N GLY A 7 -34.93 -48.78 25.01
CA GLY A 7 -35.19 -47.79 23.98
C GLY A 7 -34.18 -46.66 23.99
N CYS A 8 -33.82 -46.19 22.79
CA CYS A 8 -32.85 -45.12 22.66
C CYS A 8 -32.79 -44.62 21.22
N GLU A 9 -32.18 -43.45 21.03
CA GLU A 9 -32.06 -42.86 19.70
C GLU A 9 -30.82 -41.98 19.61
N GLY A 10 -30.07 -42.14 18.52
CA GLY A 10 -28.87 -41.35 18.32
C GLY A 10 -28.98 -40.40 17.15
N GLY A 11 -27.98 -39.53 17.00
CA GLY A 11 -27.98 -38.57 15.92
C GLY A 11 -29.23 -37.70 15.92
N VAL A 12 -29.09 -36.46 16.40
CA VAL A 12 -30.20 -35.53 16.46
C VAL A 12 -30.17 -34.56 15.28
N ASP A 13 -31.05 -34.78 14.31
CA ASP A 13 -31.12 -33.91 13.14
C ASP A 13 -31.06 -32.44 13.54
N MET A 14 -30.40 -31.64 12.72
CA MET A 14 -30.26 -30.21 12.99
C MET A 14 -29.56 -29.50 11.84
N GLN A 15 -30.02 -28.29 11.52
CA GLN A 15 -29.44 -27.51 10.44
C GLN A 15 -29.74 -26.03 10.62
N GLN A 16 -28.69 -25.21 10.54
CA GLN A 16 -28.85 -23.76 10.68
C GLN A 16 -27.86 -23.01 9.80
N SER A 17 -28.34 -21.98 9.12
CA SER A 17 -27.49 -21.19 8.24
C SER A 17 -28.08 -19.79 8.04
N GLN A 18 -27.41 -18.78 8.61
CA GLN A 18 -27.85 -17.40 8.49
C GLN A 18 -26.79 -16.53 7.84
N VAL A 19 -26.80 -16.50 6.51
CA VAL A 19 -25.83 -15.71 5.77
C VAL A 19 -26.20 -14.23 5.78
N GLN A 20 -25.43 -13.44 6.51
CA GLN A 20 -25.68 -12.00 6.61
C GLN A 20 -25.91 -11.40 5.23
N LEU A 21 -26.66 -10.31 5.19
CA LEU A 21 -26.95 -9.62 3.93
C LEU A 21 -25.77 -8.75 3.50
N GLN A 22 -25.41 -7.80 4.37
CA GLN A 22 -24.31 -6.89 4.09
C GLN A 22 -23.11 -7.20 4.98
N CYS A 23 -21.93 -6.79 4.54
CA CYS A 23 -20.70 -7.02 5.30
C CYS A 23 -19.95 -5.72 5.55
N PRO A 24 -19.23 -5.66 6.68
CA PRO A 24 -18.46 -4.47 7.06
C PRO A 24 -17.26 -4.24 6.16
N LEU A 25 -16.44 -3.26 6.51
CA LEU A 25 -15.25 -2.93 5.73
C LEU A 25 -14.25 -4.08 5.76
N THR A 26 -13.14 -3.91 5.04
CA THR A 26 -12.10 -4.93 4.99
C THR A 26 -10.72 -4.32 5.10
N PRO A 27 -9.80 -5.02 5.78
CA PRO A 27 -8.42 -4.56 5.97
C PRO A 27 -7.62 -4.59 4.68
N PRO A 28 -6.44 -3.94 4.69
CA PRO A 28 -5.56 -3.88 3.52
C PRO A 28 -4.92 -5.23 3.23
N ARG A 29 -5.19 -5.76 2.04
CA ARG A 29 -4.64 -7.05 1.63
C ARG A 29 -3.91 -6.93 0.29
N GLY A 30 -2.79 -7.62 0.17
CA GLY A 30 -2.03 -7.58 -1.06
C GLY A 30 -1.47 -6.19 -1.35
N LEU A 31 -1.01 -5.52 -0.31
CA LEU A 31 -0.46 -4.17 -0.46
C LEU A 31 1.05 -4.22 -0.63
N GLN A 32 1.52 -3.82 -1.81
CA GLN A 32 2.96 -3.82 -2.09
C GLN A 32 3.29 -2.76 -3.14
N VAL A 33 4.54 -2.30 -3.13
CA VAL A 33 5.00 -1.30 -4.07
C VAL A 33 5.82 -1.92 -5.20
N SER A 34 5.77 -1.31 -6.37
CA SER A 34 6.50 -1.81 -7.53
C SER A 34 7.01 -0.66 -8.40
N ILE A 35 8.20 -0.82 -8.96
CA ILE A 35 8.79 0.20 -9.81
C ILE A 35 8.22 0.14 -11.22
N GLN A 36 7.65 1.25 -11.68
CA GLN A 36 7.07 1.32 -13.01
C GLN A 36 7.87 0.47 -13.99
N GLY A 37 7.36 -0.72 -14.28
CA GLY A 37 8.04 -1.61 -15.21
C GLY A 37 9.17 -2.37 -14.56
N GLU A 38 9.26 -3.67 -14.84
CA GLU A 38 10.31 -4.50 -14.26
C GLU A 38 11.68 -3.95 -14.61
N ALA A 39 12.35 -3.39 -13.61
CA ALA A 39 13.69 -2.83 -13.80
C ALA A 39 14.75 -3.68 -13.11
N VAL A 40 16.01 -3.44 -13.46
CA VAL A 40 17.12 -4.18 -12.87
C VAL A 40 18.04 -3.26 -12.08
N ALA A 41 18.48 -2.18 -12.72
CA ALA A 41 19.36 -1.22 -12.08
C ALA A 41 18.95 0.22 -12.42
N VAL A 42 18.84 1.05 -11.39
CA VAL A 42 18.46 2.45 -11.58
C VAL A 42 19.69 3.34 -11.76
N ARG A 43 19.49 4.50 -12.36
CA ARG A 43 20.58 5.44 -12.59
C ARG A 43 20.69 6.44 -11.44
N PRO A 44 21.92 6.83 -11.10
CA PRO A 44 22.19 7.78 -10.03
C PRO A 44 21.74 9.19 -10.38
N GLY A 45 20.46 9.48 -10.11
CA GLY A 45 19.93 10.80 -10.41
C GLY A 45 18.74 10.75 -11.35
N GLU A 46 18.40 9.54 -11.80
CA GLU A 46 17.28 9.36 -12.72
C GLU A 46 15.97 9.21 -11.96
N ASP A 47 15.07 10.16 -12.15
CA ASP A 47 13.78 10.14 -11.47
C ASP A 47 13.12 8.77 -11.61
N VAL A 48 12.93 8.09 -10.50
CA VAL A 48 12.31 6.77 -10.49
C VAL A 48 10.82 6.86 -10.20
N LEU A 49 10.03 6.04 -10.87
CA LEU A 49 8.59 6.02 -10.68
C LEU A 49 8.15 4.75 -9.95
N PHE A 50 7.51 4.93 -8.80
CA PHE A 50 7.04 3.80 -8.00
C PHE A 50 5.52 3.69 -8.08
N VAL A 51 5.04 2.67 -8.79
CA VAL A 51 3.61 2.45 -8.94
C VAL A 51 3.03 1.78 -7.69
N VAL A 52 1.87 2.27 -7.25
CA VAL A 52 1.21 1.73 -6.07
C VAL A 52 -0.16 1.17 -6.42
N ARG A 53 -0.47 -0.03 -5.92
CA ARG A 53 -1.75 -0.66 -6.18
C ARG A 53 -2.09 -1.65 -5.07
N GLN A 54 -3.39 -1.90 -4.89
CA GLN A 54 -3.85 -2.82 -3.86
C GLN A 54 -4.59 -4.00 -4.49
N GLU A 55 -4.33 -5.20 -3.97
CA GLU A 55 -4.96 -6.41 -4.47
C GLU A 55 -6.48 -6.35 -4.31
N GLN A 56 -6.91 -5.98 -3.10
CA GLN A 56 -8.34 -5.88 -2.81
C GLN A 56 -8.78 -4.42 -2.75
N GLY A 57 -8.07 -3.57 -3.49
CA GLY A 57 -8.42 -2.16 -3.51
C GLY A 57 -8.47 -1.55 -2.13
N ASP A 58 -8.63 -0.23 -2.05
CA ASP A 58 -8.70 0.47 -0.78
C ASP A 58 -10.09 1.05 -0.55
N VAL A 59 -10.56 1.84 -1.51
CA VAL A 59 -11.87 2.46 -1.41
C VAL A 59 -12.14 2.94 0.01
N LEU A 60 -11.09 3.22 0.75
CA LEU A 60 -11.21 3.70 2.12
C LEU A 60 -10.12 4.72 2.44
N THR A 61 -10.28 5.40 3.58
CA THR A 61 -9.31 6.40 4.00
C THR A 61 -8.10 5.75 4.66
N THR A 62 -7.18 5.25 3.82
CA THR A 62 -5.98 4.60 4.32
C THR A 62 -4.74 5.46 4.07
N LYS A 63 -3.90 5.58 5.09
CA LYS A 63 -2.67 6.38 4.99
C LYS A 63 -1.49 5.51 4.60
N TYR A 64 -0.61 6.03 3.75
CA TYR A 64 0.56 5.30 3.32
C TYR A 64 1.84 6.11 3.56
N GLN A 65 2.72 5.58 4.39
CA GLN A 65 3.97 6.25 4.72
C GLN A 65 5.12 5.69 3.88
N VAL A 66 5.55 6.47 2.89
CA VAL A 66 6.65 6.05 2.02
C VAL A 66 7.99 6.48 2.58
N ASP A 67 8.88 5.51 2.80
CA ASP A 67 10.20 5.78 3.34
C ASP A 67 11.28 5.52 2.28
N LEU A 68 11.88 6.60 1.79
CA LEU A 68 12.93 6.49 0.78
C LEU A 68 14.21 5.93 1.37
N GLY A 69 14.55 6.40 2.58
CA GLY A 69 15.75 5.93 3.25
C GLY A 69 16.84 6.98 3.28
N ASP A 70 17.25 7.45 2.10
CA ASP A 70 18.30 8.46 2.01
C ASP A 70 18.05 9.59 3.01
N GLY A 71 17.08 10.44 2.70
CA GLY A 71 16.76 11.56 3.58
C GLY A 71 15.44 12.22 3.22
N PHE A 72 14.58 11.48 2.53
CA PHE A 72 13.28 12.00 2.13
C PHE A 72 12.15 11.26 2.84
N LYS A 73 11.17 12.02 3.32
CA LYS A 73 10.03 11.44 4.02
C LYS A 73 8.73 12.15 3.64
N ALA A 74 7.79 11.38 3.10
CA ALA A 74 6.50 11.94 2.70
C ALA A 74 5.37 10.94 2.95
N MET A 75 4.22 11.46 3.36
CA MET A 75 3.06 10.61 3.64
C MET A 75 1.91 10.94 2.68
N TYR A 76 1.58 9.98 1.82
CA TYR A 76 0.51 10.16 0.86
C TYR A 76 -0.71 9.32 1.24
N VAL A 77 -1.86 9.98 1.35
CA VAL A 77 -3.10 9.31 1.71
C VAL A 77 -3.90 8.93 0.46
N ASN A 78 -4.51 7.75 0.50
CA ASN A 78 -5.31 7.27 -0.63
C ASN A 78 -4.46 7.20 -1.90
N LEU A 79 -3.16 7.01 -1.72
CA LEU A 79 -2.24 6.92 -2.87
C LEU A 79 -2.83 6.05 -3.97
N THR A 80 -3.56 5.02 -3.57
CA THR A 80 -4.17 4.10 -4.53
C THR A 80 -5.28 4.79 -5.31
N LEU A 81 -6.18 5.46 -4.60
CA LEU A 81 -7.28 6.16 -5.23
C LEU A 81 -6.79 7.09 -6.33
N THR A 82 -5.94 8.05 -5.96
CA THR A 82 -5.39 8.99 -6.92
C THR A 82 -4.59 8.27 -8.01
N GLY A 83 -4.02 7.13 -7.65
CA GLY A 83 -3.25 6.36 -8.62
C GLY A 83 -2.10 7.17 -9.20
N GLU A 84 -1.49 8.00 -8.37
CA GLU A 84 -0.36 8.82 -8.81
C GLU A 84 0.97 8.17 -8.44
N PRO A 85 1.89 8.14 -9.40
CA PRO A 85 3.23 7.55 -9.21
C PRO A 85 4.09 8.38 -8.27
N ILE A 86 4.94 7.70 -7.51
CA ILE A 86 5.83 8.38 -6.57
C ILE A 86 7.17 8.73 -7.22
N ARG A 87 7.28 9.96 -7.69
CA ARG A 87 8.49 10.43 -8.34
C ARG A 87 9.56 10.80 -7.30
N HIS A 88 10.75 10.25 -7.48
CA HIS A 88 11.86 10.52 -6.56
C HIS A 88 13.19 10.09 -7.16
N ARG A 89 14.19 10.96 -7.04
CA ARG A 89 15.51 10.68 -7.59
C ARG A 89 16.56 10.68 -6.48
N TYR A 90 17.69 10.02 -6.74
CA TYR A 90 18.78 9.95 -5.76
C TYR A 90 19.99 10.73 -6.24
N GLU A 91 20.73 11.32 -5.29
CA GLU A 91 21.92 12.09 -5.61
C GLU A 91 23.11 11.17 -5.87
N SER A 92 23.48 10.39 -4.86
CA SER A 92 24.60 9.46 -4.98
C SER A 92 24.11 8.03 -5.14
N PRO A 93 24.93 7.20 -5.80
CA PRO A 93 24.61 5.79 -6.04
C PRO A 93 24.63 4.96 -4.77
N GLY A 94 24.27 3.69 -4.89
CA GLY A 94 24.25 2.81 -3.73
C GLY A 94 22.88 2.23 -3.45
N ILE A 95 22.85 0.99 -2.98
CA ILE A 95 21.59 0.32 -2.67
C ILE A 95 20.80 1.09 -1.62
N TYR A 96 19.51 1.26 -1.87
CA TYR A 96 18.64 1.97 -0.93
C TYR A 96 17.56 1.05 -0.39
N ARG A 97 16.97 1.43 0.74
CA ARG A 97 15.93 0.65 1.38
C ARG A 97 14.61 1.42 1.40
N VAL A 98 13.67 1.00 0.55
CA VAL A 98 12.37 1.66 0.48
C VAL A 98 11.30 0.84 1.20
N SER A 99 10.45 1.53 1.95
CA SER A 99 9.38 0.87 2.69
C SER A 99 8.06 1.60 2.50
N VAL A 100 6.97 0.96 2.94
CA VAL A 100 5.64 1.55 2.83
C VAL A 100 4.71 1.01 3.90
N ARG A 101 4.42 1.85 4.90
CA ARG A 101 3.54 1.45 6.00
C ARG A 101 2.13 1.98 5.77
N ALA A 102 1.15 1.31 6.36
CA ALA A 102 -0.24 1.71 6.23
C ALA A 102 -1.07 1.25 7.43
N GLU A 103 -2.00 2.08 7.86
CA GLU A 103 -2.85 1.76 9.00
C GLU A 103 -4.22 2.43 8.85
N ASN A 104 -5.24 1.62 8.60
CA ASN A 104 -6.60 2.13 8.44
C ASN A 104 -7.51 1.60 9.55
N THR A 105 -8.64 2.26 9.75
CA THR A 105 -9.60 1.86 10.77
C THR A 105 -9.72 0.34 10.84
N ALA A 106 -9.86 -0.29 9.68
CA ALA A 106 -9.99 -1.75 9.61
C ALA A 106 -8.74 -2.43 10.15
N GLY A 107 -7.63 -2.25 9.46
CA GLY A 107 -6.38 -2.85 9.89
C GLY A 107 -5.16 -2.05 9.48
N HIS A 108 -4.12 -2.74 9.02
CA HIS A 108 -2.89 -2.07 8.60
C HIS A 108 -2.09 -2.98 7.66
N ASP A 109 -1.14 -2.38 6.95
CA ASP A 109 -0.30 -3.13 6.02
C ASP A 109 1.08 -2.50 5.91
N GLU A 110 2.06 -3.29 5.48
CA GLU A 110 3.42 -2.80 5.33
C GLU A 110 4.19 -3.63 4.29
N ALA A 111 4.96 -2.95 3.46
CA ALA A 111 5.74 -3.61 2.42
C ALA A 111 7.18 -3.09 2.39
N VAL A 112 8.04 -3.78 1.65
CA VAL A 112 9.44 -3.39 1.54
C VAL A 112 9.95 -3.60 0.12
N LEU A 113 10.86 -2.73 -0.31
CA LEU A 113 11.44 -2.82 -1.65
C LEU A 113 12.86 -2.29 -1.66
N PHE A 114 13.77 -3.05 -2.27
CA PHE A 114 15.17 -2.65 -2.35
C PHE A 114 15.49 -2.07 -3.73
N VAL A 115 16.21 -0.97 -3.74
CA VAL A 115 16.59 -0.31 -4.98
C VAL A 115 18.11 -0.28 -5.16
N GLN A 116 18.59 -0.96 -6.20
CA GLN A 116 20.02 -1.01 -6.48
C GLN A 116 20.39 -0.03 -7.59
N VAL A 117 21.00 1.09 -7.20
CA VAL A 117 21.41 2.10 -8.17
C VAL A 117 22.88 1.96 -8.52
N SER A 118 23.16 1.50 -9.74
CA SER A 118 24.53 1.33 -10.20
C SER A 118 25.23 2.67 -10.36
N GLY A 119 26.50 2.71 -9.95
CA GLY A 119 27.26 3.95 -10.06
C GLY A 119 28.33 3.88 -11.13
N PRO A 120 28.83 5.05 -11.55
CA PRO A 120 29.86 5.14 -12.59
C PRO A 120 31.22 4.62 -12.10
N SER A 121 31.48 3.34 -12.38
CA SER A 121 32.73 2.72 -11.97
C SER A 121 33.79 2.88 -13.05
N SER A 122 35.05 2.99 -12.63
CA SER A 122 36.17 3.16 -13.56
C SER A 122 37.26 2.13 -13.30
N GLY A 123 37.72 2.08 -12.05
CA GLY A 123 38.76 1.14 -11.68
C GLY A 123 38.21 -0.25 -11.42
N GLY A 1 -68.32 -27.03 5.40
CA GLY A 1 -67.78 -25.73 5.04
C GLY A 1 -66.34 -25.56 5.47
N SER A 2 -65.54 -24.96 4.59
CA SER A 2 -64.13 -24.74 4.88
C SER A 2 -63.59 -23.55 4.10
N SER A 3 -62.43 -23.04 4.52
CA SER A 3 -61.82 -21.89 3.87
C SER A 3 -60.31 -22.11 3.70
N GLY A 4 -59.68 -21.23 2.92
CA GLY A 4 -58.25 -21.34 2.70
C GLY A 4 -57.59 -19.99 2.49
N SER A 5 -56.39 -19.84 3.04
CA SER A 5 -55.65 -18.58 2.93
C SER A 5 -54.31 -18.80 2.24
N SER A 6 -54.20 -18.35 1.00
CA SER A 6 -52.98 -18.50 0.23
C SER A 6 -51.75 -18.14 1.07
N GLY A 7 -50.57 -18.49 0.58
CA GLY A 7 -49.35 -18.20 1.30
C GLY A 7 -48.27 -19.24 1.06
N CYS A 8 -48.03 -19.55 -0.22
CA CYS A 8 -47.02 -20.54 -0.58
C CYS A 8 -45.62 -20.03 -0.25
N GLU A 9 -44.70 -20.96 -0.01
CA GLU A 9 -43.33 -20.61 0.33
C GLU A 9 -42.36 -21.20 -0.68
N GLY A 10 -41.08 -20.86 -0.54
CA GLY A 10 -40.07 -21.36 -1.44
C GLY A 10 -38.67 -20.87 -1.09
N GLY A 11 -38.04 -21.55 -0.14
CA GLY A 11 -36.71 -21.17 0.29
C GLY A 11 -36.66 -19.78 0.88
N VAL A 12 -36.27 -19.70 2.15
CA VAL A 12 -36.19 -18.41 2.84
C VAL A 12 -35.27 -18.50 4.06
N ASP A 13 -34.55 -17.43 4.33
CA ASP A 13 -33.64 -17.39 5.47
C ASP A 13 -33.39 -15.94 5.91
N MET A 14 -33.51 -15.71 7.21
CA MET A 14 -33.31 -14.37 7.77
C MET A 14 -32.17 -14.37 8.79
N GLN A 15 -31.66 -13.19 9.11
CA GLN A 15 -30.57 -13.07 10.06
C GLN A 15 -30.86 -11.96 11.07
N GLN A 16 -31.31 -10.81 10.57
CA GLN A 16 -31.62 -9.68 11.43
C GLN A 16 -30.68 -9.61 12.63
N SER A 17 -29.39 -9.83 12.37
CA SER A 17 -28.38 -9.80 13.42
C SER A 17 -27.76 -8.42 13.55
N GLN A 18 -27.36 -7.85 12.41
CA GLN A 18 -26.75 -6.53 12.38
C GLN A 18 -27.79 -5.45 12.09
N VAL A 19 -28.95 -5.58 12.72
CA VAL A 19 -30.04 -4.62 12.53
C VAL A 19 -29.69 -3.27 13.15
N GLN A 20 -29.04 -3.31 14.30
CA GLN A 20 -28.64 -2.09 15.00
C GLN A 20 -27.15 -2.10 15.31
N LEU A 21 -26.35 -2.57 14.36
CA LEU A 21 -24.91 -2.64 14.54
C LEU A 21 -24.19 -2.42 13.21
N GLN A 22 -23.39 -1.34 13.15
CA GLN A 22 -22.65 -1.03 11.94
C GLN A 22 -21.26 -1.65 11.97
N CYS A 23 -20.87 -2.29 10.87
CA CYS A 23 -19.57 -2.93 10.78
C CYS A 23 -18.51 -1.94 10.30
N PRO A 24 -17.29 -2.08 10.85
CA PRO A 24 -16.17 -1.20 10.49
C PRO A 24 -15.67 -1.44 9.06
N LEU A 25 -14.56 -0.80 8.72
CA LEU A 25 -13.99 -0.94 7.38
C LEU A 25 -13.18 -2.23 7.27
N THR A 26 -12.74 -2.54 6.06
CA THR A 26 -11.95 -3.74 5.82
C THR A 26 -10.46 -3.45 5.89
N PRO A 27 -9.69 -4.40 6.43
CA PRO A 27 -8.24 -4.27 6.59
C PRO A 27 -7.51 -4.32 5.24
N PRO A 28 -6.41 -3.56 5.14
CA PRO A 28 -5.61 -3.49 3.91
C PRO A 28 -4.86 -4.80 3.64
N ARG A 29 -5.19 -5.44 2.53
CA ARG A 29 -4.54 -6.70 2.17
C ARG A 29 -3.85 -6.58 0.81
N GLY A 30 -2.73 -7.28 0.66
CA GLY A 30 -2.00 -7.23 -0.60
C GLY A 30 -1.45 -5.85 -0.90
N LEU A 31 -0.72 -5.28 0.05
CA LEU A 31 -0.15 -3.95 -0.12
C LEU A 31 1.36 -4.03 -0.35
N GLN A 32 1.80 -3.59 -1.52
CA GLN A 32 3.22 -3.62 -1.84
C GLN A 32 3.56 -2.55 -2.89
N VAL A 33 4.84 -2.34 -3.12
CA VAL A 33 5.29 -1.34 -4.09
C VAL A 33 6.10 -2.00 -5.21
N SER A 34 6.11 -1.38 -6.38
CA SER A 34 6.85 -1.89 -7.52
C SER A 34 7.36 -0.76 -8.40
N ILE A 35 8.46 -1.01 -9.10
CA ILE A 35 9.04 -0.01 -9.99
C ILE A 35 8.46 -0.10 -11.38
N GLN A 36 8.00 1.05 -11.90
CA GLN A 36 7.41 1.10 -13.23
C GLN A 36 8.25 0.32 -14.24
N GLY A 37 7.92 -0.96 -14.40
CA GLY A 37 8.65 -1.80 -15.34
C GLY A 37 9.85 -2.48 -14.69
N GLU A 38 10.01 -3.77 -14.96
CA GLU A 38 11.11 -4.54 -14.41
C GLU A 38 12.46 -3.97 -14.85
N ALA A 39 13.15 -3.33 -13.92
CA ALA A 39 14.45 -2.74 -14.21
C ALA A 39 15.57 -3.50 -13.52
N VAL A 40 16.74 -3.56 -14.17
CA VAL A 40 17.89 -4.27 -13.62
C VAL A 40 18.80 -3.31 -12.86
N ALA A 41 19.37 -2.35 -13.57
CA ALA A 41 20.26 -1.37 -12.97
C ALA A 41 19.99 0.03 -13.51
N VAL A 42 19.56 0.93 -12.61
CA VAL A 42 19.26 2.30 -12.99
C VAL A 42 20.48 3.20 -12.82
N ARG A 43 20.48 4.33 -13.52
CA ARG A 43 21.59 5.28 -13.45
C ARG A 43 21.41 6.22 -12.26
N PRO A 44 22.54 6.64 -11.67
CA PRO A 44 22.54 7.56 -10.53
C PRO A 44 22.09 8.96 -10.90
N GLY A 45 21.00 9.42 -10.29
CA GLY A 45 20.48 10.74 -10.57
C GLY A 45 19.28 10.71 -11.50
N GLU A 46 18.54 9.61 -11.46
CA GLU A 46 17.35 9.46 -12.28
C GLU A 46 16.09 9.33 -11.44
N ASP A 47 15.07 10.10 -11.78
CA ASP A 47 13.80 10.08 -11.05
C ASP A 47 13.09 8.75 -11.26
N VAL A 48 13.28 7.81 -10.33
CA VAL A 48 12.65 6.51 -10.41
C VAL A 48 11.16 6.59 -10.12
N LEU A 49 10.36 5.81 -10.84
CA LEU A 49 8.92 5.81 -10.65
C LEU A 49 8.48 4.54 -9.93
N PHE A 50 7.62 4.70 -8.92
CA PHE A 50 7.12 3.57 -8.16
C PHE A 50 5.59 3.50 -8.22
N VAL A 51 5.08 2.41 -8.80
CA VAL A 51 3.63 2.23 -8.93
C VAL A 51 3.05 1.60 -7.66
N VAL A 52 1.87 2.07 -7.27
CA VAL A 52 1.21 1.55 -6.08
C VAL A 52 -0.13 0.92 -6.44
N ARG A 53 -0.44 -0.21 -5.80
CA ARG A 53 -1.69 -0.92 -6.06
C ARG A 53 -2.07 -1.78 -4.86
N GLN A 54 -3.37 -1.95 -4.65
CA GLN A 54 -3.87 -2.76 -3.54
C GLN A 54 -4.82 -3.84 -4.04
N GLU A 55 -4.84 -4.97 -3.33
CA GLU A 55 -5.70 -6.08 -3.69
C GLU A 55 -7.16 -5.80 -3.33
N GLN A 56 -7.36 -5.06 -2.25
CA GLN A 56 -8.70 -4.71 -1.80
C GLN A 56 -9.36 -3.73 -2.76
N GLY A 57 -8.54 -2.93 -3.46
CA GLY A 57 -9.06 -1.96 -4.40
C GLY A 57 -8.68 -0.55 -4.04
N ASP A 58 -9.51 0.41 -4.46
CA ASP A 58 -9.26 1.81 -4.18
C ASP A 58 -10.28 2.37 -3.20
N VAL A 59 -11.53 1.91 -3.34
CA VAL A 59 -12.61 2.37 -2.47
C VAL A 59 -12.11 2.58 -1.04
N LEU A 60 -11.36 1.60 -0.54
CA LEU A 60 -10.83 1.67 0.81
C LEU A 60 -10.08 2.99 1.03
N THR A 61 -9.91 3.36 2.31
CA THR A 61 -9.21 4.60 2.65
C THR A 61 -8.22 4.37 3.78
N THR A 62 -6.95 4.22 3.42
CA THR A 62 -5.90 4.00 4.40
C THR A 62 -4.70 4.90 4.15
N LYS A 63 -4.12 5.44 5.22
CA LYS A 63 -2.96 6.31 5.10
C LYS A 63 -1.70 5.52 4.78
N TYR A 64 -0.99 5.94 3.75
CA TYR A 64 0.24 5.27 3.33
C TYR A 64 1.46 6.12 3.66
N GLN A 65 2.50 5.47 4.20
CA GLN A 65 3.73 6.16 4.55
C GLN A 65 4.91 5.63 3.75
N VAL A 66 5.33 6.40 2.75
CA VAL A 66 6.44 6.02 1.90
C VAL A 66 7.77 6.47 2.50
N ASP A 67 8.65 5.51 2.74
CA ASP A 67 9.96 5.81 3.31
C ASP A 67 11.08 5.41 2.34
N LEU A 68 11.75 6.42 1.78
CA LEU A 68 12.83 6.18 0.83
C LEU A 68 14.05 5.60 1.54
N GLY A 69 14.39 6.16 2.70
CA GLY A 69 15.53 5.69 3.46
C GLY A 69 16.66 6.69 3.51
N ASP A 70 17.01 7.23 2.35
CA ASP A 70 18.09 8.22 2.26
C ASP A 70 17.78 9.44 3.12
N GLY A 71 16.73 10.17 2.75
CA GLY A 71 16.34 11.35 3.50
C GLY A 71 15.01 11.92 3.04
N PHE A 72 14.12 11.05 2.59
CA PHE A 72 12.81 11.49 2.12
C PHE A 72 11.70 10.96 3.03
N LYS A 73 10.77 11.84 3.39
CA LYS A 73 9.67 11.47 4.25
C LYS A 73 8.38 12.16 3.81
N ALA A 74 7.42 11.37 3.33
CA ALA A 74 6.15 11.91 2.88
C ALA A 74 5.00 10.93 3.17
N MET A 75 3.82 11.47 3.44
CA MET A 75 2.66 10.65 3.73
C MET A 75 1.51 10.98 2.77
N TYR A 76 1.17 10.01 1.92
CA TYR A 76 0.09 10.20 0.96
C TYR A 76 -1.13 9.38 1.35
N VAL A 77 -2.26 10.06 1.51
CA VAL A 77 -3.51 9.41 1.88
C VAL A 77 -4.33 9.05 0.65
N ASN A 78 -4.75 7.79 0.58
CA ASN A 78 -5.55 7.31 -0.55
C ASN A 78 -4.76 7.44 -1.85
N LEU A 79 -3.52 6.96 -1.84
CA LEU A 79 -2.67 7.03 -3.02
C LEU A 79 -3.40 6.46 -4.24
N THR A 80 -3.95 5.27 -4.10
CA THR A 80 -4.68 4.62 -5.19
C THR A 80 -5.63 5.60 -5.86
N LEU A 81 -6.44 6.28 -5.05
CA LEU A 81 -7.41 7.25 -5.57
C LEU A 81 -6.74 8.20 -6.58
N THR A 82 -5.66 8.84 -6.15
CA THR A 82 -4.93 9.77 -7.01
C THR A 82 -4.37 9.05 -8.23
N GLY A 83 -4.18 7.75 -8.12
CA GLY A 83 -3.65 6.97 -9.23
C GLY A 83 -2.39 7.57 -9.80
N GLU A 84 -1.62 8.26 -8.95
CA GLU A 84 -0.38 8.89 -9.38
C GLU A 84 0.83 8.16 -8.81
N PRO A 85 1.86 7.96 -9.66
CA PRO A 85 3.09 7.27 -9.26
C PRO A 85 3.92 8.08 -8.27
N ILE A 86 5.03 7.52 -7.83
CA ILE A 86 5.90 8.19 -6.88
C ILE A 86 7.23 8.59 -7.54
N ARG A 87 7.30 9.84 -7.98
CA ARG A 87 8.50 10.35 -8.64
C ARG A 87 9.56 10.74 -7.61
N HIS A 88 10.69 10.03 -7.63
CA HIS A 88 11.78 10.31 -6.69
C HIS A 88 13.13 10.15 -7.39
N ARG A 89 14.04 11.08 -7.10
CA ARG A 89 15.37 11.05 -7.69
C ARG A 89 16.43 10.79 -6.63
N TYR A 90 17.58 10.27 -7.06
CA TYR A 90 18.67 9.98 -6.15
C TYR A 90 19.87 10.88 -6.41
N GLU A 91 20.77 10.97 -5.44
CA GLU A 91 21.97 11.80 -5.57
C GLU A 91 23.18 10.96 -5.91
N SER A 92 23.49 9.98 -5.06
CA SER A 92 24.63 9.10 -5.27
C SER A 92 24.18 7.65 -5.43
N PRO A 93 25.05 6.83 -6.03
CA PRO A 93 24.78 5.41 -6.25
C PRO A 93 24.75 4.61 -4.96
N GLY A 94 24.24 3.38 -5.03
CA GLY A 94 24.17 2.53 -3.86
C GLY A 94 22.78 1.97 -3.63
N ILE A 95 22.72 0.72 -3.17
CA ILE A 95 21.44 0.08 -2.91
C ILE A 95 20.64 0.82 -1.85
N TYR A 96 19.41 1.18 -2.18
CA TYR A 96 18.54 1.91 -1.26
C TYR A 96 17.51 0.98 -0.64
N ARG A 97 16.97 1.39 0.50
CA ARG A 97 15.97 0.59 1.21
C ARG A 97 14.65 1.34 1.30
N VAL A 98 13.69 0.95 0.48
CA VAL A 98 12.38 1.58 0.47
C VAL A 98 11.34 0.72 1.19
N SER A 99 10.53 1.36 2.03
CA SER A 99 9.50 0.66 2.78
C SER A 99 8.23 1.50 2.87
N VAL A 100 7.08 0.82 2.88
CA VAL A 100 5.79 1.51 2.97
C VAL A 100 5.00 1.00 4.16
N ARG A 101 4.58 1.93 5.02
CA ARG A 101 3.80 1.57 6.20
C ARG A 101 2.39 2.15 6.12
N ALA A 102 1.41 1.34 6.52
CA ALA A 102 0.01 1.77 6.49
C ALA A 102 -0.74 1.26 7.72
N GLU A 103 -1.51 2.15 8.34
CA GLU A 103 -2.29 1.78 9.52
C GLU A 103 -3.69 2.37 9.45
N ASN A 104 -4.67 1.52 9.17
CA ASN A 104 -6.06 1.95 9.06
C ASN A 104 -6.88 1.41 10.23
N THR A 105 -7.97 2.11 10.55
CA THR A 105 -8.84 1.69 11.64
C THR A 105 -9.04 0.18 11.65
N ALA A 106 -9.46 -0.36 10.52
CA ALA A 106 -9.69 -1.80 10.41
C ALA A 106 -8.42 -2.58 10.71
N GLY A 107 -7.40 -2.40 9.87
CA GLY A 107 -6.14 -3.10 10.06
C GLY A 107 -4.95 -2.28 9.63
N HIS A 108 -3.85 -2.94 9.30
CA HIS A 108 -2.64 -2.26 8.87
C HIS A 108 -1.88 -3.11 7.85
N ASP A 109 -1.05 -2.44 7.05
CA ASP A 109 -0.26 -3.14 6.04
C ASP A 109 1.14 -2.53 5.92
N GLU A 110 2.09 -3.32 5.45
CA GLU A 110 3.47 -2.86 5.29
C GLU A 110 4.20 -3.69 4.24
N ALA A 111 5.11 -3.05 3.52
CA ALA A 111 5.89 -3.72 2.49
C ALA A 111 7.31 -3.19 2.44
N VAL A 112 8.16 -3.86 1.66
CA VAL A 112 9.56 -3.46 1.53
C VAL A 112 10.06 -3.68 0.11
N LEU A 113 11.02 -2.87 -0.31
CA LEU A 113 11.59 -2.98 -1.65
C LEU A 113 13.00 -2.42 -1.69
N PHE A 114 13.88 -3.07 -2.44
CA PHE A 114 15.27 -2.64 -2.56
C PHE A 114 15.53 -2.06 -3.95
N VAL A 115 16.23 -0.92 -3.98
CA VAL A 115 16.54 -0.27 -5.24
C VAL A 115 18.04 -0.29 -5.52
N GLN A 116 18.42 -0.94 -6.60
CA GLN A 116 19.83 -1.05 -6.98
C GLN A 116 20.18 -0.05 -8.07
N VAL A 117 21.03 0.92 -7.72
CA VAL A 117 21.44 1.95 -8.67
C VAL A 117 22.94 1.86 -8.96
N SER A 118 23.29 1.49 -10.19
CA SER A 118 24.68 1.37 -10.59
C SER A 118 25.45 2.65 -10.29
N GLY A 119 26.77 2.57 -10.35
CA GLY A 119 27.60 3.72 -10.08
C GLY A 119 28.28 4.25 -11.33
N PRO A 120 28.78 5.50 -11.27
CA PRO A 120 29.45 6.14 -12.39
C PRO A 120 30.81 5.51 -12.69
N SER A 121 31.16 4.47 -11.94
CA SER A 121 32.43 3.78 -12.12
C SER A 121 33.59 4.66 -11.67
N SER A 122 33.51 5.17 -10.45
CA SER A 122 34.55 6.03 -9.92
C SER A 122 35.69 5.20 -9.33
N GLY A 123 35.35 4.07 -8.75
CA GLY A 123 36.35 3.19 -8.16
C GLY A 123 36.28 3.17 -6.64
N GLY A 1 -40.94 7.19 34.95
CA GLY A 1 -40.15 7.69 33.84
C GLY A 1 -40.02 9.20 33.87
N SER A 2 -39.79 9.75 35.07
CA SER A 2 -39.64 11.19 35.22
C SER A 2 -38.18 11.60 35.14
N SER A 3 -37.95 12.88 34.88
CA SER A 3 -36.59 13.40 34.77
C SER A 3 -36.30 14.43 35.87
N GLY A 4 -37.06 15.52 35.86
CA GLY A 4 -36.87 16.56 36.85
C GLY A 4 -36.96 17.95 36.26
N SER A 5 -36.46 18.93 37.01
CA SER A 5 -36.48 20.32 36.56
C SER A 5 -35.28 21.09 37.10
N SER A 6 -34.31 21.34 36.22
CA SER A 6 -33.10 22.06 36.61
C SER A 6 -33.15 23.51 36.13
N GLY A 7 -33.55 23.69 34.87
CA GLY A 7 -33.64 25.03 34.31
C GLY A 7 -32.31 25.77 34.37
N CYS A 8 -31.25 25.09 33.96
CA CYS A 8 -29.91 25.69 33.97
C CYS A 8 -29.70 26.57 32.74
N GLU A 9 -28.64 27.36 32.76
CA GLU A 9 -28.33 28.25 31.65
C GLU A 9 -26.95 28.90 31.84
N GLY A 10 -26.14 28.85 30.80
CA GLY A 10 -24.81 29.44 30.87
C GLY A 10 -24.01 29.24 29.59
N GLY A 11 -22.81 29.80 29.55
CA GLY A 11 -21.98 29.68 28.37
C GLY A 11 -20.58 29.20 28.70
N VAL A 12 -20.39 27.88 28.72
CA VAL A 12 -19.10 27.29 29.03
C VAL A 12 -18.47 26.65 27.80
N ASP A 13 -17.17 26.82 27.64
CA ASP A 13 -16.45 26.26 26.51
C ASP A 13 -16.80 24.78 26.31
N MET A 14 -16.33 24.21 25.22
CA MET A 14 -16.59 22.79 24.92
C MET A 14 -15.46 22.19 24.10
N GLN A 15 -15.55 20.90 23.83
CA GLN A 15 -14.54 20.21 23.05
C GLN A 15 -15.14 19.59 21.79
N GLN A 16 -14.48 19.82 20.65
CA GLN A 16 -14.95 19.28 19.38
C GLN A 16 -15.34 17.82 19.51
N SER A 17 -16.37 17.42 18.77
CA SER A 17 -16.85 16.04 18.80
C SER A 17 -17.03 15.50 17.40
N GLN A 18 -16.03 14.74 16.93
CA GLN A 18 -16.07 14.16 15.59
C GLN A 18 -17.13 13.07 15.51
N VAL A 19 -17.68 12.87 14.31
CA VAL A 19 -18.71 11.86 14.10
C VAL A 19 -18.09 10.46 14.01
N GLN A 20 -18.80 9.47 14.52
CA GLN A 20 -18.33 8.10 14.50
C GLN A 20 -19.34 7.17 13.82
N LEU A 21 -19.95 7.67 12.75
CA LEU A 21 -20.95 6.90 12.01
C LEU A 21 -20.44 5.49 11.74
N GLN A 22 -21.34 4.51 11.79
CA GLN A 22 -20.99 3.12 11.55
C GLN A 22 -21.06 2.80 10.05
N CYS A 23 -19.91 2.58 9.44
CA CYS A 23 -19.85 2.27 8.01
C CYS A 23 -19.03 1.01 7.77
N PRO A 24 -19.38 0.27 6.70
CA PRO A 24 -18.69 -0.97 6.34
C PRO A 24 -17.26 -0.72 5.83
N LEU A 25 -16.32 -1.48 6.35
CA LEU A 25 -14.92 -1.34 5.96
C LEU A 25 -14.19 -2.68 6.02
N THR A 26 -13.09 -2.79 5.29
CA THR A 26 -12.32 -4.02 5.26
C THR A 26 -10.83 -3.74 5.48
N PRO A 27 -10.14 -4.65 6.17
CA PRO A 27 -8.71 -4.53 6.45
C PRO A 27 -7.85 -4.68 5.20
N PRO A 28 -6.71 -3.98 5.18
CA PRO A 28 -5.78 -4.02 4.04
C PRO A 28 -5.07 -5.36 3.93
N ARG A 29 -5.02 -5.90 2.71
CA ARG A 29 -4.37 -7.18 2.46
C ARG A 29 -3.73 -7.21 1.09
N GLY A 30 -2.49 -7.70 1.02
CA GLY A 30 -1.79 -7.77 -0.25
C GLY A 30 -1.18 -6.44 -0.66
N LEU A 31 -0.58 -5.75 0.31
CA LEU A 31 0.05 -4.46 0.04
C LEU A 31 1.49 -4.64 -0.41
N GLN A 32 1.80 -4.15 -1.61
CA GLN A 32 3.14 -4.25 -2.16
C GLN A 32 3.40 -3.14 -3.18
N VAL A 33 4.64 -2.66 -3.23
CA VAL A 33 5.02 -1.60 -4.15
C VAL A 33 5.76 -2.17 -5.36
N SER A 34 5.67 -1.47 -6.48
CA SER A 34 6.33 -1.90 -7.71
C SER A 34 6.84 -0.70 -8.50
N ILE A 35 8.02 -0.85 -9.10
CA ILE A 35 8.61 0.22 -9.89
C ILE A 35 8.06 0.23 -11.31
N GLN A 36 7.51 1.38 -11.72
CA GLN A 36 6.95 1.51 -13.06
C GLN A 36 7.79 0.77 -14.09
N GLY A 37 7.27 -0.37 -14.55
CA GLY A 37 7.99 -1.16 -15.53
C GLY A 37 9.14 -1.95 -14.91
N GLU A 38 9.22 -3.24 -15.25
CA GLU A 38 10.27 -4.10 -14.72
C GLU A 38 11.66 -3.54 -15.07
N ALA A 39 12.35 -3.01 -14.07
CA ALA A 39 13.68 -2.44 -14.27
C ALA A 39 14.74 -3.32 -13.62
N VAL A 40 16.00 -3.09 -14.00
CA VAL A 40 17.11 -3.86 -13.45
C VAL A 40 18.05 -2.96 -12.67
N ALA A 41 18.63 -1.97 -13.34
CA ALA A 41 19.55 -1.04 -12.70
C ALA A 41 19.30 0.39 -13.17
N VAL A 42 18.98 1.26 -12.22
CA VAL A 42 18.72 2.66 -12.53
C VAL A 42 19.99 3.50 -12.45
N ARG A 43 19.97 4.65 -13.10
CA ARG A 43 21.14 5.54 -13.11
C ARG A 43 21.07 6.52 -11.95
N PRO A 44 22.25 6.88 -11.42
CA PRO A 44 22.37 7.82 -10.30
C PRO A 44 21.98 9.24 -10.69
N GLY A 45 20.83 9.70 -10.20
CA GLY A 45 20.37 11.03 -10.51
C GLY A 45 18.99 11.05 -11.15
N GLU A 46 18.63 9.93 -11.75
CA GLU A 46 17.32 9.82 -12.40
C GLU A 46 16.23 9.51 -11.38
N ASP A 47 15.04 10.07 -11.62
CA ASP A 47 13.91 9.86 -10.72
C ASP A 47 13.19 8.55 -11.05
N VAL A 48 12.93 7.74 -10.02
CA VAL A 48 12.24 6.47 -10.20
C VAL A 48 10.77 6.58 -9.83
N LEU A 49 9.93 5.91 -10.61
CA LEU A 49 8.49 5.93 -10.37
C LEU A 49 8.03 4.66 -9.66
N PHE A 50 7.33 4.81 -8.56
CA PHE A 50 6.83 3.68 -7.79
C PHE A 50 5.30 3.64 -7.80
N VAL A 51 4.76 2.59 -8.41
CA VAL A 51 3.31 2.44 -8.50
C VAL A 51 2.77 1.71 -7.27
N VAL A 52 1.57 2.10 -6.83
CA VAL A 52 0.94 1.48 -5.67
C VAL A 52 -0.37 0.81 -6.06
N ARG A 53 -0.54 -0.44 -5.60
CA ARG A 53 -1.75 -1.20 -5.89
C ARG A 53 -1.96 -2.31 -4.87
N GLN A 54 -3.22 -2.64 -4.61
CA GLN A 54 -3.55 -3.68 -3.64
C GLN A 54 -4.10 -4.92 -4.35
N GLU A 55 -3.95 -6.07 -3.70
CA GLU A 55 -4.43 -7.33 -4.27
C GLU A 55 -5.92 -7.49 -4.03
N GLN A 56 -6.40 -6.99 -2.89
CA GLN A 56 -7.81 -7.10 -2.55
C GLN A 56 -8.42 -5.71 -2.34
N GLY A 57 -7.83 -4.70 -2.97
CA GLY A 57 -8.32 -3.35 -2.84
C GLY A 57 -9.15 -2.92 -4.04
N ASP A 58 -10.36 -2.46 -3.78
CA ASP A 58 -11.25 -2.01 -4.84
C ASP A 58 -11.73 -0.58 -4.59
N VAL A 59 -12.11 -0.30 -3.34
CA VAL A 59 -12.58 1.03 -2.97
C VAL A 59 -11.90 1.51 -1.69
N LEU A 60 -12.04 0.72 -0.63
CA LEU A 60 -11.44 1.07 0.66
C LEU A 60 -10.10 1.76 0.47
N THR A 61 -9.82 2.75 1.32
CA THR A 61 -8.57 3.49 1.25
C THR A 61 -7.92 3.59 2.61
N THR A 62 -6.58 3.48 2.64
CA THR A 62 -5.84 3.55 3.88
C THR A 62 -4.64 4.50 3.74
N LYS A 63 -4.23 5.09 4.87
CA LYS A 63 -3.10 6.01 4.88
C LYS A 63 -1.80 5.27 4.63
N TYR A 64 -1.09 5.67 3.58
CA TYR A 64 0.18 5.04 3.22
C TYR A 64 1.35 5.99 3.51
N GLN A 65 2.46 5.42 3.96
CA GLN A 65 3.65 6.21 4.27
C GLN A 65 4.78 5.90 3.30
N VAL A 66 5.53 6.93 2.94
CA VAL A 66 6.65 6.77 2.00
C VAL A 66 7.98 7.08 2.67
N ASP A 67 8.82 6.07 2.81
CA ASP A 67 10.12 6.23 3.44
C ASP A 67 11.24 5.88 2.46
N LEU A 68 11.96 6.91 2.02
CA LEU A 68 13.06 6.71 1.07
C LEU A 68 14.29 6.15 1.78
N GLY A 69 14.56 6.64 2.99
CA GLY A 69 15.70 6.18 3.75
C GLY A 69 16.88 7.12 3.66
N ASP A 70 17.09 7.69 2.47
CA ASP A 70 18.20 8.62 2.25
C ASP A 70 17.98 9.92 3.01
N GLY A 71 16.74 10.42 2.97
CA GLY A 71 16.42 11.66 3.65
C GLY A 71 15.10 12.24 3.20
N PHE A 72 14.69 11.90 1.98
CA PHE A 72 13.43 12.41 1.42
C PHE A 72 12.24 11.75 2.12
N LYS A 73 11.66 12.46 3.08
CA LYS A 73 10.51 11.95 3.82
C LYS A 73 9.22 12.59 3.32
N ALA A 74 8.21 11.77 3.10
CA ALA A 74 6.92 12.26 2.63
C ALA A 74 5.79 11.30 3.00
N MET A 75 4.55 11.78 2.90
CA MET A 75 3.39 10.96 3.22
C MET A 75 2.25 11.22 2.25
N TYR A 76 1.82 10.16 1.56
CA TYR A 76 0.73 10.27 0.59
C TYR A 76 -0.45 9.40 0.99
N VAL A 77 -1.58 10.04 1.24
CA VAL A 77 -2.80 9.33 1.62
C VAL A 77 -3.65 8.97 0.41
N ASN A 78 -4.16 7.75 0.38
CA ASN A 78 -4.99 7.29 -0.73
C ASN A 78 -4.25 7.40 -2.05
N LEU A 79 -3.03 6.88 -2.08
CA LEU A 79 -2.21 6.92 -3.29
C LEU A 79 -2.80 6.04 -4.38
N THR A 80 -3.89 5.34 -4.05
CA THR A 80 -4.55 4.46 -5.00
C THR A 80 -5.65 5.20 -5.76
N LEU A 81 -6.27 6.17 -5.09
CA LEU A 81 -7.34 6.95 -5.70
C LEU A 81 -6.77 7.94 -6.72
N THR A 82 -5.94 8.86 -6.25
CA THR A 82 -5.32 9.86 -7.12
C THR A 82 -4.49 9.20 -8.21
N GLY A 83 -3.95 8.03 -7.90
CA GLY A 83 -3.13 7.32 -8.86
C GLY A 83 -1.71 7.85 -8.92
N GLU A 84 -1.57 9.17 -8.82
CA GLU A 84 -0.26 9.80 -8.87
C GLU A 84 0.80 8.92 -8.20
N PRO A 85 1.80 8.49 -9.00
CA PRO A 85 2.88 7.64 -8.51
C PRO A 85 3.82 8.38 -7.56
N ILE A 86 4.91 7.73 -7.19
CA ILE A 86 5.89 8.32 -6.28
C ILE A 86 7.20 8.64 -7.01
N ARG A 87 7.40 9.91 -7.32
CA ARG A 87 8.61 10.35 -8.01
C ARG A 87 9.71 10.70 -7.02
N HIS A 88 10.89 10.16 -7.25
CA HIS A 88 12.03 10.42 -6.38
C HIS A 88 13.34 10.01 -7.05
N ARG A 89 14.31 10.91 -7.05
CA ARG A 89 15.61 10.64 -7.66
C ARG A 89 16.71 10.65 -6.62
N TYR A 90 17.70 9.78 -6.81
CA TYR A 90 18.82 9.68 -5.88
C TYR A 90 20.04 10.43 -6.40
N GLU A 91 20.76 11.08 -5.49
CA GLU A 91 21.94 11.85 -5.86
C GLU A 91 23.12 10.92 -6.13
N SER A 92 23.53 10.16 -5.11
CA SER A 92 24.65 9.24 -5.24
C SER A 92 24.16 7.80 -5.37
N PRO A 93 25.00 6.94 -5.96
CA PRO A 93 24.66 5.53 -6.15
C PRO A 93 24.64 4.76 -4.83
N GLY A 94 24.13 3.52 -4.89
CA GLY A 94 24.05 2.70 -3.69
C GLY A 94 22.65 2.18 -3.44
N ILE A 95 22.56 0.90 -3.08
CA ILE A 95 21.26 0.28 -2.81
C ILE A 95 20.51 1.04 -1.71
N TYR A 96 19.22 1.26 -1.94
CA TYR A 96 18.39 1.97 -0.98
C TYR A 96 17.28 1.07 -0.43
N ARG A 97 16.75 1.42 0.73
CA ARG A 97 15.69 0.64 1.35
C ARG A 97 14.38 1.42 1.35
N VAL A 98 13.50 1.09 0.41
CA VAL A 98 12.21 1.76 0.30
C VAL A 98 11.10 0.92 0.91
N SER A 99 10.39 1.49 1.88
CA SER A 99 9.31 0.78 2.55
C SER A 99 8.02 1.60 2.50
N VAL A 100 6.94 1.02 3.02
CA VAL A 100 5.64 1.69 3.03
C VAL A 100 4.76 1.18 4.17
N ARG A 101 4.43 2.08 5.09
CA ARG A 101 3.60 1.71 6.24
C ARG A 101 2.14 2.07 5.98
N ALA A 102 1.24 1.22 6.47
CA ALA A 102 -0.19 1.44 6.28
C ALA A 102 -0.98 0.83 7.44
N GLU A 103 -1.87 1.63 8.03
CA GLU A 103 -2.69 1.19 9.14
C GLU A 103 -3.99 1.98 9.22
N ASN A 104 -5.11 1.29 9.01
CA ASN A 104 -6.42 1.93 9.07
C ASN A 104 -7.24 1.40 10.23
N THR A 105 -8.39 2.03 10.47
CA THR A 105 -9.27 1.64 11.57
C THR A 105 -9.70 0.17 11.42
N ALA A 106 -9.41 -0.40 10.25
CA ALA A 106 -9.76 -1.80 9.99
C ALA A 106 -8.61 -2.73 10.32
N GLY A 107 -7.51 -2.60 9.59
CA GLY A 107 -6.36 -3.44 9.82
C GLY A 107 -5.05 -2.70 9.60
N HIS A 108 -4.03 -3.42 9.16
CA HIS A 108 -2.72 -2.83 8.91
C HIS A 108 -1.93 -3.64 7.89
N ASP A 109 -0.87 -3.05 7.36
CA ASP A 109 -0.03 -3.72 6.37
C ASP A 109 1.25 -2.92 6.11
N GLU A 110 2.27 -3.61 5.62
CA GLU A 110 3.55 -2.97 5.33
C GLU A 110 4.31 -3.74 4.25
N ALA A 111 5.05 -3.02 3.42
CA ALA A 111 5.82 -3.63 2.36
C ALA A 111 7.25 -3.10 2.34
N VAL A 112 8.10 -3.70 1.52
CA VAL A 112 9.50 -3.28 1.41
C VAL A 112 10.03 -3.51 0.00
N LEU A 113 10.97 -2.68 -0.41
CA LEU A 113 11.57 -2.78 -1.73
C LEU A 113 12.95 -2.13 -1.77
N PHE A 114 13.93 -2.87 -2.26
CA PHE A 114 15.30 -2.36 -2.34
C PHE A 114 15.61 -1.85 -3.75
N VAL A 115 16.03 -0.60 -3.83
CA VAL A 115 16.34 0.01 -5.12
C VAL A 115 17.84 -0.07 -5.41
N GLN A 116 18.19 -0.81 -6.46
CA GLN A 116 19.60 -0.97 -6.85
C GLN A 116 19.98 0.03 -7.94
N VAL A 117 20.74 1.05 -7.55
CA VAL A 117 21.17 2.07 -8.49
C VAL A 117 22.66 1.93 -8.82
N SER A 118 22.95 1.46 -10.02
CA SER A 118 24.33 1.28 -10.46
C SER A 118 25.12 2.57 -10.33
N GLY A 119 26.38 2.53 -10.78
CA GLY A 119 27.22 3.72 -10.71
C GLY A 119 27.40 4.37 -12.06
N PRO A 120 28.18 5.47 -12.10
CA PRO A 120 28.45 6.21 -13.33
C PRO A 120 29.34 5.43 -14.29
N SER A 121 29.56 6.00 -15.47
CA SER A 121 30.40 5.36 -16.48
C SER A 121 31.86 5.79 -16.33
N SER A 122 32.12 7.08 -16.54
CA SER A 122 33.47 7.61 -16.44
C SER A 122 34.24 6.91 -15.32
N GLY A 123 33.76 7.05 -14.09
CA GLY A 123 34.42 6.43 -12.95
C GLY A 123 34.50 4.92 -13.09
N GLY A 1 -58.47 -50.11 -25.69
CA GLY A 1 -57.81 -49.80 -24.43
C GLY A 1 -57.52 -48.32 -24.28
N SER A 2 -56.68 -47.98 -23.31
CA SER A 2 -56.32 -46.60 -23.06
C SER A 2 -55.15 -46.50 -22.09
N SER A 3 -54.57 -45.31 -21.98
CA SER A 3 -53.44 -45.10 -21.09
C SER A 3 -53.46 -43.69 -20.51
N GLY A 4 -52.53 -43.40 -19.60
CA GLY A 4 -52.46 -42.08 -19.00
C GLY A 4 -51.10 -41.79 -18.38
N SER A 5 -51.02 -40.71 -17.63
CA SER A 5 -49.77 -40.32 -16.99
C SER A 5 -49.99 -39.21 -15.98
N SER A 6 -49.00 -38.98 -15.12
CA SER A 6 -49.09 -37.94 -14.10
C SER A 6 -47.70 -37.44 -13.71
N GLY A 7 -47.65 -36.24 -13.14
CA GLY A 7 -46.39 -35.66 -12.73
C GLY A 7 -46.50 -34.88 -11.44
N CYS A 8 -45.37 -34.39 -10.95
CA CYS A 8 -45.35 -33.63 -9.70
C CYS A 8 -44.60 -32.31 -9.90
N GLU A 9 -44.81 -31.38 -8.97
CA GLU A 9 -44.17 -30.07 -9.04
C GLU A 9 -43.78 -29.58 -7.65
N GLY A 10 -43.14 -28.42 -7.59
CA GLY A 10 -42.72 -27.86 -6.32
C GLY A 10 -41.94 -26.57 -6.48
N GLY A 11 -40.68 -26.59 -6.07
CA GLY A 11 -39.84 -25.40 -6.17
C GLY A 11 -38.37 -25.74 -6.22
N VAL A 12 -37.76 -25.57 -7.39
CA VAL A 12 -36.35 -25.85 -7.58
C VAL A 12 -35.48 -24.82 -6.86
N ASP A 13 -35.96 -23.59 -6.80
CA ASP A 13 -35.24 -22.51 -6.15
C ASP A 13 -36.17 -21.69 -5.27
N MET A 14 -35.58 -20.84 -4.42
CA MET A 14 -36.36 -19.99 -3.52
C MET A 14 -35.67 -18.64 -3.31
N GLN A 15 -36.46 -17.60 -3.15
CA GLN A 15 -35.93 -16.25 -2.93
C GLN A 15 -36.75 -15.50 -1.90
N GLN A 16 -36.08 -14.86 -0.95
CA GLN A 16 -36.75 -14.11 0.08
C GLN A 16 -35.84 -13.01 0.64
N SER A 17 -36.43 -11.86 0.98
CA SER A 17 -35.67 -10.74 1.51
C SER A 17 -34.43 -10.48 0.67
N GLN A 18 -34.58 -10.49 -0.64
CA GLN A 18 -33.46 -10.26 -1.55
C GLN A 18 -33.51 -8.85 -2.12
N VAL A 19 -33.91 -7.89 -1.28
CA VAL A 19 -33.99 -6.50 -1.70
C VAL A 19 -32.61 -5.90 -1.89
N GLN A 20 -31.69 -6.24 -0.99
CA GLN A 20 -30.32 -5.74 -1.08
C GLN A 20 -29.43 -6.44 -0.05
N LEU A 21 -28.29 -6.95 -0.51
CA LEU A 21 -27.36 -7.64 0.37
C LEU A 21 -26.12 -6.78 0.62
N GLN A 22 -25.97 -6.33 1.86
CA GLN A 22 -24.83 -5.50 2.24
C GLN A 22 -23.80 -6.30 3.03
N CYS A 23 -22.53 -6.05 2.77
CA CYS A 23 -21.45 -6.75 3.46
C CYS A 23 -20.49 -5.76 4.12
N PRO A 24 -19.76 -6.24 5.13
CA PRO A 24 -18.78 -5.42 5.86
C PRO A 24 -17.58 -5.06 5.02
N LEU A 25 -16.57 -4.46 5.65
CA LEU A 25 -15.34 -4.06 4.95
C LEU A 25 -14.21 -5.05 5.25
N THR A 26 -13.19 -5.02 4.40
CA THR A 26 -12.03 -5.90 4.58
C THR A 26 -10.73 -5.10 4.63
N PRO A 27 -9.74 -5.65 5.34
CA PRO A 27 -8.43 -5.01 5.48
C PRO A 27 -7.63 -5.01 4.18
N PRO A 28 -6.57 -4.20 4.13
CA PRO A 28 -5.71 -4.09 2.95
C PRO A 28 -4.88 -5.35 2.71
N ARG A 29 -5.19 -6.07 1.64
CA ARG A 29 -4.49 -7.29 1.30
C ARG A 29 -3.63 -7.10 0.06
N GLY A 30 -2.51 -7.82 0.00
CA GLY A 30 -1.62 -7.72 -1.14
C GLY A 30 -1.06 -6.32 -1.31
N LEU A 31 -0.84 -5.63 -0.19
CA LEU A 31 -0.31 -4.27 -0.23
C LEU A 31 1.20 -4.28 -0.44
N GLN A 32 1.62 -3.82 -1.62
CA GLN A 32 3.05 -3.78 -1.95
C GLN A 32 3.32 -2.72 -3.00
N VAL A 33 4.59 -2.35 -3.13
CA VAL A 33 5.00 -1.33 -4.11
C VAL A 33 5.82 -1.95 -5.23
N SER A 34 5.82 -1.30 -6.38
CA SER A 34 6.57 -1.78 -7.54
C SER A 34 7.06 -0.62 -8.40
N ILE A 35 8.26 -0.75 -8.95
CA ILE A 35 8.84 0.28 -9.79
C ILE A 35 8.34 0.16 -11.23
N GLN A 36 7.75 1.24 -11.73
CA GLN A 36 7.23 1.24 -13.09
C GLN A 36 8.12 0.42 -14.03
N GLY A 37 7.76 -0.85 -14.19
CA GLY A 37 8.53 -1.73 -15.05
C GLY A 37 9.67 -2.41 -14.31
N GLU A 38 10.00 -3.62 -14.74
CA GLU A 38 11.09 -4.38 -14.11
C GLU A 38 12.39 -3.59 -14.14
N ALA A 39 12.80 -3.09 -12.97
CA ALA A 39 14.03 -2.33 -12.87
C ALA A 39 15.10 -3.11 -12.11
N VAL A 40 16.10 -3.60 -12.83
CA VAL A 40 17.18 -4.37 -12.22
C VAL A 40 18.32 -3.45 -11.78
N ALA A 41 18.65 -2.48 -12.62
CA ALA A 41 19.71 -1.52 -12.32
C ALA A 41 19.32 -0.11 -12.71
N VAL A 42 19.18 0.75 -11.71
CA VAL A 42 18.80 2.14 -11.95
C VAL A 42 20.03 3.03 -12.15
N ARG A 43 19.87 4.10 -12.92
CA ARG A 43 20.98 5.01 -13.18
C ARG A 43 21.10 6.04 -12.06
N PRO A 44 22.36 6.39 -11.71
CA PRO A 44 22.63 7.36 -10.66
C PRO A 44 22.26 8.78 -11.06
N GLY A 45 21.13 9.26 -10.52
CA GLY A 45 20.69 10.61 -10.83
C GLY A 45 19.51 10.61 -11.80
N GLU A 46 18.65 9.59 -11.69
CA GLU A 46 17.49 9.48 -12.56
C GLU A 46 16.21 9.39 -11.73
N ASP A 47 15.19 10.14 -12.15
CA ASP A 47 13.91 10.16 -11.46
C ASP A 47 13.19 8.82 -11.63
N VAL A 48 13.28 7.97 -10.60
CA VAL A 48 12.63 6.66 -10.64
C VAL A 48 11.15 6.77 -10.30
N LEU A 49 10.35 5.88 -10.90
CA LEU A 49 8.92 5.88 -10.67
C LEU A 49 8.52 4.71 -9.78
N PHE A 50 7.50 4.92 -8.94
CA PHE A 50 7.02 3.87 -8.05
C PHE A 50 5.50 3.76 -8.10
N VAL A 51 5.01 2.69 -8.73
CA VAL A 51 3.58 2.47 -8.86
C VAL A 51 3.04 1.68 -7.66
N VAL A 52 1.82 2.02 -7.24
CA VAL A 52 1.19 1.35 -6.11
C VAL A 52 -0.19 0.83 -6.49
N ARG A 53 -0.53 -0.37 -6.02
CA ARG A 53 -1.81 -0.98 -6.30
C ARG A 53 -2.17 -2.01 -5.24
N GLN A 54 -3.47 -2.08 -4.91
CA GLN A 54 -3.94 -3.03 -3.90
C GLN A 54 -4.41 -4.33 -4.55
N GLU A 55 -4.50 -5.39 -3.75
CA GLU A 55 -4.94 -6.69 -4.25
C GLU A 55 -6.41 -6.93 -3.93
N GLN A 56 -6.89 -6.29 -2.86
CA GLN A 56 -8.27 -6.44 -2.44
C GLN A 56 -9.03 -5.12 -2.57
N GLY A 57 -8.30 -4.02 -2.42
CA GLY A 57 -8.92 -2.70 -2.53
C GLY A 57 -10.33 -2.69 -2.01
N ASP A 58 -10.47 -2.64 -0.69
CA ASP A 58 -11.79 -2.62 -0.05
C ASP A 58 -11.83 -1.57 1.07
N VAL A 59 -11.14 -0.46 0.85
CA VAL A 59 -11.10 0.61 1.83
C VAL A 59 -11.31 1.98 1.17
N LEU A 60 -11.45 3.01 1.99
CA LEU A 60 -11.66 4.36 1.48
C LEU A 60 -10.66 5.34 2.10
N THR A 61 -10.40 5.16 3.39
CA THR A 61 -9.46 6.02 4.10
C THR A 61 -8.27 5.24 4.63
N THR A 62 -7.15 5.34 3.93
CA THR A 62 -5.93 4.63 4.31
C THR A 62 -4.72 5.54 4.26
N LYS A 63 -3.94 5.55 5.33
CA LYS A 63 -2.74 6.38 5.40
C LYS A 63 -1.50 5.59 5.01
N TYR A 64 -0.79 6.06 3.99
CA TYR A 64 0.41 5.39 3.52
C TYR A 64 1.65 6.24 3.79
N GLN A 65 2.71 5.61 4.26
CA GLN A 65 3.96 6.30 4.57
C GLN A 65 5.11 5.76 3.72
N VAL A 66 5.52 6.56 2.74
CA VAL A 66 6.61 6.16 1.86
C VAL A 66 7.96 6.58 2.43
N ASP A 67 8.84 5.60 2.63
CA ASP A 67 10.17 5.87 3.17
C ASP A 67 11.25 5.44 2.20
N LEU A 68 11.93 6.40 1.59
CA LEU A 68 12.98 6.12 0.63
C LEU A 68 14.25 5.63 1.34
N GLY A 69 14.66 6.35 2.38
CA GLY A 69 15.84 5.98 3.13
C GLY A 69 16.92 7.05 3.08
N ASP A 70 17.31 7.44 1.87
CA ASP A 70 18.34 8.46 1.69
C ASP A 70 17.99 9.73 2.47
N GLY A 71 16.92 10.39 2.06
CA GLY A 71 16.51 11.61 2.74
C GLY A 71 15.15 12.10 2.27
N PHE A 72 14.27 11.16 1.93
CA PHE A 72 12.93 11.50 1.45
C PHE A 72 11.87 10.97 2.41
N LYS A 73 11.01 11.86 2.89
CA LYS A 73 9.95 11.48 3.80
C LYS A 73 8.65 12.23 3.47
N ALA A 74 7.69 11.51 2.91
CA ALA A 74 6.41 12.11 2.56
C ALA A 74 5.25 11.19 2.94
N MET A 75 4.14 11.78 3.36
CA MET A 75 2.97 11.02 3.76
C MET A 75 1.82 11.23 2.78
N TYR A 76 1.49 10.20 2.02
CA TYR A 76 0.41 10.28 1.05
C TYR A 76 -0.81 9.47 1.50
N VAL A 77 -1.97 10.10 1.49
CA VAL A 77 -3.20 9.45 1.90
C VAL A 77 -4.05 9.06 0.69
N ASN A 78 -4.59 7.85 0.71
CA ASN A 78 -5.43 7.37 -0.38
C ASN A 78 -4.64 7.33 -1.69
N LEU A 79 -3.38 6.91 -1.60
CA LEU A 79 -2.52 6.82 -2.77
C LEU A 79 -3.24 6.11 -3.93
N THR A 80 -3.73 4.91 -3.66
CA THR A 80 -4.44 4.13 -4.66
C THR A 80 -5.50 4.96 -5.36
N LEU A 81 -6.24 5.75 -4.59
CA LEU A 81 -7.28 6.60 -5.14
C LEU A 81 -6.74 7.50 -6.24
N THR A 82 -5.75 8.33 -5.89
CA THR A 82 -5.14 9.24 -6.85
C THR A 82 -4.45 8.47 -7.97
N GLY A 83 -4.00 7.25 -7.66
CA GLY A 83 -3.33 6.44 -8.65
C GLY A 83 -2.18 7.16 -9.33
N GLU A 84 -1.41 7.90 -8.55
CA GLU A 84 -0.28 8.66 -9.08
C GLU A 84 1.04 8.05 -8.62
N PRO A 85 2.01 7.95 -9.55
CA PRO A 85 3.32 7.39 -9.27
C PRO A 85 4.16 8.29 -8.37
N ILE A 86 5.07 7.68 -7.61
CA ILE A 86 5.93 8.44 -6.70
C ILE A 86 7.30 8.69 -7.33
N ARG A 87 7.47 9.87 -7.93
CA ARG A 87 8.73 10.24 -8.56
C ARG A 87 9.78 10.62 -7.51
N HIS A 88 11.02 10.25 -7.76
CA HIS A 88 12.12 10.56 -6.85
C HIS A 88 13.47 10.34 -7.53
N ARG A 89 14.33 11.35 -7.44
CA ARG A 89 15.65 11.28 -8.04
C ARG A 89 16.73 11.11 -6.96
N TYR A 90 17.81 10.45 -7.34
CA TYR A 90 18.92 10.20 -6.41
C TYR A 90 20.13 11.06 -6.77
N GLU A 91 21.12 11.08 -5.89
CA GLU A 91 22.34 11.85 -6.11
C GLU A 91 23.53 10.93 -6.34
N SER A 92 23.67 9.92 -5.50
CA SER A 92 24.78 8.97 -5.60
C SER A 92 24.26 7.55 -5.70
N PRO A 93 25.05 6.67 -6.35
CA PRO A 93 24.69 5.26 -6.53
C PRO A 93 24.74 4.48 -5.22
N GLY A 94 24.25 3.24 -5.27
CA GLY A 94 24.25 2.41 -4.08
C GLY A 94 22.86 1.93 -3.71
N ILE A 95 22.75 0.65 -3.34
CA ILE A 95 21.47 0.07 -2.97
C ILE A 95 20.81 0.89 -1.86
N TYR A 96 19.49 1.09 -1.99
CA TYR A 96 18.74 1.85 -1.00
C TYR A 96 17.66 0.99 -0.36
N ARG A 97 17.27 1.34 0.86
CA ARG A 97 16.25 0.60 1.58
C ARG A 97 14.93 1.36 1.59
N VAL A 98 13.94 0.84 0.86
CA VAL A 98 12.62 1.48 0.79
C VAL A 98 11.57 0.65 1.53
N SER A 99 10.69 1.33 2.25
CA SER A 99 9.64 0.66 3.01
C SER A 99 8.37 1.50 3.02
N VAL A 100 7.23 0.84 3.26
CA VAL A 100 5.94 1.53 3.30
C VAL A 100 5.06 0.96 4.40
N ARG A 101 4.38 1.84 5.12
CA ARG A 101 3.49 1.42 6.20
C ARG A 101 2.07 1.94 5.97
N ALA A 102 1.09 1.04 6.05
CA ALA A 102 -0.30 1.40 5.86
C ALA A 102 -1.15 0.96 7.04
N GLU A 103 -1.96 1.89 7.56
CA GLU A 103 -2.82 1.60 8.70
C GLU A 103 -4.22 2.17 8.47
N ASN A 104 -5.19 1.28 8.25
CA ASN A 104 -6.57 1.70 8.03
C ASN A 104 -7.48 1.20 9.15
N THR A 105 -8.68 1.77 9.23
CA THR A 105 -9.64 1.38 10.25
C THR A 105 -9.80 -0.13 10.33
N ALA A 106 -10.25 -0.73 9.24
CA ALA A 106 -10.44 -2.17 9.18
C ALA A 106 -9.18 -2.91 9.63
N GLY A 107 -8.06 -2.61 8.97
CA GLY A 107 -6.80 -3.25 9.31
C GLY A 107 -5.59 -2.45 8.85
N HIS A 108 -4.41 -3.03 9.02
CA HIS A 108 -3.18 -2.36 8.63
C HIS A 108 -2.20 -3.34 7.99
N ASP A 109 -1.35 -2.84 7.11
CA ASP A 109 -0.38 -3.68 6.42
C ASP A 109 0.94 -2.91 6.21
N GLU A 110 1.93 -3.61 5.67
CA GLU A 110 3.24 -2.99 5.42
C GLU A 110 3.95 -3.70 4.28
N ALA A 111 4.78 -2.95 3.54
CA ALA A 111 5.53 -3.52 2.42
C ALA A 111 6.96 -3.01 2.42
N VAL A 112 7.80 -3.63 1.60
CA VAL A 112 9.21 -3.25 1.50
C VAL A 112 9.73 -3.41 0.08
N LEU A 113 10.67 -2.56 -0.31
CA LEU A 113 11.25 -2.61 -1.64
C LEU A 113 12.72 -2.19 -1.62
N PHE A 114 13.50 -2.74 -2.55
CA PHE A 114 14.92 -2.42 -2.62
C PHE A 114 15.27 -1.84 -3.99
N VAL A 115 16.13 -0.83 -4.00
CA VAL A 115 16.55 -0.19 -5.23
C VAL A 115 18.07 -0.18 -5.38
N GLN A 116 18.57 -0.95 -6.34
CA GLN A 116 20.01 -1.03 -6.57
C GLN A 116 20.43 -0.15 -7.74
N VAL A 117 20.91 1.05 -7.41
CA VAL A 117 21.35 2.00 -8.43
C VAL A 117 22.84 1.86 -8.71
N SER A 118 23.17 1.32 -9.88
CA SER A 118 24.56 1.13 -10.27
C SER A 118 25.27 2.47 -10.45
N GLY A 119 26.54 2.41 -10.84
CA GLY A 119 27.31 3.62 -11.03
C GLY A 119 27.36 4.04 -12.49
N PRO A 120 28.15 5.08 -12.78
CA PRO A 120 28.31 5.60 -14.14
C PRO A 120 29.06 4.63 -15.06
N SER A 121 29.95 3.84 -14.46
CA SER A 121 30.73 2.88 -15.23
C SER A 121 29.83 1.85 -15.89
N SER A 122 28.57 1.82 -15.47
CA SER A 122 27.61 0.88 -16.03
C SER A 122 26.95 1.45 -17.28
N GLY A 123 26.34 2.62 -17.15
CA GLY A 123 25.69 3.26 -18.27
C GLY A 123 24.37 3.91 -17.89
N GLY A 1 -63.95 7.45 -29.38
CA GLY A 1 -63.85 6.02 -29.19
C GLY A 1 -65.05 5.43 -28.49
N SER A 2 -64.94 4.18 -28.05
CA SER A 2 -66.04 3.51 -27.36
C SER A 2 -65.76 3.41 -25.86
N SER A 3 -66.82 3.43 -25.06
CA SER A 3 -66.69 3.34 -23.61
C SER A 3 -67.02 1.94 -23.11
N GLY A 4 -68.13 1.39 -23.61
CA GLY A 4 -68.54 0.06 -23.20
C GLY A 4 -68.41 -0.16 -21.71
N SER A 5 -67.46 -0.99 -21.31
CA SER A 5 -67.23 -1.29 -19.91
C SER A 5 -65.76 -1.62 -19.64
N SER A 6 -65.37 -1.58 -18.37
CA SER A 6 -64.00 -1.87 -17.98
C SER A 6 -63.90 -2.10 -16.48
N GLY A 7 -62.70 -2.47 -16.03
CA GLY A 7 -62.48 -2.72 -14.62
C GLY A 7 -61.72 -1.60 -13.94
N CYS A 8 -60.64 -1.95 -13.25
CA CYS A 8 -59.83 -0.96 -12.54
C CYS A 8 -58.39 -1.45 -12.41
N GLU A 9 -57.48 -0.75 -13.09
CA GLU A 9 -56.06 -1.11 -13.05
C GLU A 9 -55.40 -0.56 -11.80
N GLY A 10 -54.89 -1.46 -10.95
CA GLY A 10 -54.25 -1.05 -9.72
C GLY A 10 -52.94 -0.32 -9.98
N GLY A 11 -52.28 0.11 -8.90
CA GLY A 11 -51.01 0.81 -9.04
C GLY A 11 -50.01 0.40 -7.99
N VAL A 12 -49.56 1.37 -7.19
CA VAL A 12 -48.58 1.10 -6.14
C VAL A 12 -48.37 2.34 -5.27
N ASP A 13 -48.78 2.25 -4.02
CA ASP A 13 -48.63 3.36 -3.09
C ASP A 13 -47.37 3.20 -2.24
N MET A 14 -46.33 3.96 -2.57
CA MET A 14 -45.07 3.88 -1.85
C MET A 14 -44.46 5.28 -1.71
N GLN A 15 -43.59 5.43 -0.70
CA GLN A 15 -42.93 6.71 -0.47
C GLN A 15 -41.44 6.62 -0.75
N GLN A 16 -40.81 7.77 -0.98
CA GLN A 16 -39.38 7.81 -1.27
C GLN A 16 -38.60 8.28 -0.05
N SER A 17 -37.60 7.48 0.34
CA SER A 17 -36.78 7.81 1.49
C SER A 17 -35.30 7.51 1.21
N GLN A 18 -34.42 8.40 1.65
CA GLN A 18 -32.99 8.21 1.46
C GLN A 18 -32.34 7.63 2.70
N VAL A 19 -32.19 6.31 2.73
CA VAL A 19 -31.57 5.63 3.86
C VAL A 19 -30.67 4.50 3.40
N GLN A 20 -29.38 4.61 3.71
CA GLN A 20 -28.41 3.60 3.33
C GLN A 20 -27.63 3.10 4.54
N LEU A 21 -28.02 1.94 5.06
CA LEU A 21 -27.35 1.36 6.22
C LEU A 21 -25.84 1.34 6.03
N GLN A 22 -25.11 1.85 7.01
CA GLN A 22 -23.66 1.88 6.94
C GLN A 22 -23.09 0.46 6.94
N CYS A 23 -22.04 0.26 6.16
CA CYS A 23 -21.39 -1.05 6.07
C CYS A 23 -20.00 -1.02 6.69
N PRO A 24 -19.53 -2.18 7.17
CA PRO A 24 -18.22 -2.31 7.80
C PRO A 24 -17.09 -2.15 6.78
N LEU A 25 -15.86 -2.06 7.29
CA LEU A 25 -14.69 -1.91 6.43
C LEU A 25 -13.72 -3.08 6.63
N THR A 26 -13.05 -3.47 5.54
CA THR A 26 -12.10 -4.57 5.58
C THR A 26 -10.67 -4.06 5.69
N PRO A 27 -9.81 -4.83 6.38
CA PRO A 27 -8.40 -4.47 6.56
C PRO A 27 -7.60 -4.57 5.27
N PRO A 28 -6.47 -3.84 5.21
CA PRO A 28 -5.60 -3.84 4.04
C PRO A 28 -4.87 -5.15 3.84
N ARG A 29 -4.88 -5.66 2.61
CA ARG A 29 -4.22 -6.91 2.29
C ARG A 29 -3.70 -6.91 0.86
N GLY A 30 -2.61 -7.64 0.63
CA GLY A 30 -2.02 -7.70 -0.70
C GLY A 30 -1.46 -6.38 -1.15
N LEU A 31 -1.53 -5.38 -0.28
CA LEU A 31 -1.03 -4.04 -0.59
C LEU A 31 0.50 -4.05 -0.68
N GLN A 32 1.02 -3.77 -1.87
CA GLN A 32 2.46 -3.74 -2.08
C GLN A 32 2.84 -2.70 -3.14
N VAL A 33 4.10 -2.28 -3.13
CA VAL A 33 4.58 -1.31 -4.09
C VAL A 33 5.50 -1.94 -5.13
N SER A 34 5.66 -1.28 -6.27
CA SER A 34 6.50 -1.80 -7.34
C SER A 34 7.18 -0.66 -8.10
N ILE A 35 8.21 -0.98 -8.86
CA ILE A 35 8.95 0.01 -9.63
C ILE A 35 8.43 0.08 -11.06
N GLN A 36 7.96 1.26 -11.46
CA GLN A 36 7.43 1.46 -12.80
C GLN A 36 8.35 0.83 -13.84
N GLY A 37 8.00 -0.37 -14.28
CA GLY A 37 8.80 -1.06 -15.27
C GLY A 37 9.95 -1.82 -14.66
N GLU A 38 9.97 -3.14 -14.85
CA GLU A 38 11.03 -3.98 -14.30
C GLU A 38 12.40 -3.50 -14.76
N ALA A 39 13.16 -2.93 -13.84
CA ALA A 39 14.49 -2.43 -14.15
C ALA A 39 15.58 -3.29 -13.51
N VAL A 40 16.77 -3.25 -14.07
CA VAL A 40 17.89 -4.04 -13.56
C VAL A 40 18.85 -3.15 -12.77
N ALA A 41 19.45 -2.18 -13.45
CA ALA A 41 20.38 -1.26 -12.82
C ALA A 41 20.12 0.18 -13.24
N VAL A 42 19.78 1.03 -12.27
CA VAL A 42 19.50 2.43 -12.54
C VAL A 42 20.75 3.29 -12.32
N ARG A 43 20.77 4.46 -12.95
CA ARG A 43 21.90 5.37 -12.82
C ARG A 43 21.72 6.29 -11.62
N PRO A 44 22.83 6.64 -10.96
CA PRO A 44 22.81 7.52 -9.80
C PRO A 44 22.48 8.97 -10.15
N GLY A 45 21.18 9.28 -10.13
CA GLY A 45 20.74 10.63 -10.46
C GLY A 45 19.62 10.63 -11.49
N GLU A 46 18.75 9.65 -11.40
CA GLU A 46 17.62 9.54 -12.33
C GLU A 46 16.30 9.46 -11.57
N ASP A 47 15.30 10.21 -12.05
CA ASP A 47 13.99 10.22 -11.41
C ASP A 47 13.28 8.89 -11.62
N VAL A 48 13.13 8.13 -10.54
CA VAL A 48 12.46 6.84 -10.60
C VAL A 48 11.00 6.94 -10.14
N LEU A 49 10.14 6.12 -10.73
CA LEU A 49 8.73 6.12 -10.38
C LEU A 49 8.36 4.86 -9.60
N PHE A 50 7.58 5.04 -8.54
CA PHE A 50 7.15 3.91 -7.72
C PHE A 50 5.65 3.70 -7.81
N VAL A 51 5.24 2.57 -8.38
CA VAL A 51 3.83 2.26 -8.53
C VAL A 51 3.25 1.70 -7.24
N VAL A 52 2.01 2.07 -6.94
CA VAL A 52 1.34 1.60 -5.74
C VAL A 52 0.05 0.86 -6.08
N ARG A 53 0.04 -0.45 -5.81
CA ARG A 53 -1.13 -1.27 -6.10
C ARG A 53 -1.26 -2.40 -5.08
N GLN A 54 -2.49 -2.84 -4.84
CA GLN A 54 -2.75 -3.91 -3.88
C GLN A 54 -3.55 -5.03 -4.53
N GLU A 55 -3.51 -6.22 -3.91
CA GLU A 55 -4.22 -7.37 -4.44
C GLU A 55 -5.64 -7.44 -3.87
N GLN A 56 -5.74 -7.34 -2.55
CA GLN A 56 -7.04 -7.39 -1.88
C GLN A 56 -7.20 -6.22 -0.92
N GLY A 57 -6.43 -5.16 -1.16
CA GLY A 57 -6.51 -3.99 -0.31
C GLY A 57 -7.71 -3.12 -0.62
N ASP A 58 -8.87 -3.75 -0.77
CA ASP A 58 -10.10 -3.03 -1.09
C ASP A 58 -10.35 -1.94 -0.06
N VAL A 59 -9.78 -2.10 1.13
CA VAL A 59 -9.95 -1.13 2.21
C VAL A 59 -10.06 0.29 1.65
N LEU A 60 -10.82 1.13 2.35
CA LEU A 60 -11.02 2.51 1.92
C LEU A 60 -9.74 3.34 2.15
N THR A 61 -9.82 4.63 1.87
CA THR A 61 -8.68 5.52 2.04
C THR A 61 -7.84 5.11 3.25
N THR A 62 -6.56 4.86 3.00
CA THR A 62 -5.66 4.46 4.08
C THR A 62 -4.36 5.26 4.03
N LYS A 63 -3.85 5.62 5.21
CA LYS A 63 -2.62 6.38 5.30
C LYS A 63 -1.41 5.53 4.90
N TYR A 64 -0.62 6.04 3.96
CA TYR A 64 0.56 5.34 3.49
C TYR A 64 1.82 6.17 3.71
N GLN A 65 2.69 5.68 4.58
CA GLN A 65 3.94 6.38 4.89
C GLN A 65 5.04 5.96 3.92
N VAL A 66 5.60 6.93 3.22
CA VAL A 66 6.67 6.67 2.26
C VAL A 66 8.03 6.87 2.90
N ASP A 67 8.76 5.76 3.09
CA ASP A 67 10.08 5.82 3.69
C ASP A 67 11.16 5.50 2.65
N LEU A 68 11.97 6.49 2.32
CA LEU A 68 13.04 6.31 1.34
C LEU A 68 14.29 5.74 2.00
N GLY A 69 14.63 6.27 3.18
CA GLY A 69 15.80 5.79 3.89
C GLY A 69 16.90 6.84 3.95
N ASP A 70 17.41 7.23 2.79
CA ASP A 70 18.47 8.24 2.73
C ASP A 70 18.14 9.43 3.60
N GLY A 71 17.16 10.22 3.18
CA GLY A 71 16.77 11.40 3.94
C GLY A 71 15.50 12.03 3.42
N PHE A 72 14.68 11.23 2.74
CA PHE A 72 13.42 11.71 2.20
C PHE A 72 12.22 11.13 2.95
N LYS A 73 11.37 12.00 3.48
CA LYS A 73 10.19 11.56 4.21
C LYS A 73 8.97 12.39 3.84
N ALA A 74 7.81 11.77 3.86
CA ALA A 74 6.56 12.44 3.52
C ALA A 74 5.36 11.56 3.80
N MET A 75 4.17 12.15 3.73
CA MET A 75 2.93 11.40 3.97
C MET A 75 2.11 11.29 2.71
N TYR A 76 1.90 10.07 2.25
CA TYR A 76 1.13 9.82 1.03
C TYR A 76 -0.22 9.20 1.37
N VAL A 77 -1.27 9.68 0.73
CA VAL A 77 -2.62 9.18 0.95
C VAL A 77 -3.43 9.16 -0.34
N ASN A 78 -4.41 8.26 -0.41
CA ASN A 78 -5.26 8.14 -1.59
C ASN A 78 -4.43 7.74 -2.81
N LEU A 79 -3.59 6.72 -2.64
CA LEU A 79 -2.75 6.24 -3.72
C LEU A 79 -3.56 5.38 -4.70
N THR A 80 -4.19 4.34 -4.17
CA THR A 80 -5.00 3.44 -4.99
C THR A 80 -6.22 4.15 -5.55
N LEU A 81 -6.50 5.34 -5.03
CA LEU A 81 -7.64 6.12 -5.48
C LEU A 81 -7.24 7.04 -6.63
N THR A 82 -6.33 7.97 -6.37
CA THR A 82 -5.87 8.90 -7.38
C THR A 82 -4.82 8.27 -8.28
N GLY A 83 -4.29 7.11 -7.84
CA GLY A 83 -3.28 6.43 -8.62
C GLY A 83 -2.03 7.26 -8.83
N GLU A 84 -1.75 8.14 -7.86
CA GLU A 84 -0.57 9.01 -7.94
C GLU A 84 0.68 8.27 -7.50
N PRO A 85 1.63 8.11 -8.43
CA PRO A 85 2.90 7.42 -8.17
C PRO A 85 3.80 8.21 -7.24
N ILE A 86 4.94 7.63 -6.88
CA ILE A 86 5.90 8.29 -6.00
C ILE A 86 7.24 8.49 -6.70
N ARG A 87 7.46 9.70 -7.22
CA ARG A 87 8.70 10.01 -7.91
C ARG A 87 9.81 10.34 -6.92
N HIS A 88 11.04 10.06 -7.30
CA HIS A 88 12.19 10.32 -6.44
C HIS A 88 13.49 10.27 -7.24
N ARG A 89 14.53 10.89 -6.71
CA ARG A 89 15.83 10.92 -7.37
C ARG A 89 16.96 10.70 -6.36
N TYR A 90 17.99 9.96 -6.79
CA TYR A 90 19.13 9.67 -5.92
C TYR A 90 20.38 10.39 -6.43
N GLU A 91 20.99 11.16 -5.55
CA GLU A 91 22.20 11.91 -5.89
C GLU A 91 23.36 10.95 -6.15
N SER A 92 23.75 10.21 -5.13
CA SER A 92 24.85 9.26 -5.24
C SER A 92 24.33 7.83 -5.37
N PRO A 93 25.15 6.96 -5.99
CA PRO A 93 24.79 5.56 -6.19
C PRO A 93 24.77 4.77 -4.89
N GLY A 94 24.19 3.57 -4.94
CA GLY A 94 24.12 2.73 -3.76
C GLY A 94 22.72 2.19 -3.51
N ILE A 95 22.63 0.89 -3.27
CA ILE A 95 21.33 0.26 -3.01
C ILE A 95 20.57 0.98 -1.91
N TYR A 96 19.31 1.31 -2.18
CA TYR A 96 18.47 1.99 -1.21
C TYR A 96 17.31 1.11 -0.77
N ARG A 97 16.81 1.37 0.44
CA ARG A 97 15.69 0.60 0.98
C ARG A 97 14.43 1.46 1.06
N VAL A 98 13.39 1.05 0.32
CA VAL A 98 12.13 1.77 0.31
C VAL A 98 11.01 0.93 0.91
N SER A 99 10.35 1.48 1.93
CA SER A 99 9.26 0.78 2.60
C SER A 99 8.02 1.68 2.68
N VAL A 100 6.84 1.04 2.63
CA VAL A 100 5.59 1.78 2.71
C VAL A 100 4.68 1.21 3.80
N ARG A 101 4.61 1.90 4.92
CA ARG A 101 3.78 1.46 6.04
C ARG A 101 2.36 2.01 5.91
N ALA A 102 1.40 1.27 6.45
CA ALA A 102 0.00 1.69 6.40
C ALA A 102 -0.75 1.21 7.64
N GLU A 103 -1.65 2.07 8.14
CA GLU A 103 -2.43 1.74 9.33
C GLU A 103 -3.76 2.49 9.31
N ASN A 104 -4.85 1.77 9.05
CA ASN A 104 -6.18 2.37 9.01
C ASN A 104 -7.05 1.82 10.14
N THR A 105 -8.23 2.41 10.31
CA THR A 105 -9.16 1.98 11.34
C THR A 105 -9.39 0.49 11.29
N ALA A 106 -9.43 -0.05 10.07
CA ALA A 106 -9.64 -1.49 9.88
C ALA A 106 -8.42 -2.29 10.30
N GLY A 107 -7.34 -2.16 9.56
CA GLY A 107 -6.12 -2.88 9.88
C GLY A 107 -4.87 -2.08 9.59
N HIS A 108 -3.79 -2.76 9.22
CA HIS A 108 -2.54 -2.10 8.92
C HIS A 108 -1.64 -3.00 8.07
N ASP A 109 -1.18 -2.47 6.94
CA ASP A 109 -0.32 -3.22 6.04
C ASP A 109 0.97 -2.45 5.75
N GLU A 110 1.98 -3.16 5.27
CA GLU A 110 3.28 -2.56 4.96
C GLU A 110 4.04 -3.39 3.94
N ALA A 111 4.70 -2.72 3.00
CA ALA A 111 5.47 -3.41 1.99
C ALA A 111 6.93 -2.96 2.00
N VAL A 112 7.78 -3.70 1.31
CA VAL A 112 9.20 -3.38 1.24
C VAL A 112 9.77 -3.59 -0.16
N LEU A 113 10.61 -2.68 -0.60
CA LEU A 113 11.21 -2.77 -1.93
C LEU A 113 12.67 -2.31 -1.90
N PHE A 114 13.51 -2.96 -2.69
CA PHE A 114 14.92 -2.61 -2.75
C PHE A 114 15.28 -2.08 -4.14
N VAL A 115 16.03 -0.98 -4.16
CA VAL A 115 16.45 -0.36 -5.41
C VAL A 115 17.96 -0.52 -5.63
N GLN A 116 18.33 -0.96 -6.84
CA GLN A 116 19.73 -1.17 -7.16
C GLN A 116 20.24 -0.04 -8.07
N VAL A 117 21.05 0.85 -7.50
CA VAL A 117 21.60 1.97 -8.25
C VAL A 117 23.12 1.90 -8.29
N SER A 118 23.67 1.45 -9.42
CA SER A 118 25.11 1.34 -9.58
C SER A 118 25.66 2.52 -10.37
N GLY A 119 26.89 2.91 -10.06
CA GLY A 119 27.52 4.02 -10.76
C GLY A 119 27.97 3.65 -12.16
N PRO A 120 28.91 4.45 -12.71
CA PRO A 120 29.44 4.21 -14.06
C PRO A 120 30.32 2.97 -14.13
N SER A 121 29.96 2.05 -15.01
CA SER A 121 30.72 0.81 -15.17
C SER A 121 31.27 0.70 -16.59
N SER A 122 32.44 0.08 -16.71
CA SER A 122 33.07 -0.10 -18.01
C SER A 122 32.38 -1.20 -18.81
N GLY A 123 31.55 -0.80 -19.76
CA GLY A 123 30.84 -1.76 -20.59
C GLY A 123 29.42 -1.32 -20.90
N GLY A 1 -49.70 -38.17 -12.04
CA GLY A 1 -48.62 -37.54 -11.30
C GLY A 1 -49.11 -36.45 -10.37
N SER A 2 -48.72 -36.53 -9.10
CA SER A 2 -49.13 -35.56 -8.10
C SER A 2 -48.33 -35.73 -6.81
N SER A 3 -47.87 -34.62 -6.25
CA SER A 3 -47.09 -34.64 -5.02
C SER A 3 -46.89 -33.23 -4.47
N GLY A 4 -47.52 -32.96 -3.32
CA GLY A 4 -47.40 -31.65 -2.71
C GLY A 4 -48.23 -31.53 -1.45
N SER A 5 -47.57 -31.21 -0.34
CA SER A 5 -48.25 -31.06 0.94
C SER A 5 -47.38 -30.31 1.94
N SER A 6 -47.86 -29.15 2.37
CA SER A 6 -47.11 -28.33 3.33
C SER A 6 -47.93 -27.12 3.76
N GLY A 7 -47.43 -26.39 4.75
CA GLY A 7 -48.13 -25.22 5.24
C GLY A 7 -47.56 -24.70 6.55
N CYS A 8 -46.69 -23.70 6.45
CA CYS A 8 -46.07 -23.12 7.64
C CYS A 8 -45.47 -21.75 7.32
N GLU A 9 -46.02 -20.71 7.94
CA GLU A 9 -45.56 -19.35 7.72
C GLU A 9 -44.67 -18.89 8.87
N GLY A 10 -43.69 -18.04 8.56
CA GLY A 10 -42.78 -17.54 9.57
C GLY A 10 -43.07 -16.10 9.95
N GLY A 11 -42.55 -15.67 11.10
CA GLY A 11 -42.76 -14.31 11.55
C GLY A 11 -41.48 -13.52 11.66
N VAL A 12 -40.74 -13.43 10.55
CA VAL A 12 -39.48 -12.70 10.52
C VAL A 12 -39.17 -12.18 9.12
N ASP A 13 -38.88 -10.89 9.03
CA ASP A 13 -38.57 -10.27 7.74
C ASP A 13 -37.10 -9.89 7.67
N MET A 14 -36.50 -10.07 6.48
CA MET A 14 -35.10 -9.75 6.28
C MET A 14 -34.90 -8.24 6.16
N GLN A 15 -34.57 -7.60 7.28
CA GLN A 15 -34.34 -6.16 7.30
C GLN A 15 -32.95 -5.84 7.82
N GLN A 16 -32.54 -6.53 8.90
CA GLN A 16 -31.23 -6.30 9.49
C GLN A 16 -30.41 -7.59 9.49
N SER A 17 -29.09 -7.44 9.52
CA SER A 17 -28.19 -8.59 9.50
C SER A 17 -27.73 -8.93 10.92
N GLN A 18 -27.37 -7.90 11.68
CA GLN A 18 -26.91 -8.10 13.05
C GLN A 18 -27.26 -6.89 13.92
N VAL A 19 -27.21 -7.08 15.23
CA VAL A 19 -27.51 -6.01 16.17
C VAL A 19 -26.69 -4.76 15.86
N GLN A 20 -25.56 -4.95 15.19
CA GLN A 20 -24.69 -3.84 14.84
C GLN A 20 -25.22 -3.11 13.61
N LEU A 21 -25.19 -1.77 13.67
CA LEU A 21 -25.67 -0.95 12.58
C LEU A 21 -24.69 -0.97 11.41
N GLN A 22 -23.42 -0.73 11.72
CA GLN A 22 -22.38 -0.73 10.69
C GLN A 22 -21.85 -2.13 10.44
N CYS A 23 -21.62 -2.47 9.18
CA CYS A 23 -21.12 -3.78 8.81
C CYS A 23 -19.61 -3.89 9.07
N PRO A 24 -19.14 -5.12 9.34
CA PRO A 24 -17.73 -5.38 9.61
C PRO A 24 -16.85 -5.20 8.37
N LEU A 25 -15.54 -5.31 8.56
CA LEU A 25 -14.60 -5.16 7.45
C LEU A 25 -13.36 -6.02 7.69
N THR A 26 -12.57 -6.20 6.63
CA THR A 26 -11.35 -7.00 6.72
C THR A 26 -10.11 -6.10 6.68
N PRO A 27 -8.99 -6.63 7.19
CA PRO A 27 -7.72 -5.90 7.22
C PRO A 27 -7.11 -5.73 5.83
N PRO A 28 -6.10 -4.86 5.73
CA PRO A 28 -5.42 -4.59 4.46
C PRO A 28 -4.58 -5.77 3.99
N ARG A 29 -4.91 -6.28 2.81
CA ARG A 29 -4.18 -7.42 2.24
C ARG A 29 -3.74 -7.12 0.82
N GLY A 30 -2.49 -7.46 0.51
CA GLY A 30 -1.97 -7.23 -0.84
C GLY A 30 -1.33 -5.86 -0.97
N LEU A 31 -0.74 -5.37 0.12
CA LEU A 31 -0.09 -4.07 0.11
C LEU A 31 1.39 -4.20 -0.20
N GLN A 32 1.81 -3.66 -1.34
CA GLN A 32 3.21 -3.71 -1.76
C GLN A 32 3.50 -2.67 -2.81
N VAL A 33 4.73 -2.16 -2.82
CA VAL A 33 5.15 -1.15 -3.77
C VAL A 33 5.85 -1.78 -4.98
N SER A 34 5.70 -1.15 -6.14
CA SER A 34 6.31 -1.65 -7.36
C SER A 34 6.94 -0.51 -8.16
N ILE A 35 7.87 -0.86 -9.05
CA ILE A 35 8.54 0.13 -9.88
C ILE A 35 8.01 0.10 -11.31
N GLN A 36 7.53 1.25 -11.78
CA GLN A 36 7.00 1.35 -13.13
C GLN A 36 7.93 0.69 -14.14
N GLY A 37 7.59 -0.53 -14.55
CA GLY A 37 8.40 -1.24 -15.50
C GLY A 37 9.52 -2.02 -14.84
N GLU A 38 9.58 -3.32 -15.11
CA GLU A 38 10.61 -4.18 -14.54
C GLU A 38 12.01 -3.68 -14.91
N ALA A 39 12.70 -3.12 -13.93
CA ALA A 39 14.06 -2.61 -14.15
C ALA A 39 15.09 -3.47 -13.45
N VAL A 40 16.34 -3.35 -13.86
CA VAL A 40 17.43 -4.11 -13.27
C VAL A 40 18.40 -3.21 -12.54
N ALA A 41 19.02 -2.28 -13.27
CA ALA A 41 19.97 -1.35 -12.68
C ALA A 41 19.69 0.08 -13.13
N VAL A 42 19.26 0.92 -12.18
CA VAL A 42 18.96 2.31 -12.48
C VAL A 42 20.17 3.20 -12.28
N ARG A 43 20.18 4.34 -12.94
CA ARG A 43 21.29 5.29 -12.84
C ARG A 43 21.04 6.30 -11.73
N PRO A 44 22.13 6.72 -11.07
CA PRO A 44 22.05 7.70 -9.97
C PRO A 44 21.69 9.10 -10.46
N GLY A 45 20.39 9.40 -10.44
CA GLY A 45 19.93 10.70 -10.88
C GLY A 45 18.55 10.65 -11.52
N GLU A 46 18.29 9.56 -12.24
CA GLU A 46 16.99 9.39 -12.90
C GLU A 46 15.90 9.06 -11.89
N ASP A 47 14.95 9.97 -11.74
CA ASP A 47 13.84 9.78 -10.81
C ASP A 47 13.08 8.51 -11.14
N VAL A 48 12.95 7.62 -10.14
CA VAL A 48 12.24 6.37 -10.32
C VAL A 48 10.77 6.51 -9.93
N LEU A 49 9.90 5.89 -10.71
CA LEU A 49 8.47 5.94 -10.45
C LEU A 49 8.00 4.70 -9.70
N PHE A 50 7.36 4.91 -8.55
CA PHE A 50 6.87 3.81 -7.74
C PHE A 50 5.34 3.75 -7.77
N VAL A 51 4.80 2.67 -8.34
CA VAL A 51 3.36 2.50 -8.44
C VAL A 51 2.80 1.87 -7.16
N VAL A 52 1.64 2.36 -6.73
CA VAL A 52 1.00 1.84 -5.52
C VAL A 52 -0.41 1.33 -5.83
N ARG A 53 -0.75 0.18 -5.26
CA ARG A 53 -2.06 -0.42 -5.48
C ARG A 53 -2.39 -1.41 -4.37
N GLN A 54 -3.67 -1.50 -4.02
CA GLN A 54 -4.11 -2.42 -2.98
C GLN A 54 -5.25 -3.30 -3.47
N GLU A 55 -5.32 -4.52 -2.95
CA GLU A 55 -6.36 -5.46 -3.34
C GLU A 55 -7.73 -5.00 -2.84
N GLN A 56 -7.82 -4.73 -1.55
CA GLN A 56 -9.07 -4.27 -0.96
C GLN A 56 -8.87 -3.01 -0.14
N GLY A 57 -7.88 -2.21 -0.54
CA GLY A 57 -7.59 -0.97 0.16
C GLY A 57 -8.39 0.20 -0.38
N ASP A 58 -8.38 0.36 -1.70
CA ASP A 58 -9.11 1.45 -2.35
C ASP A 58 -10.54 1.52 -1.85
N VAL A 59 -11.14 0.36 -1.62
CA VAL A 59 -12.52 0.29 -1.14
C VAL A 59 -12.64 0.90 0.26
N LEU A 60 -11.56 0.83 1.02
CA LEU A 60 -11.55 1.37 2.37
C LEU A 60 -10.44 2.40 2.54
N THR A 61 -10.83 3.67 2.71
CA THR A 61 -9.86 4.74 2.88
C THR A 61 -8.75 4.34 3.84
N THR A 62 -7.54 4.19 3.30
CA THR A 62 -6.39 3.81 4.11
C THR A 62 -5.21 4.73 3.84
N LYS A 63 -4.49 5.09 4.91
CA LYS A 63 -3.33 5.96 4.78
C LYS A 63 -2.09 5.17 4.39
N TYR A 64 -1.21 5.79 3.60
CA TYR A 64 0.00 5.14 3.16
C TYR A 64 1.22 6.02 3.42
N GLN A 65 2.34 5.40 3.78
CA GLN A 65 3.56 6.13 4.06
C GLN A 65 4.67 5.74 3.07
N VAL A 66 5.50 6.71 2.70
CA VAL A 66 6.58 6.47 1.78
C VAL A 66 7.94 6.74 2.43
N ASP A 67 8.73 5.68 2.60
CA ASP A 67 10.04 5.80 3.21
C ASP A 67 11.15 5.58 2.18
N LEU A 68 11.85 6.64 1.83
CA LEU A 68 12.93 6.55 0.86
C LEU A 68 14.20 5.98 1.49
N GLY A 69 14.44 6.33 2.75
CA GLY A 69 15.61 5.85 3.45
C GLY A 69 16.85 6.64 3.13
N ASP A 70 16.68 7.71 2.35
CA ASP A 70 17.80 8.56 1.95
C ASP A 70 17.65 9.95 2.53
N GLY A 71 16.90 10.06 3.63
CA GLY A 71 16.69 11.34 4.27
C GLY A 71 15.42 12.03 3.78
N PHE A 72 14.60 11.30 3.03
CA PHE A 72 13.36 11.84 2.50
C PHE A 72 12.15 11.17 3.15
N LYS A 73 11.35 11.95 3.86
CA LYS A 73 10.16 11.43 4.54
C LYS A 73 8.91 12.16 4.07
N ALA A 74 8.03 11.44 3.39
CA ALA A 74 6.78 12.01 2.89
C ALA A 74 5.60 11.06 3.10
N MET A 75 4.42 11.62 3.30
CA MET A 75 3.22 10.83 3.50
C MET A 75 2.14 11.19 2.49
N TYR A 76 1.74 10.22 1.68
CA TYR A 76 0.71 10.45 0.67
C TYR A 76 -0.45 9.48 0.85
N VAL A 77 -1.65 10.04 1.05
CA VAL A 77 -2.84 9.22 1.23
C VAL A 77 -3.56 8.99 -0.09
N ASN A 78 -4.47 8.02 -0.10
CA ASN A 78 -5.23 7.70 -1.31
C ASN A 78 -4.36 7.83 -2.55
N LEU A 79 -3.09 7.45 -2.42
CA LEU A 79 -2.15 7.52 -3.53
C LEU A 79 -2.70 6.80 -4.76
N THR A 80 -2.91 5.49 -4.63
CA THR A 80 -3.44 4.69 -5.73
C THR A 80 -4.81 5.19 -6.17
N LEU A 81 -5.68 5.46 -5.20
CA LEU A 81 -7.03 5.94 -5.50
C LEU A 81 -6.98 7.14 -6.45
N THR A 82 -6.06 8.06 -6.17
CA THR A 82 -5.91 9.26 -7.00
C THR A 82 -5.18 8.93 -8.30
N GLY A 83 -4.33 7.91 -8.26
CA GLY A 83 -3.59 7.52 -9.44
C GLY A 83 -2.36 8.38 -9.67
N GLU A 84 -1.66 8.71 -8.59
CA GLU A 84 -0.47 9.53 -8.68
C GLU A 84 0.77 8.75 -8.23
N PRO A 85 1.76 8.62 -9.13
CA PRO A 85 3.00 7.90 -8.85
C PRO A 85 3.88 8.64 -7.86
N ILE A 86 5.03 8.04 -7.54
CA ILE A 86 5.96 8.66 -6.61
C ILE A 86 7.28 9.01 -7.29
N ARG A 87 7.44 10.28 -7.64
CA ARG A 87 8.65 10.75 -8.30
C ARG A 87 9.73 11.09 -7.29
N HIS A 88 10.87 10.43 -7.39
CA HIS A 88 11.99 10.67 -6.47
C HIS A 88 13.29 10.12 -7.04
N ARG A 89 14.27 11.00 -7.22
CA ARG A 89 15.57 10.62 -7.76
C ARG A 89 16.64 10.62 -6.68
N TYR A 90 17.77 9.98 -6.96
CA TYR A 90 18.87 9.91 -6.01
C TYR A 90 20.08 10.69 -6.52
N GLU A 91 20.92 11.14 -5.59
CA GLU A 91 22.12 11.89 -5.95
C GLU A 91 23.30 10.94 -6.22
N SER A 92 23.65 10.15 -5.22
CA SER A 92 24.76 9.21 -5.35
C SER A 92 24.25 7.79 -5.49
N PRO A 93 25.05 6.93 -6.13
CA PRO A 93 24.71 5.53 -6.34
C PRO A 93 24.72 4.72 -5.04
N GLY A 94 24.14 3.53 -5.08
CA GLY A 94 24.10 2.68 -3.90
C GLY A 94 22.71 2.15 -3.62
N ILE A 95 22.63 0.88 -3.23
CA ILE A 95 21.35 0.26 -2.93
C ILE A 95 20.58 1.06 -1.87
N TYR A 96 19.29 1.25 -2.12
CA TYR A 96 18.45 2.01 -1.19
C TYR A 96 17.36 1.11 -0.60
N ARG A 97 16.89 1.48 0.59
CA ARG A 97 15.85 0.71 1.27
C ARG A 97 14.53 1.47 1.27
N VAL A 98 13.61 1.07 0.40
CA VAL A 98 12.31 1.71 0.31
C VAL A 98 11.21 0.80 0.84
N SER A 99 10.32 1.36 1.66
CA SER A 99 9.23 0.60 2.25
C SER A 99 7.95 1.44 2.30
N VAL A 100 6.83 0.78 2.58
CA VAL A 100 5.54 1.47 2.66
C VAL A 100 4.79 1.07 3.93
N ARG A 101 4.20 2.05 4.60
CA ARG A 101 3.45 1.80 5.82
C ARG A 101 1.96 2.04 5.60
N ALA A 102 1.13 1.29 6.31
CA ALA A 102 -0.32 1.42 6.20
C ALA A 102 -1.02 0.94 7.46
N GLU A 103 -1.87 1.79 8.03
CA GLU A 103 -2.60 1.44 9.24
C GLU A 103 -4.03 1.96 9.18
N ASN A 104 -4.98 1.05 9.04
CA ASN A 104 -6.39 1.41 8.97
C ASN A 104 -7.14 0.96 10.23
N THR A 105 -8.40 1.36 10.33
CA THR A 105 -9.22 0.99 11.47
C THR A 105 -9.18 -0.51 11.72
N ALA A 106 -9.44 -1.28 10.66
CA ALA A 106 -9.44 -2.74 10.76
C ALA A 106 -8.06 -3.26 11.20
N GLY A 107 -7.09 -3.15 10.31
CA GLY A 107 -5.75 -3.60 10.62
C GLY A 107 -4.67 -2.72 10.02
N HIS A 108 -3.54 -3.32 9.68
CA HIS A 108 -2.43 -2.58 9.10
C HIS A 108 -1.57 -3.48 8.22
N ASP A 109 -0.78 -2.87 7.34
CA ASP A 109 0.08 -3.62 6.44
C ASP A 109 1.35 -2.82 6.12
N GLU A 110 2.41 -3.54 5.75
CA GLU A 110 3.68 -2.90 5.42
C GLU A 110 4.48 -3.76 4.44
N ALA A 111 5.11 -3.10 3.47
CA ALA A 111 5.90 -3.80 2.46
C ALA A 111 7.31 -3.24 2.40
N VAL A 112 8.20 -3.96 1.71
CA VAL A 112 9.59 -3.52 1.57
C VAL A 112 10.06 -3.68 0.13
N LEU A 113 11.04 -2.85 -0.25
CA LEU A 113 11.58 -2.90 -1.60
C LEU A 113 12.99 -2.30 -1.64
N PHE A 114 13.93 -3.06 -2.19
CA PHE A 114 15.31 -2.61 -2.29
C PHE A 114 15.62 -2.12 -3.70
N VAL A 115 16.06 -0.87 -3.80
CA VAL A 115 16.39 -0.27 -5.09
C VAL A 115 17.89 -0.34 -5.35
N GLN A 116 18.26 -0.99 -6.45
CA GLN A 116 19.67 -1.13 -6.82
C GLN A 116 20.05 -0.09 -7.87
N VAL A 117 20.98 0.79 -7.51
CA VAL A 117 21.44 1.82 -8.42
C VAL A 117 22.95 1.75 -8.61
N SER A 118 23.36 1.38 -9.82
CA SER A 118 24.78 1.25 -10.14
C SER A 118 25.28 2.51 -10.84
N GLY A 119 26.49 2.94 -10.48
CA GLY A 119 27.07 4.13 -11.08
C GLY A 119 27.19 4.02 -12.58
N PRO A 120 27.51 5.14 -13.25
CA PRO A 120 27.66 5.19 -14.70
C PRO A 120 28.90 4.45 -15.18
N SER A 121 28.70 3.42 -16.00
CA SER A 121 29.80 2.63 -16.54
C SER A 121 30.23 3.15 -17.90
N SER A 122 31.54 3.15 -18.14
CA SER A 122 32.09 3.62 -19.41
C SER A 122 31.38 2.94 -20.59
N GLY A 123 30.49 3.69 -21.23
CA GLY A 123 29.76 3.14 -22.36
C GLY A 123 28.61 2.24 -21.94
N GLY A 1 -5.84 -7.64 72.56
CA GLY A 1 -6.40 -7.05 71.37
C GLY A 1 -7.77 -7.61 71.03
N SER A 2 -8.28 -7.26 69.85
CA SER A 2 -9.59 -7.73 69.41
C SER A 2 -9.77 -7.48 67.91
N SER A 3 -10.88 -7.98 67.37
CA SER A 3 -11.18 -7.83 65.96
C SER A 3 -12.59 -8.30 65.65
N GLY A 4 -13.08 -7.92 64.47
CA GLY A 4 -14.43 -8.31 64.06
C GLY A 4 -14.47 -8.91 62.68
N SER A 5 -15.58 -8.68 61.96
CA SER A 5 -15.74 -9.21 60.62
C SER A 5 -16.99 -8.63 59.96
N SER A 6 -16.82 -8.10 58.75
CA SER A 6 -17.93 -7.51 58.01
C SER A 6 -17.71 -7.64 56.51
N GLY A 7 -18.68 -7.18 55.73
CA GLY A 7 -18.57 -7.24 54.29
C GLY A 7 -19.52 -6.28 53.59
N CYS A 8 -19.40 -6.18 52.28
CA CYS A 8 -20.25 -5.29 51.49
C CYS A 8 -20.12 -5.59 50.00
N GLU A 9 -21.19 -6.12 49.41
CA GLU A 9 -21.20 -6.45 47.99
C GLU A 9 -22.43 -5.88 47.31
N GLY A 10 -22.22 -5.27 46.14
CA GLY A 10 -23.32 -4.68 45.41
C GLY A 10 -23.38 -5.17 43.97
N GLY A 11 -23.94 -4.33 43.09
CA GLY A 11 -24.04 -4.70 41.69
C GLY A 11 -25.30 -5.48 41.38
N VAL A 12 -26.10 -4.97 40.45
CA VAL A 12 -27.35 -5.61 40.06
C VAL A 12 -27.33 -6.01 38.59
N ASP A 13 -26.77 -5.14 37.76
CA ASP A 13 -26.69 -5.40 36.33
C ASP A 13 -25.26 -5.79 35.92
N MET A 14 -24.95 -7.07 36.03
CA MET A 14 -23.63 -7.56 35.68
C MET A 14 -23.14 -6.95 34.38
N GLN A 15 -23.95 -7.10 33.33
CA GLN A 15 -23.61 -6.56 32.02
C GLN A 15 -24.84 -6.49 31.12
N GLN A 16 -24.91 -5.42 30.32
CA GLN A 16 -26.05 -5.23 29.42
C GLN A 16 -25.56 -4.85 28.02
N SER A 17 -26.12 -5.51 27.01
CA SER A 17 -25.75 -5.23 25.63
C SER A 17 -26.99 -5.09 24.75
N GLN A 18 -27.52 -3.87 24.69
CA GLN A 18 -28.71 -3.59 23.88
C GLN A 18 -28.34 -2.85 22.60
N VAL A 19 -27.17 -3.18 22.06
CA VAL A 19 -26.70 -2.53 20.84
C VAL A 19 -26.04 -3.55 19.90
N GLN A 20 -26.34 -3.43 18.61
CA GLN A 20 -25.78 -4.35 17.62
C GLN A 20 -24.36 -3.93 17.25
N LEU A 21 -23.40 -4.80 17.58
CA LEU A 21 -22.00 -4.53 17.28
C LEU A 21 -21.66 -4.91 15.85
N GLN A 22 -21.17 -3.93 15.08
CA GLN A 22 -20.80 -4.17 13.70
C GLN A 22 -19.28 -4.21 13.53
N CYS A 23 -18.80 -5.21 12.79
CA CYS A 23 -17.38 -5.37 12.56
C CYS A 23 -16.90 -4.43 11.45
N PRO A 24 -15.65 -3.95 11.57
CA PRO A 24 -15.05 -3.04 10.60
C PRO A 24 -14.75 -3.72 9.28
N LEU A 25 -14.45 -2.92 8.26
CA LEU A 25 -14.15 -3.45 6.93
C LEU A 25 -13.00 -4.47 7.00
N THR A 26 -12.60 -4.97 5.84
CA THR A 26 -11.52 -5.95 5.76
C THR A 26 -10.16 -5.27 5.83
N PRO A 27 -9.20 -5.95 6.47
CA PRO A 27 -7.82 -5.42 6.61
C PRO A 27 -7.07 -5.40 5.29
N PRO A 28 -6.09 -4.49 5.18
CA PRO A 28 -5.28 -4.35 3.97
C PRO A 28 -4.34 -5.53 3.76
N ARG A 29 -4.42 -6.17 2.60
CA ARG A 29 -3.58 -7.31 2.28
C ARG A 29 -2.90 -7.11 0.93
N GLY A 30 -2.03 -8.06 0.58
CA GLY A 30 -1.32 -7.98 -0.68
C GLY A 30 -0.69 -6.63 -0.91
N LEU A 31 -0.54 -5.86 0.17
CA LEU A 31 0.06 -4.53 0.09
C LEU A 31 1.52 -4.62 -0.33
N GLN A 32 1.83 -4.06 -1.50
CA GLN A 32 3.19 -4.08 -2.01
C GLN A 32 3.40 -2.96 -3.03
N VAL A 33 4.64 -2.47 -3.13
CA VAL A 33 4.97 -1.40 -4.06
C VAL A 33 5.71 -1.93 -5.28
N SER A 34 5.75 -1.14 -6.34
CA SER A 34 6.42 -1.55 -7.56
C SER A 34 6.99 -0.33 -8.30
N ILE A 35 7.92 -0.58 -9.20
CA ILE A 35 8.54 0.49 -9.97
C ILE A 35 8.05 0.49 -11.41
N GLN A 36 7.47 1.61 -11.85
CA GLN A 36 6.95 1.74 -13.20
C GLN A 36 7.83 0.96 -14.18
N GLY A 37 7.45 -0.28 -14.46
CA GLY A 37 8.20 -1.10 -15.39
C GLY A 37 9.31 -1.87 -14.70
N GLU A 38 9.29 -3.19 -14.84
CA GLU A 38 10.30 -4.04 -14.21
C GLU A 38 11.70 -3.63 -14.67
N ALA A 39 12.46 -3.02 -13.75
CA ALA A 39 13.82 -2.58 -14.05
C ALA A 39 14.85 -3.43 -13.32
N VAL A 40 15.98 -3.67 -13.96
CA VAL A 40 17.05 -4.46 -13.38
C VAL A 40 18.04 -3.58 -12.63
N ALA A 41 18.53 -2.55 -13.31
CA ALA A 41 19.49 -1.62 -12.71
C ALA A 41 19.11 -0.18 -13.00
N VAL A 42 18.97 0.61 -11.93
CA VAL A 42 18.61 2.02 -12.07
C VAL A 42 19.85 2.89 -12.22
N ARG A 43 19.69 4.03 -12.88
CA ARG A 43 20.80 4.96 -13.09
C ARG A 43 20.98 5.87 -11.88
N PRO A 44 22.25 6.15 -11.54
CA PRO A 44 22.58 7.01 -10.40
C PRO A 44 22.23 8.48 -10.66
N GLY A 45 20.98 8.84 -10.37
CA GLY A 45 20.55 10.20 -10.57
C GLY A 45 19.43 10.30 -11.59
N GLU A 46 18.75 9.19 -11.84
CA GLU A 46 17.66 9.15 -12.81
C GLU A 46 16.32 8.99 -12.12
N ASP A 47 15.50 10.03 -12.16
CA ASP A 47 14.18 9.99 -11.54
C ASP A 47 13.53 8.62 -11.70
N VAL A 48 13.08 8.06 -10.58
CA VAL A 48 12.44 6.75 -10.60
C VAL A 48 10.98 6.84 -10.16
N LEU A 49 10.12 6.08 -10.83
CA LEU A 49 8.70 6.08 -10.50
C LEU A 49 8.33 4.86 -9.67
N PHE A 50 7.47 5.07 -8.67
CA PHE A 50 7.04 3.97 -7.80
C PHE A 50 5.53 3.82 -7.83
N VAL A 51 5.05 2.75 -8.47
CA VAL A 51 3.62 2.50 -8.57
C VAL A 51 3.13 1.70 -7.37
N VAL A 52 1.92 2.04 -6.91
CA VAL A 52 1.32 1.35 -5.77
C VAL A 52 -0.06 0.81 -6.10
N ARG A 53 -0.34 -0.40 -5.64
CA ARG A 53 -1.63 -1.03 -5.90
C ARG A 53 -1.95 -2.07 -4.83
N GLN A 54 -3.24 -2.19 -4.49
CA GLN A 54 -3.67 -3.14 -3.47
C GLN A 54 -4.42 -4.30 -4.11
N GLU A 55 -4.15 -5.51 -3.62
CA GLU A 55 -4.81 -6.71 -4.15
C GLU A 55 -6.31 -6.67 -3.89
N GLN A 56 -6.69 -6.08 -2.76
CA GLN A 56 -8.10 -5.97 -2.39
C GLN A 56 -8.63 -4.57 -2.68
N GLY A 57 -7.73 -3.67 -3.03
CA GLY A 57 -8.13 -2.30 -3.33
C GLY A 57 -8.38 -1.48 -2.07
N ASP A 58 -9.58 -1.60 -1.51
CA ASP A 58 -9.93 -0.86 -0.30
C ASP A 58 -9.96 0.64 -0.58
N VAL A 59 -10.75 1.03 -1.58
CA VAL A 59 -10.87 2.44 -1.94
C VAL A 59 -10.89 3.32 -0.69
N LEU A 60 -11.52 2.84 0.37
CA LEU A 60 -11.60 3.59 1.62
C LEU A 60 -10.35 4.41 1.85
N THR A 61 -10.52 5.72 2.00
CA THR A 61 -9.40 6.62 2.23
C THR A 61 -8.40 6.01 3.22
N THR A 62 -7.24 5.63 2.72
CA THR A 62 -6.20 5.04 3.55
C THR A 62 -4.93 5.88 3.53
N LYS A 63 -4.31 6.02 4.70
CA LYS A 63 -3.09 6.81 4.82
C LYS A 63 -1.86 5.91 4.73
N TYR A 64 -0.95 6.24 3.81
CA TYR A 64 0.26 5.45 3.62
C TYR A 64 1.50 6.27 3.99
N GLN A 65 2.55 5.59 4.42
CA GLN A 65 3.79 6.25 4.81
C GLN A 65 4.96 5.75 3.96
N VAL A 66 5.39 6.58 3.02
CA VAL A 66 6.51 6.23 2.15
C VAL A 66 7.85 6.62 2.77
N ASP A 67 8.73 5.64 2.93
CA ASP A 67 10.05 5.89 3.51
C ASP A 67 11.15 5.47 2.54
N LEU A 68 11.85 6.47 2.00
CA LEU A 68 12.93 6.22 1.06
C LEU A 68 14.15 5.65 1.77
N GLY A 69 14.53 6.27 2.88
CA GLY A 69 15.68 5.81 3.64
C GLY A 69 16.80 6.82 3.66
N ASP A 70 17.28 7.19 2.48
CA ASP A 70 18.36 8.16 2.37
C ASP A 70 18.11 9.37 3.27
N GLY A 71 17.01 10.06 3.03
CA GLY A 71 16.68 11.23 3.82
C GLY A 71 15.41 11.91 3.35
N PHE A 72 14.50 11.14 2.75
CA PHE A 72 13.24 11.66 2.25
C PHE A 72 12.06 11.01 2.95
N LYS A 73 11.16 11.83 3.47
CA LYS A 73 9.97 11.32 4.16
C LYS A 73 8.72 12.11 3.74
N ALA A 74 7.61 11.39 3.58
CA ALA A 74 6.36 12.01 3.18
C ALA A 74 5.19 11.04 3.35
N MET A 75 4.00 11.58 3.58
CA MET A 75 2.80 10.76 3.74
C MET A 75 1.77 11.08 2.66
N TYR A 76 1.45 10.08 1.86
CA TYR A 76 0.47 10.25 0.79
C TYR A 76 -0.81 9.46 1.07
N VAL A 77 -1.91 10.17 1.22
CA VAL A 77 -3.20 9.53 1.49
C VAL A 77 -3.90 9.13 0.19
N ASN A 78 -4.89 8.26 0.32
CA ASN A 78 -5.65 7.79 -0.84
C ASN A 78 -4.73 7.64 -2.05
N LEU A 79 -3.51 7.20 -1.82
CA LEU A 79 -2.54 7.00 -2.89
C LEU A 79 -3.10 6.11 -3.99
N THR A 80 -3.64 4.96 -3.59
CA THR A 80 -4.21 4.02 -4.53
C THR A 80 -5.27 4.68 -5.40
N LEU A 81 -6.18 5.41 -4.75
CA LEU A 81 -7.26 6.09 -5.46
C LEU A 81 -6.69 7.07 -6.48
N THR A 82 -5.78 7.93 -6.03
CA THR A 82 -5.18 8.92 -6.91
C THR A 82 -4.32 8.25 -7.99
N GLY A 83 -3.87 7.03 -7.70
CA GLY A 83 -3.07 6.30 -8.66
C GLY A 83 -1.93 7.14 -9.21
N GLU A 84 -1.31 7.94 -8.35
CA GLU A 84 -0.21 8.81 -8.78
C GLU A 84 1.14 8.20 -8.37
N PRO A 85 2.06 8.12 -9.34
CA PRO A 85 3.40 7.57 -9.11
C PRO A 85 4.25 8.47 -8.23
N ILE A 86 5.15 7.86 -7.46
CA ILE A 86 6.03 8.60 -6.57
C ILE A 86 7.39 8.85 -7.22
N ARG A 87 7.55 10.02 -7.82
CA ARG A 87 8.80 10.38 -8.47
C ARG A 87 9.88 10.73 -7.45
N HIS A 88 11.08 10.21 -7.64
CA HIS A 88 12.19 10.46 -6.73
C HIS A 88 13.53 10.28 -7.45
N ARG A 89 14.45 11.21 -7.20
CA ARG A 89 15.78 11.15 -7.81
C ARG A 89 16.87 10.98 -6.76
N TYR A 90 17.92 10.27 -7.13
CA TYR A 90 19.04 10.04 -6.20
C TYR A 90 20.24 10.92 -6.56
N GLU A 91 21.20 10.96 -5.66
CA GLU A 91 22.40 11.77 -5.88
C GLU A 91 23.61 10.88 -6.14
N SER A 92 23.66 9.73 -5.47
CA SER A 92 24.76 8.79 -5.63
C SER A 92 24.24 7.36 -5.73
N PRO A 93 25.06 6.48 -6.33
CA PRO A 93 24.70 5.06 -6.50
C PRO A 93 24.68 4.30 -5.18
N GLY A 94 24.21 3.07 -5.22
CA GLY A 94 24.14 2.25 -4.03
C GLY A 94 22.73 1.79 -3.71
N ILE A 95 22.57 0.50 -3.44
CA ILE A 95 21.28 -0.06 -3.12
C ILE A 95 20.59 0.72 -2.01
N TYR A 96 19.32 1.05 -2.21
CA TYR A 96 18.55 1.79 -1.23
C TYR A 96 17.48 0.92 -0.58
N ARG A 97 17.01 1.33 0.59
CA ARG A 97 15.99 0.59 1.31
C ARG A 97 14.68 1.35 1.35
N VAL A 98 13.70 0.88 0.58
CA VAL A 98 12.39 1.53 0.52
C VAL A 98 11.34 0.70 1.25
N SER A 99 10.49 1.38 2.03
CA SER A 99 9.44 0.70 2.78
C SER A 99 8.18 1.56 2.85
N VAL A 100 7.03 0.91 2.95
CA VAL A 100 5.76 1.62 3.02
C VAL A 100 4.87 1.03 4.13
N ARG A 101 4.17 1.91 4.85
CA ARG A 101 3.30 1.49 5.92
C ARG A 101 1.89 2.05 5.73
N ALA A 102 0.89 1.26 6.09
CA ALA A 102 -0.50 1.67 5.96
C ALA A 102 -1.34 1.19 7.14
N GLU A 103 -2.23 2.05 7.62
CA GLU A 103 -3.09 1.70 8.74
C GLU A 103 -4.48 2.29 8.56
N ASN A 104 -5.46 1.41 8.34
CA ASN A 104 -6.85 1.85 8.15
C ASN A 104 -7.71 1.43 9.34
N THR A 105 -8.87 2.08 9.46
CA THR A 105 -9.79 1.78 10.56
C THR A 105 -9.86 0.28 10.82
N ALA A 106 -9.72 -0.52 9.76
CA ALA A 106 -9.77 -1.96 9.89
C ALA A 106 -8.47 -2.51 10.49
N GLY A 107 -7.41 -2.50 9.69
CA GLY A 107 -6.13 -2.99 10.17
C GLY A 107 -4.97 -2.17 9.65
N HIS A 108 -3.84 -2.84 9.41
CA HIS A 108 -2.64 -2.16 8.91
C HIS A 108 -1.72 -3.14 8.19
N ASP A 109 -0.93 -2.64 7.26
CA ASP A 109 0.00 -3.47 6.51
C ASP A 109 1.28 -2.70 6.19
N GLU A 110 2.27 -3.41 5.67
CA GLU A 110 3.55 -2.80 5.33
C GLU A 110 4.24 -3.57 4.21
N ALA A 111 5.13 -2.89 3.49
CA ALA A 111 5.86 -3.52 2.39
C ALA A 111 7.28 -2.95 2.28
N VAL A 112 8.11 -3.62 1.48
CA VAL A 112 9.49 -3.18 1.29
C VAL A 112 9.93 -3.40 -0.14
N LEU A 113 10.92 -2.62 -0.58
CA LEU A 113 11.44 -2.73 -1.93
C LEU A 113 12.91 -2.30 -1.99
N PHE A 114 13.75 -3.14 -2.59
CA PHE A 114 15.17 -2.84 -2.72
C PHE A 114 15.50 -2.35 -4.12
N VAL A 115 16.01 -1.13 -4.21
CA VAL A 115 16.38 -0.55 -5.49
C VAL A 115 17.88 -0.66 -5.74
N GLN A 116 18.25 -1.39 -6.80
CA GLN A 116 19.65 -1.58 -7.15
C GLN A 116 20.12 -0.50 -8.12
N VAL A 117 21.06 0.32 -7.67
CA VAL A 117 21.60 1.40 -8.50
C VAL A 117 23.12 1.31 -8.60
N SER A 118 23.62 1.18 -9.83
CA SER A 118 25.05 1.09 -10.06
C SER A 118 25.61 2.42 -10.54
N GLY A 119 26.73 2.84 -9.95
CA GLY A 119 27.35 4.09 -10.33
C GLY A 119 27.55 4.20 -11.83
N PRO A 120 28.02 5.38 -12.28
CA PRO A 120 28.26 5.65 -13.70
C PRO A 120 29.44 4.85 -14.24
N SER A 121 30.05 4.04 -13.38
CA SER A 121 31.19 3.23 -13.78
C SER A 121 32.35 4.11 -14.23
N SER A 122 32.75 5.04 -13.37
CA SER A 122 33.84 5.96 -13.67
C SER A 122 34.96 5.84 -12.64
N GLY A 123 36.19 6.14 -13.05
CA GLY A 123 37.32 6.06 -12.16
C GLY A 123 38.06 7.38 -12.04
N GLY A 1 -75.80 -34.92 38.37
CA GLY A 1 -74.36 -34.80 38.37
C GLY A 1 -73.71 -35.59 37.25
N SER A 2 -72.45 -35.28 36.95
CA SER A 2 -71.72 -35.96 35.90
C SER A 2 -70.26 -35.51 35.86
N SER A 3 -69.38 -36.40 35.45
CA SER A 3 -67.96 -36.09 35.36
C SER A 3 -67.23 -37.11 34.48
N GLY A 4 -66.01 -36.76 34.08
CA GLY A 4 -65.23 -37.65 33.24
C GLY A 4 -63.93 -37.01 32.77
N SER A 5 -63.06 -37.82 32.19
CA SER A 5 -61.77 -37.33 31.69
C SER A 5 -61.45 -37.93 30.32
N SER A 6 -60.70 -37.19 29.52
CA SER A 6 -60.32 -37.64 28.19
C SER A 6 -58.83 -37.96 28.12
N GLY A 7 -58.01 -36.95 28.39
CA GLY A 7 -56.57 -37.13 28.36
C GLY A 7 -55.99 -36.93 26.98
N CYS A 8 -54.68 -37.06 26.86
CA CYS A 8 -54.00 -36.90 25.57
C CYS A 8 -52.55 -37.38 25.66
N GLU A 9 -51.85 -37.30 24.54
CA GLU A 9 -50.45 -37.74 24.49
C GLU A 9 -49.72 -37.06 23.33
N GLY A 10 -48.45 -36.74 23.55
CA GLY A 10 -47.66 -36.10 22.52
C GLY A 10 -46.30 -35.64 23.03
N GLY A 11 -45.44 -35.21 22.11
CA GLY A 11 -44.12 -34.74 22.50
C GLY A 11 -43.38 -34.10 21.34
N VAL A 12 -43.17 -32.79 21.42
CA VAL A 12 -42.47 -32.06 20.38
C VAL A 12 -41.57 -30.98 20.97
N ASP A 13 -40.38 -30.82 20.39
CA ASP A 13 -39.43 -29.82 20.86
C ASP A 13 -38.50 -29.39 19.74
N MET A 14 -38.40 -28.09 19.52
CA MET A 14 -37.54 -27.55 18.46
C MET A 14 -37.05 -26.16 18.84
N GLN A 15 -35.89 -25.78 18.28
CA GLN A 15 -35.31 -24.47 18.56
C GLN A 15 -34.74 -23.85 17.29
N GLN A 16 -35.19 -22.63 16.99
CA GLN A 16 -34.72 -21.92 15.81
C GLN A 16 -34.49 -20.45 16.10
N SER A 17 -33.47 -19.87 15.47
CA SER A 17 -33.14 -18.46 15.67
C SER A 17 -32.06 -18.01 14.70
N GLN A 18 -32.35 -16.95 13.96
CA GLN A 18 -31.40 -16.42 12.98
C GLN A 18 -31.25 -14.91 13.13
N VAL A 19 -30.11 -14.48 13.68
CA VAL A 19 -29.86 -13.06 13.88
C VAL A 19 -28.75 -12.58 12.95
N GLN A 20 -29.03 -11.50 12.22
CA GLN A 20 -28.06 -10.93 11.29
C GLN A 20 -27.81 -9.45 11.59
N LEU A 21 -26.55 -9.05 11.57
CA LEU A 21 -26.18 -7.67 11.85
C LEU A 21 -25.14 -7.18 10.85
N GLN A 22 -24.78 -5.90 10.95
CA GLN A 22 -23.78 -5.31 10.07
C GLN A 22 -22.37 -5.74 10.46
N CYS A 23 -21.48 -5.81 9.48
CA CYS A 23 -20.11 -6.22 9.73
C CYS A 23 -19.16 -5.04 9.51
N PRO A 24 -18.03 -5.04 10.25
CA PRO A 24 -17.02 -3.98 10.15
C PRO A 24 -16.27 -4.02 8.83
N LEU A 25 -15.21 -3.23 8.73
CA LEU A 25 -14.41 -3.16 7.51
C LEU A 25 -13.36 -4.28 7.50
N THR A 26 -12.57 -4.33 6.42
CA THR A 26 -11.53 -5.34 6.29
C THR A 26 -10.15 -4.70 6.16
N PRO A 27 -9.12 -5.39 6.66
CA PRO A 27 -7.74 -4.92 6.60
C PRO A 27 -7.18 -4.92 5.18
N PRO A 28 -6.29 -3.96 4.90
CA PRO A 28 -5.67 -3.84 3.58
C PRO A 28 -4.68 -4.96 3.29
N ARG A 29 -5.05 -5.84 2.38
CA ARG A 29 -4.21 -6.98 2.01
C ARG A 29 -3.70 -6.84 0.58
N GLY A 30 -2.48 -7.28 0.34
CA GLY A 30 -1.90 -7.19 -0.99
C GLY A 30 -1.22 -5.87 -1.25
N LEU A 31 -1.25 -4.99 -0.24
CA LEU A 31 -0.64 -3.67 -0.36
C LEU A 31 0.88 -3.78 -0.50
N GLN A 32 1.40 -3.38 -1.65
CA GLN A 32 2.84 -3.43 -1.90
C GLN A 32 3.25 -2.36 -2.92
N VAL A 33 4.54 -2.07 -2.96
CA VAL A 33 5.07 -1.07 -3.88
C VAL A 33 5.87 -1.73 -5.01
N SER A 34 5.86 -1.10 -6.17
CA SER A 34 6.58 -1.62 -7.32
C SER A 34 7.11 -0.49 -8.20
N ILE A 35 8.23 -0.74 -8.88
CA ILE A 35 8.84 0.26 -9.75
C ILE A 35 8.18 0.26 -11.13
N GLN A 36 7.59 1.39 -11.49
CA GLN A 36 6.93 1.53 -12.78
C GLN A 36 7.68 0.77 -13.86
N GLY A 37 7.26 -0.46 -14.12
CA GLY A 37 7.90 -1.28 -15.13
C GLY A 37 9.05 -2.09 -14.56
N GLU A 38 9.23 -3.30 -15.08
CA GLU A 38 10.31 -4.18 -14.63
C GLU A 38 11.66 -3.55 -14.88
N ALA A 39 12.33 -3.12 -13.80
CA ALA A 39 13.65 -2.51 -13.91
C ALA A 39 14.72 -3.42 -13.35
N VAL A 40 15.98 -3.13 -13.70
CA VAL A 40 17.10 -3.92 -13.23
C VAL A 40 18.12 -3.06 -12.48
N ALA A 41 18.70 -2.09 -13.19
CA ALA A 41 19.68 -1.21 -12.58
C ALA A 41 19.46 0.24 -13.04
N VAL A 42 19.22 1.13 -12.09
CA VAL A 42 18.99 2.54 -12.38
C VAL A 42 20.25 3.36 -12.13
N ARG A 43 20.34 4.51 -12.80
CA ARG A 43 21.49 5.38 -12.64
C ARG A 43 21.22 6.45 -11.59
N PRO A 44 22.30 6.97 -10.98
CA PRO A 44 22.20 8.00 -9.94
C PRO A 44 21.76 9.35 -10.51
N GLY A 45 20.64 9.86 -10.01
CA GLY A 45 20.14 11.14 -10.49
C GLY A 45 18.95 10.99 -11.41
N GLU A 46 18.46 9.76 -11.55
CA GLU A 46 17.32 9.49 -12.42
C GLU A 46 16.03 9.39 -11.60
N ASP A 47 15.09 10.28 -11.89
CA ASP A 47 13.81 10.29 -11.18
C ASP A 47 13.08 8.96 -11.36
N VAL A 48 13.20 8.09 -10.36
CA VAL A 48 12.56 6.79 -10.40
C VAL A 48 11.09 6.89 -10.01
N LEU A 49 10.26 6.04 -10.64
CA LEU A 49 8.82 6.04 -10.35
C LEU A 49 8.44 4.84 -9.50
N PHE A 50 7.67 5.09 -8.44
CA PHE A 50 7.24 4.02 -7.55
C PHE A 50 5.71 3.92 -7.53
N VAL A 51 5.19 2.86 -8.13
CA VAL A 51 3.74 2.65 -8.19
C VAL A 51 3.25 1.93 -6.93
N VAL A 52 2.08 2.34 -6.45
CA VAL A 52 1.49 1.73 -5.26
C VAL A 52 0.09 1.19 -5.55
N ARG A 53 -0.10 -0.10 -5.27
CA ARG A 53 -1.39 -0.74 -5.49
C ARG A 53 -1.53 -1.99 -4.64
N GLN A 54 -2.74 -2.23 -4.14
CA GLN A 54 -3.01 -3.40 -3.30
C GLN A 54 -3.90 -4.39 -4.04
N GLU A 55 -3.87 -5.65 -3.59
CA GLU A 55 -4.67 -6.70 -4.20
C GLU A 55 -6.13 -6.54 -3.82
N GLN A 56 -6.38 -6.12 -2.59
CA GLN A 56 -7.75 -5.93 -2.10
C GLN A 56 -8.38 -4.70 -2.73
N GLY A 57 -7.55 -3.76 -3.15
CA GLY A 57 -8.06 -2.54 -3.77
C GLY A 57 -9.22 -1.95 -3.00
N ASP A 58 -9.87 -0.94 -3.59
CA ASP A 58 -11.00 -0.28 -2.95
C ASP A 58 -10.54 0.51 -1.74
N VAL A 59 -9.37 1.13 -1.84
CA VAL A 59 -8.83 1.92 -0.75
C VAL A 59 -9.94 2.60 0.04
N LEU A 60 -9.78 2.62 1.36
CA LEU A 60 -10.77 3.23 2.24
C LEU A 60 -10.12 4.27 3.15
N THR A 61 -9.68 5.38 2.55
CA THR A 61 -9.04 6.44 3.31
C THR A 61 -7.88 5.91 4.15
N THR A 62 -7.06 5.07 3.52
CA THR A 62 -5.91 4.49 4.20
C THR A 62 -4.64 5.28 3.92
N LYS A 63 -4.00 5.77 4.98
CA LYS A 63 -2.78 6.55 4.85
C LYS A 63 -1.61 5.65 4.45
N TYR A 64 -0.63 6.24 3.75
CA TYR A 64 0.55 5.50 3.32
C TYR A 64 1.82 6.29 3.56
N GLN A 65 2.82 5.64 4.13
CA GLN A 65 4.09 6.28 4.42
C GLN A 65 5.20 5.74 3.52
N VAL A 66 5.69 6.60 2.63
CA VAL A 66 6.75 6.21 1.71
C VAL A 66 8.12 6.66 2.21
N ASP A 67 8.98 5.70 2.51
CA ASP A 67 10.32 6.00 3.01
C ASP A 67 11.38 5.64 1.96
N LEU A 68 11.99 6.66 1.38
CA LEU A 68 13.02 6.46 0.36
C LEU A 68 14.21 5.71 0.94
N GLY A 69 14.52 5.98 2.20
CA GLY A 69 15.64 5.32 2.85
C GLY A 69 16.70 6.29 3.31
N ASP A 70 17.35 6.96 2.37
CA ASP A 70 18.39 7.93 2.68
C ASP A 70 17.92 8.89 3.77
N GLY A 71 16.99 9.77 3.40
CA GLY A 71 16.47 10.73 4.36
C GLY A 71 15.24 11.46 3.84
N PHE A 72 14.55 10.84 2.89
CA PHE A 72 13.36 11.43 2.30
C PHE A 72 12.14 10.52 2.49
N LYS A 73 11.17 10.99 3.27
CA LYS A 73 9.97 10.21 3.54
C LYS A 73 8.74 11.11 3.57
N ALA A 74 7.67 10.66 2.94
CA ALA A 74 6.42 11.43 2.89
C ALA A 74 5.21 10.52 3.07
N MET A 75 4.11 11.10 3.53
CA MET A 75 2.88 10.34 3.75
C MET A 75 1.84 10.67 2.69
N TYR A 76 1.56 9.69 1.83
CA TYR A 76 0.59 9.88 0.76
C TYR A 76 -0.75 9.24 1.12
N VAL A 77 -1.82 10.04 1.09
CA VAL A 77 -3.15 9.55 1.41
C VAL A 77 -3.90 9.13 0.15
N ASN A 78 -4.80 8.16 0.30
CA ASN A 78 -5.59 7.68 -0.83
C ASN A 78 -4.72 7.52 -2.07
N LEU A 79 -3.43 7.33 -1.86
CA LEU A 79 -2.49 7.18 -2.97
C LEU A 79 -2.99 6.13 -3.96
N THR A 80 -3.39 4.98 -3.44
CA THR A 80 -3.89 3.90 -4.27
C THR A 80 -5.12 4.32 -5.06
N LEU A 81 -5.77 5.40 -4.59
CA LEU A 81 -6.96 5.91 -5.25
C LEU A 81 -6.60 6.83 -6.41
N THR A 82 -5.63 7.71 -6.17
CA THR A 82 -5.17 8.65 -7.20
C THR A 82 -4.37 7.93 -8.28
N GLY A 83 -3.90 6.73 -7.97
CA GLY A 83 -3.13 5.96 -8.92
C GLY A 83 -1.93 6.73 -9.44
N GLU A 84 -1.56 7.79 -8.74
CA GLU A 84 -0.41 8.61 -9.13
C GLU A 84 0.88 8.05 -8.59
N PRO A 85 1.89 7.93 -9.47
CA PRO A 85 3.20 7.39 -9.09
C PRO A 85 3.97 8.34 -8.18
N ILE A 86 5.15 7.91 -7.74
CA ILE A 86 5.99 8.72 -6.87
C ILE A 86 7.31 9.08 -7.55
N ARG A 87 7.39 10.31 -8.04
CA ARG A 87 8.60 10.78 -8.70
C ARG A 87 9.65 11.24 -7.70
N HIS A 88 10.86 10.71 -7.84
CA HIS A 88 11.95 11.07 -6.94
C HIS A 88 13.29 10.64 -7.51
N ARG A 89 14.30 11.50 -7.37
CA ARG A 89 15.63 11.21 -7.89
C ARG A 89 16.64 11.10 -6.74
N TYR A 90 17.80 10.52 -7.04
CA TYR A 90 18.85 10.35 -6.04
C TYR A 90 20.04 11.24 -6.35
N GLU A 91 20.91 11.43 -5.36
CA GLU A 91 22.10 12.26 -5.52
C GLU A 91 23.33 11.40 -5.81
N SER A 92 23.55 10.40 -4.97
CA SER A 92 24.69 9.51 -5.14
C SER A 92 24.24 8.05 -5.25
N PRO A 93 25.06 7.23 -5.93
CA PRO A 93 24.76 5.81 -6.13
C PRO A 93 24.86 5.00 -4.84
N GLY A 94 24.03 3.97 -4.72
CA GLY A 94 24.04 3.14 -3.54
C GLY A 94 22.68 2.53 -3.24
N ILE A 95 22.67 1.24 -2.92
CA ILE A 95 21.42 0.54 -2.62
C ILE A 95 20.53 1.38 -1.73
N TYR A 96 19.22 1.34 -2.00
CA TYR A 96 18.25 2.10 -1.22
C TYR A 96 17.17 1.19 -0.66
N ARG A 97 16.71 1.51 0.54
CA ARG A 97 15.67 0.71 1.21
C ARG A 97 14.34 1.45 1.19
N VAL A 98 13.44 1.02 0.31
CA VAL A 98 12.12 1.63 0.20
C VAL A 98 11.06 0.80 0.92
N SER A 99 10.09 1.48 1.52
CA SER A 99 9.03 0.81 2.25
C SER A 99 7.70 1.54 2.06
N VAL A 100 6.64 0.97 2.63
CA VAL A 100 5.31 1.57 2.52
C VAL A 100 4.42 1.14 3.68
N ARG A 101 4.20 2.05 4.62
CA ARG A 101 3.37 1.76 5.79
C ARG A 101 1.89 1.99 5.47
N ALA A 102 1.02 1.38 6.26
CA ALA A 102 -0.42 1.51 6.07
C ALA A 102 -1.18 1.12 7.32
N GLU A 103 -1.90 2.08 7.90
CA GLU A 103 -2.68 1.83 9.10
C GLU A 103 -4.08 2.41 8.99
N ASN A 104 -5.08 1.54 8.84
CA ASN A 104 -6.46 1.97 8.71
C ASN A 104 -7.29 1.50 9.90
N THR A 105 -8.52 2.01 10.00
CA THR A 105 -9.42 1.65 11.09
C THR A 105 -9.51 0.13 11.25
N ALA A 106 -9.64 -0.56 10.12
CA ALA A 106 -9.74 -2.02 10.13
C ALA A 106 -8.44 -2.66 10.61
N GLY A 107 -7.39 -2.55 9.81
CA GLY A 107 -6.11 -3.11 10.18
C GLY A 107 -4.94 -2.29 9.68
N HIS A 108 -3.89 -2.97 9.23
CA HIS A 108 -2.70 -2.28 8.74
C HIS A 108 -1.88 -3.21 7.83
N ASP A 109 -1.08 -2.61 6.96
CA ASP A 109 -0.25 -3.39 6.04
C ASP A 109 1.01 -2.61 5.66
N GLU A 110 2.15 -3.29 5.70
CA GLU A 110 3.43 -2.66 5.37
C GLU A 110 4.23 -3.54 4.42
N ALA A 111 4.90 -2.91 3.46
CA ALA A 111 5.71 -3.62 2.49
C ALA A 111 7.13 -3.10 2.45
N VAL A 112 8.03 -3.83 1.80
CA VAL A 112 9.42 -3.43 1.70
C VAL A 112 10.00 -3.78 0.33
N LEU A 113 10.56 -2.80 -0.35
CA LEU A 113 11.14 -3.00 -1.67
C LEU A 113 12.58 -2.48 -1.71
N PHE A 114 13.48 -3.31 -2.24
CA PHE A 114 14.88 -2.93 -2.35
C PHE A 114 15.21 -2.42 -3.74
N VAL A 115 15.91 -1.29 -3.80
CA VAL A 115 16.29 -0.70 -5.07
C VAL A 115 17.81 -0.54 -5.18
N GLN A 116 18.40 -1.21 -6.16
CA GLN A 116 19.84 -1.15 -6.38
C GLN A 116 20.18 -0.19 -7.50
N VAL A 117 20.82 0.93 -7.14
CA VAL A 117 21.20 1.93 -8.12
C VAL A 117 22.70 1.85 -8.43
N SER A 118 23.02 1.45 -9.66
CA SER A 118 24.41 1.34 -10.07
C SER A 118 24.97 2.68 -10.53
N GLY A 119 26.15 3.04 -10.04
CA GLY A 119 26.76 4.30 -10.40
C GLY A 119 27.61 4.19 -11.66
N PRO A 120 28.39 5.24 -11.94
CA PRO A 120 29.27 5.28 -13.12
C PRO A 120 30.44 4.31 -13.00
N SER A 121 30.22 3.06 -13.39
CA SER A 121 31.25 2.03 -13.33
C SER A 121 31.50 1.43 -14.71
N SER A 122 32.74 1.48 -15.14
CA SER A 122 33.12 0.94 -16.44
C SER A 122 33.51 -0.53 -16.34
N GLY A 123 34.37 -0.84 -15.37
CA GLY A 123 34.80 -2.21 -15.17
C GLY A 123 36.31 -2.37 -15.32
N GLY A 1 -67.52 -52.45 13.54
CA GLY A 1 -66.77 -51.34 14.09
C GLY A 1 -66.62 -50.19 13.11
N SER A 2 -65.38 -49.82 12.84
CA SER A 2 -65.09 -48.72 11.92
C SER A 2 -63.80 -48.99 11.15
N SER A 3 -63.79 -48.59 9.88
CA SER A 3 -62.61 -48.79 9.03
C SER A 3 -61.44 -47.95 9.52
N GLY A 4 -61.63 -46.63 9.54
CA GLY A 4 -60.57 -45.74 9.98
C GLY A 4 -60.28 -44.64 8.99
N SER A 5 -59.79 -43.51 9.48
CA SER A 5 -59.47 -42.37 8.62
C SER A 5 -58.31 -41.57 9.20
N SER A 6 -57.20 -41.54 8.46
CA SER A 6 -56.01 -40.82 8.90
C SER A 6 -55.54 -39.85 7.81
N GLY A 7 -54.95 -38.74 8.24
CA GLY A 7 -54.45 -37.75 7.30
C GLY A 7 -53.47 -36.79 7.92
N CYS A 8 -52.36 -36.55 7.22
CA CYS A 8 -51.33 -35.64 7.72
C CYS A 8 -50.57 -35.00 6.57
N GLU A 9 -50.60 -33.66 6.52
CA GLU A 9 -49.92 -32.93 5.46
C GLU A 9 -49.62 -31.50 5.90
N GLY A 10 -48.75 -30.82 5.16
CA GLY A 10 -48.39 -29.45 5.48
C GLY A 10 -46.90 -29.27 5.66
N GLY A 11 -46.35 -28.24 5.00
CA GLY A 11 -44.93 -27.98 5.09
C GLY A 11 -44.50 -26.82 4.21
N VAL A 12 -43.40 -27.00 3.49
CA VAL A 12 -42.87 -25.97 2.61
C VAL A 12 -43.14 -24.58 3.18
N ASP A 13 -43.02 -24.45 4.50
CA ASP A 13 -43.25 -23.18 5.18
C ASP A 13 -41.97 -22.68 5.83
N MET A 14 -41.65 -21.40 5.61
CA MET A 14 -40.45 -20.80 6.19
C MET A 14 -40.79 -19.50 6.90
N GLN A 15 -39.99 -19.15 7.90
CA GLN A 15 -40.20 -17.93 8.66
C GLN A 15 -39.27 -16.82 8.18
N GLN A 16 -39.75 -15.58 8.26
CA GLN A 16 -38.96 -14.44 7.82
C GLN A 16 -38.33 -13.73 9.02
N SER A 17 -37.42 -12.79 8.74
CA SER A 17 -36.76 -12.05 9.79
C SER A 17 -36.14 -10.76 9.24
N GLN A 18 -36.48 -9.63 9.85
CA GLN A 18 -35.97 -8.34 9.43
C GLN A 18 -34.86 -7.86 10.35
N VAL A 19 -33.63 -8.26 10.05
CA VAL A 19 -32.49 -7.87 10.85
C VAL A 19 -31.34 -7.37 9.98
N GLN A 20 -31.27 -6.04 9.82
CA GLN A 20 -30.24 -5.43 9.00
C GLN A 20 -29.39 -4.46 9.83
N LEU A 21 -28.29 -4.96 10.36
CA LEU A 21 -27.39 -4.15 11.17
C LEU A 21 -26.14 -3.77 10.39
N GLN A 22 -25.55 -2.63 10.75
CA GLN A 22 -24.34 -2.16 10.08
C GLN A 22 -23.19 -3.15 10.25
N CYS A 23 -22.33 -3.23 9.25
CA CYS A 23 -21.20 -4.14 9.28
C CYS A 23 -19.89 -3.38 9.44
N PRO A 24 -18.91 -4.00 10.11
CA PRO A 24 -17.60 -3.40 10.34
C PRO A 24 -16.77 -3.27 9.06
N LEU A 25 -15.57 -2.73 9.19
CA LEU A 25 -14.68 -2.55 8.05
C LEU A 25 -13.72 -3.72 7.91
N THR A 26 -13.03 -3.79 6.78
CA THR A 26 -12.08 -4.87 6.53
C THR A 26 -10.66 -4.32 6.39
N PRO A 27 -9.67 -5.15 6.76
CA PRO A 27 -8.26 -4.76 6.67
C PRO A 27 -7.77 -4.66 5.24
N PRO A 28 -6.61 -3.99 5.05
CA PRO A 28 -6.02 -3.80 3.73
C PRO A 28 -5.46 -5.09 3.16
N ARG A 29 -5.41 -5.18 1.83
CA ARG A 29 -4.90 -6.37 1.15
C ARG A 29 -4.12 -5.98 -0.10
N GLY A 30 -3.31 -6.92 -0.58
CA GLY A 30 -2.51 -6.66 -1.77
C GLY A 30 -1.84 -5.30 -1.75
N LEU A 31 -1.21 -4.97 -0.63
CA LEU A 31 -0.53 -3.69 -0.48
C LEU A 31 0.97 -3.84 -0.61
N GLN A 32 1.52 -3.35 -1.72
CA GLN A 32 2.95 -3.44 -1.97
C GLN A 32 3.39 -2.38 -2.98
N VAL A 33 4.71 -2.21 -3.11
CA VAL A 33 5.26 -1.23 -4.04
C VAL A 33 6.10 -1.91 -5.11
N SER A 34 6.14 -1.31 -6.30
CA SER A 34 6.91 -1.86 -7.40
C SER A 34 7.45 -0.74 -8.30
N ILE A 35 8.61 -0.99 -8.90
CA ILE A 35 9.22 0.00 -9.79
C ILE A 35 8.74 -0.16 -11.22
N GLN A 36 8.13 0.91 -11.76
CA GLN A 36 7.62 0.88 -13.12
C GLN A 36 8.52 0.05 -14.03
N GLY A 37 8.17 -1.23 -14.18
CA GLY A 37 8.95 -2.11 -15.02
C GLY A 37 10.09 -2.77 -14.27
N GLU A 38 10.36 -4.04 -14.58
CA GLU A 38 11.42 -4.79 -13.93
C GLU A 38 12.75 -4.07 -14.06
N ALA A 39 13.23 -3.48 -12.96
CA ALA A 39 14.50 -2.76 -12.96
C ALA A 39 15.55 -3.53 -12.18
N VAL A 40 16.82 -3.13 -12.35
CA VAL A 40 17.92 -3.77 -11.67
C VAL A 40 18.82 -2.75 -10.98
N ALA A 41 19.14 -1.68 -11.71
CA ALA A 41 19.98 -0.62 -11.17
C ALA A 41 19.44 0.76 -11.55
N VAL A 42 19.25 1.62 -10.56
CA VAL A 42 18.74 2.96 -10.78
C VAL A 42 19.88 3.97 -10.83
N ARG A 43 19.73 4.98 -11.70
CA ARG A 43 20.75 6.01 -11.83
C ARG A 43 20.74 6.95 -10.63
N PRO A 44 21.95 7.37 -10.21
CA PRO A 44 22.11 8.26 -9.06
C PRO A 44 21.61 9.68 -9.34
N GLY A 45 20.31 9.87 -9.18
CA GLY A 45 19.73 11.19 -9.42
C GLY A 45 18.69 11.16 -10.53
N GLU A 46 18.21 9.96 -10.86
CA GLU A 46 17.21 9.80 -11.91
C GLU A 46 15.83 9.53 -11.32
N ASP A 47 14.93 10.48 -11.48
CA ASP A 47 13.57 10.36 -10.95
C ASP A 47 12.99 8.98 -11.30
N VAL A 48 12.82 8.15 -10.28
CA VAL A 48 12.27 6.81 -10.47
C VAL A 48 10.75 6.80 -10.28
N LEU A 49 10.08 5.92 -11.02
CA LEU A 49 8.63 5.80 -10.93
C LEU A 49 8.22 4.55 -10.16
N PHE A 50 7.51 4.74 -9.05
CA PHE A 50 7.06 3.62 -8.23
C PHE A 50 5.54 3.47 -8.33
N VAL A 51 5.11 2.36 -8.91
CA VAL A 51 3.68 2.10 -9.05
C VAL A 51 3.09 1.55 -7.76
N VAL A 52 1.89 2.01 -7.43
CA VAL A 52 1.21 1.57 -6.21
C VAL A 52 -0.19 1.05 -6.51
N ARG A 53 -0.58 0.00 -5.81
CA ARG A 53 -1.90 -0.61 -6.01
C ARG A 53 -2.32 -1.41 -4.78
N GLN A 54 -3.63 -1.50 -4.56
CA GLN A 54 -4.17 -2.23 -3.42
C GLN A 54 -5.26 -3.20 -3.85
N GLU A 55 -5.30 -4.37 -3.24
CA GLU A 55 -6.30 -5.38 -3.57
C GLU A 55 -7.71 -4.79 -3.48
N GLN A 56 -7.97 -4.05 -2.41
CA GLN A 56 -9.27 -3.43 -2.21
C GLN A 56 -9.44 -2.21 -3.10
N GLY A 57 -8.34 -1.54 -3.40
CA GLY A 57 -8.38 -0.37 -4.24
C GLY A 57 -8.68 0.90 -3.45
N ASP A 58 -9.25 1.89 -4.13
CA ASP A 58 -9.60 3.16 -3.49
C ASP A 58 -10.48 2.92 -2.27
N VAL A 59 -11.51 2.10 -2.44
CA VAL A 59 -12.44 1.79 -1.35
C VAL A 59 -11.72 1.77 0.00
N LEU A 60 -12.44 2.09 1.05
CA LEU A 60 -11.87 2.10 2.40
C LEU A 60 -10.43 2.60 2.37
N THR A 61 -10.21 3.71 1.68
CA THR A 61 -8.87 4.30 1.57
C THR A 61 -8.13 4.20 2.90
N THR A 62 -6.83 3.97 2.82
CA THR A 62 -6.00 3.85 4.01
C THR A 62 -4.72 4.67 3.87
N LYS A 63 -4.23 5.20 4.99
CA LYS A 63 -3.01 6.00 4.99
C LYS A 63 -1.81 5.16 4.57
N TYR A 64 -1.10 5.61 3.55
CA TYR A 64 0.07 4.90 3.05
C TYR A 64 1.32 5.78 3.13
N GLN A 65 2.34 5.30 3.83
CA GLN A 65 3.58 6.04 3.98
C GLN A 65 4.56 5.69 2.86
N VAL A 66 5.47 6.61 2.57
CA VAL A 66 6.46 6.40 1.52
C VAL A 66 7.86 6.75 2.02
N ASP A 67 8.61 5.71 2.41
CA ASP A 67 9.97 5.91 2.90
C ASP A 67 10.99 5.57 1.82
N LEU A 68 11.65 6.60 1.29
CA LEU A 68 12.66 6.41 0.25
C LEU A 68 13.85 5.63 0.79
N GLY A 69 14.41 6.11 1.90
CA GLY A 69 15.55 5.44 2.50
C GLY A 69 16.38 6.38 3.36
N ASP A 70 17.34 7.04 2.75
CA ASP A 70 18.21 7.96 3.47
C ASP A 70 18.38 9.27 2.69
N GLY A 71 17.40 10.15 2.78
CA GLY A 71 17.46 11.42 2.08
C GLY A 71 16.12 12.09 1.97
N PHE A 72 15.11 11.34 1.51
CA PHE A 72 13.76 11.87 1.36
C PHE A 72 12.77 11.07 2.19
N LYS A 73 11.87 11.78 2.87
CA LYS A 73 10.86 11.14 3.70
C LYS A 73 9.53 11.87 3.60
N ALA A 74 8.50 11.17 3.13
CA ALA A 74 7.18 11.76 2.99
C ALA A 74 6.08 10.70 3.14
N MET A 75 4.84 11.14 3.27
CA MET A 75 3.71 10.24 3.42
C MET A 75 2.51 10.72 2.62
N TYR A 76 2.06 9.89 1.69
CA TYR A 76 0.91 10.25 0.86
C TYR A 76 -0.33 9.47 1.27
N VAL A 77 -1.42 10.18 1.50
CA VAL A 77 -2.68 9.56 1.91
C VAL A 77 -3.60 9.36 0.72
N ASN A 78 -4.28 8.21 0.68
CA ASN A 78 -5.20 7.89 -0.41
C ASN A 78 -4.45 7.81 -1.73
N LEU A 79 -3.16 7.50 -1.67
CA LEU A 79 -2.34 7.38 -2.87
C LEU A 79 -3.04 6.54 -3.93
N THR A 80 -3.66 5.44 -3.50
CA THR A 80 -4.37 4.56 -4.42
C THR A 80 -5.54 5.28 -5.08
N LEU A 81 -6.16 6.18 -4.35
CA LEU A 81 -7.29 6.94 -4.85
C LEU A 81 -6.90 7.74 -6.10
N THR A 82 -5.95 8.66 -5.94
CA THR A 82 -5.47 9.47 -7.05
C THR A 82 -4.87 8.62 -8.15
N GLY A 83 -4.31 7.48 -7.76
CA GLY A 83 -3.71 6.58 -8.73
C GLY A 83 -2.52 7.21 -9.44
N GLU A 84 -1.71 7.96 -8.70
CA GLU A 84 -0.55 8.62 -9.26
C GLU A 84 0.74 7.97 -8.77
N PRO A 85 1.72 7.83 -9.68
CA PRO A 85 3.01 7.22 -9.36
C PRO A 85 3.86 8.09 -8.45
N ILE A 86 4.92 7.51 -7.89
CA ILE A 86 5.80 8.23 -7.00
C ILE A 86 7.12 8.57 -7.68
N ARG A 87 7.20 9.76 -8.27
CA ARG A 87 8.41 10.20 -8.96
C ARG A 87 9.39 10.86 -7.98
N HIS A 88 10.58 10.29 -7.88
CA HIS A 88 11.60 10.82 -6.98
C HIS A 88 12.98 10.31 -7.38
N ARG A 89 13.96 11.22 -7.40
CA ARG A 89 15.33 10.86 -7.76
C ARG A 89 16.22 10.85 -6.53
N TYR A 90 17.36 10.16 -6.64
CA TYR A 90 18.31 10.07 -5.53
C TYR A 90 19.47 11.03 -5.73
N GLU A 91 19.57 12.01 -4.84
CA GLU A 91 20.64 13.01 -4.92
C GLU A 91 22.00 12.33 -4.96
N SER A 92 22.17 11.29 -4.15
CA SER A 92 23.44 10.56 -4.10
C SER A 92 23.20 9.06 -4.24
N PRO A 93 24.20 8.35 -4.77
CA PRO A 93 24.14 6.90 -4.99
C PRO A 93 24.16 6.13 -3.67
N GLY A 94 23.96 4.82 -3.76
CA GLY A 94 23.96 3.99 -2.57
C GLY A 94 22.64 3.25 -2.37
N ILE A 95 22.73 1.95 -2.11
CA ILE A 95 21.54 1.14 -1.91
C ILE A 95 20.58 1.79 -0.91
N TYR A 96 19.34 2.02 -1.34
CA TYR A 96 18.34 2.65 -0.50
C TYR A 96 17.26 1.64 -0.10
N ARG A 97 16.68 1.85 1.08
CA ARG A 97 15.64 0.95 1.58
C ARG A 97 14.26 1.59 1.43
N VAL A 98 13.44 1.03 0.55
CA VAL A 98 12.10 1.54 0.32
C VAL A 98 11.06 0.75 1.09
N SER A 99 10.10 1.46 1.70
CA SER A 99 9.06 0.82 2.47
C SER A 99 7.73 1.57 2.33
N VAL A 100 6.65 0.95 2.79
CA VAL A 100 5.33 1.57 2.71
C VAL A 100 4.46 1.13 3.88
N ARG A 101 4.24 2.03 4.83
CA ARG A 101 3.42 1.74 6.00
C ARG A 101 1.94 1.93 5.69
N ALA A 102 1.09 1.20 6.40
CA ALA A 102 -0.35 1.29 6.20
C ALA A 102 -1.11 0.79 7.42
N GLU A 103 -1.89 1.68 8.02
CA GLU A 103 -2.68 1.32 9.21
C GLU A 103 -4.05 1.97 9.17
N ASN A 104 -5.07 1.15 8.93
CA ASN A 104 -6.44 1.64 8.86
C ASN A 104 -7.26 1.13 10.04
N THR A 105 -8.45 1.70 10.22
CA THR A 105 -9.33 1.31 11.31
C THR A 105 -9.43 -0.21 11.42
N ALA A 106 -9.77 -0.85 10.30
CA ALA A 106 -9.90 -2.31 10.28
C ALA A 106 -8.59 -2.98 10.68
N GLY A 107 -7.59 -2.89 9.80
CA GLY A 107 -6.31 -3.50 10.09
C GLY A 107 -5.14 -2.64 9.64
N HIS A 108 -3.98 -3.25 9.45
CA HIS A 108 -2.79 -2.54 9.03
C HIS A 108 -1.84 -3.46 8.27
N ASP A 109 -1.20 -2.93 7.23
CA ASP A 109 -0.27 -3.70 6.43
C ASP A 109 0.97 -2.88 6.07
N GLU A 110 2.01 -3.55 5.62
CA GLU A 110 3.26 -2.87 5.25
C GLU A 110 4.07 -3.73 4.27
N ALA A 111 4.88 -3.06 3.46
CA ALA A 111 5.71 -3.74 2.47
C ALA A 111 7.14 -3.22 2.50
N VAL A 112 8.03 -3.91 1.79
CA VAL A 112 9.43 -3.53 1.74
C VAL A 112 10.01 -3.74 0.33
N LEU A 113 10.94 -2.88 -0.05
CA LEU A 113 11.58 -2.98 -1.36
C LEU A 113 12.98 -2.37 -1.34
N PHE A 114 13.94 -3.08 -1.92
CA PHE A 114 15.32 -2.61 -1.96
C PHE A 114 15.65 -2.03 -3.33
N VAL A 115 16.41 -0.94 -3.34
CA VAL A 115 16.79 -0.29 -4.60
C VAL A 115 18.30 -0.07 -4.65
N GLN A 116 18.92 -0.58 -5.72
CA GLN A 116 20.36 -0.44 -5.89
C GLN A 116 20.69 0.68 -6.88
N VAL A 117 21.14 1.82 -6.37
CA VAL A 117 21.48 2.96 -7.21
C VAL A 117 22.98 2.96 -7.54
N SER A 118 23.30 2.66 -8.79
CA SER A 118 24.69 2.64 -9.22
C SER A 118 25.37 3.98 -8.97
N GLY A 119 26.66 3.94 -8.70
CA GLY A 119 27.41 5.16 -8.45
C GLY A 119 28.41 5.47 -9.54
N PRO A 120 29.18 6.55 -9.35
CA PRO A 120 30.20 6.98 -10.32
C PRO A 120 31.38 6.02 -10.38
N SER A 121 31.32 4.96 -9.58
CA SER A 121 32.39 3.97 -9.53
C SER A 121 32.19 2.90 -10.61
N SER A 122 33.30 2.45 -11.18
CA SER A 122 33.24 1.42 -12.22
C SER A 122 34.57 0.68 -12.33
N GLY A 123 34.50 -0.61 -12.64
CA GLY A 123 35.70 -1.40 -12.76
C GLY A 123 35.71 -2.60 -11.83
N GLY A 1 13.87 -42.51 11.31
CA GLY A 1 12.82 -41.97 10.44
C GLY A 1 11.71 -41.29 11.23
N SER A 2 10.90 -40.51 10.53
CA SER A 2 9.80 -39.79 11.17
C SER A 2 8.90 -39.14 10.12
N SER A 3 7.62 -39.47 10.15
CA SER A 3 6.66 -38.92 9.21
C SER A 3 5.23 -39.24 9.64
N GLY A 4 4.37 -38.23 9.59
CA GLY A 4 2.98 -38.42 9.98
C GLY A 4 2.01 -38.00 8.89
N SER A 5 0.82 -37.59 9.29
CA SER A 5 -0.21 -37.17 8.33
C SER A 5 -1.28 -36.34 9.02
N SER A 6 -1.76 -35.31 8.33
CA SER A 6 -2.80 -34.44 8.87
C SER A 6 -3.54 -33.73 7.75
N GLY A 7 -4.69 -33.12 8.10
CA GLY A 7 -5.48 -32.41 7.11
C GLY A 7 -6.71 -31.77 7.72
N CYS A 8 -7.27 -30.78 7.03
CA CYS A 8 -8.45 -30.09 7.50
C CYS A 8 -9.45 -29.87 6.37
N GLU A 9 -10.64 -29.41 6.72
CA GLU A 9 -11.69 -29.17 5.73
C GLU A 9 -11.73 -27.69 5.32
N GLY A 10 -11.64 -26.81 6.31
CA GLY A 10 -11.67 -25.39 6.03
C GLY A 10 -13.06 -24.81 6.12
N GLY A 11 -13.38 -24.20 7.26
CA GLY A 11 -14.69 -23.61 7.44
C GLY A 11 -14.97 -23.23 8.89
N VAL A 12 -16.19 -22.80 9.17
CA VAL A 12 -16.58 -22.41 10.52
C VAL A 12 -18.00 -22.82 10.83
N ASP A 13 -18.37 -22.77 12.10
CA ASP A 13 -19.71 -23.14 12.53
C ASP A 13 -20.59 -21.90 12.71
N MET A 14 -21.88 -22.12 12.95
CA MET A 14 -22.82 -21.02 13.14
C MET A 14 -22.68 -20.43 14.54
N GLN A 15 -21.87 -19.39 14.66
CA GLN A 15 -21.66 -18.73 15.94
C GLN A 15 -21.70 -17.21 15.80
N GLN A 16 -22.63 -16.57 16.50
CA GLN A 16 -22.77 -15.13 16.45
C GLN A 16 -21.93 -14.45 17.53
N SER A 17 -20.64 -14.31 17.27
CA SER A 17 -19.73 -13.68 18.22
C SER A 17 -20.11 -12.23 18.47
N GLN A 18 -20.21 -11.86 19.74
CA GLN A 18 -20.56 -10.49 20.12
C GLN A 18 -19.49 -9.86 20.99
N VAL A 19 -18.23 -10.14 20.67
CA VAL A 19 -17.11 -9.60 21.43
C VAL A 19 -16.51 -8.39 20.73
N GLN A 20 -16.48 -8.42 19.40
CA GLN A 20 -15.92 -7.32 18.62
C GLN A 20 -17.02 -6.65 17.80
N LEU A 21 -16.86 -5.35 17.55
CA LEU A 21 -17.82 -4.59 16.77
C LEU A 21 -17.51 -4.67 15.28
N GLN A 22 -18.55 -4.77 14.47
CA GLN A 22 -18.39 -4.84 13.02
C GLN A 22 -17.99 -3.49 12.44
N CYS A 23 -16.96 -3.49 11.60
CA CYS A 23 -16.47 -2.26 10.99
C CYS A 23 -16.85 -2.21 9.51
N PRO A 24 -17.34 -1.04 9.06
CA PRO A 24 -17.75 -0.83 7.67
C PRO A 24 -16.57 -0.82 6.72
N LEU A 25 -15.36 -0.96 7.27
CA LEU A 25 -14.14 -0.95 6.46
C LEU A 25 -13.47 -2.32 6.49
N THR A 26 -12.70 -2.61 5.44
CA THR A 26 -11.99 -3.89 5.35
C THR A 26 -10.49 -3.70 5.59
N PRO A 27 -9.85 -4.75 6.11
CA PRO A 27 -8.41 -4.74 6.39
C PRO A 27 -7.57 -4.72 5.12
N PRO A 28 -6.39 -4.11 5.19
CA PRO A 28 -5.46 -4.02 4.05
C PRO A 28 -4.85 -5.37 3.70
N ARG A 29 -4.87 -5.71 2.42
CA ARG A 29 -4.31 -6.97 1.95
C ARG A 29 -3.70 -6.81 0.56
N GLY A 30 -2.70 -7.65 0.27
CA GLY A 30 -2.03 -7.58 -1.02
C GLY A 30 -1.37 -6.24 -1.27
N LEU A 31 -1.00 -5.56 -0.19
CA LEU A 31 -0.35 -4.26 -0.30
C LEU A 31 1.13 -4.40 -0.63
N GLN A 32 1.53 -3.88 -1.78
CA GLN A 32 2.92 -3.95 -2.21
C GLN A 32 3.25 -2.84 -3.20
N VAL A 33 4.48 -2.33 -3.13
CA VAL A 33 4.91 -1.26 -4.01
C VAL A 33 5.73 -1.81 -5.18
N SER A 34 5.79 -1.04 -6.26
CA SER A 34 6.54 -1.45 -7.45
C SER A 34 7.09 -0.24 -8.18
N ILE A 35 8.00 -0.49 -9.13
CA ILE A 35 8.61 0.58 -9.91
C ILE A 35 8.14 0.54 -11.36
N GLN A 36 7.61 1.67 -11.83
CA GLN A 36 7.12 1.76 -13.20
C GLN A 36 7.98 0.94 -14.14
N GLY A 37 7.50 -0.26 -14.48
CA GLY A 37 8.25 -1.14 -15.37
C GLY A 37 9.33 -1.91 -14.66
N GLU A 38 9.40 -3.21 -14.91
CA GLU A 38 10.40 -4.07 -14.29
C GLU A 38 11.81 -3.58 -14.62
N ALA A 39 12.48 -3.01 -13.62
CA ALA A 39 13.84 -2.51 -13.81
C ALA A 39 14.85 -3.37 -13.05
N VAL A 40 16.10 -3.35 -13.52
CA VAL A 40 17.16 -4.13 -12.88
C VAL A 40 18.10 -3.23 -12.09
N ALA A 41 18.81 -2.36 -12.79
CA ALA A 41 19.75 -1.45 -12.15
C ALA A 41 19.65 -0.06 -12.76
N VAL A 42 19.42 0.95 -11.92
CA VAL A 42 19.30 2.33 -12.38
C VAL A 42 20.59 3.11 -12.09
N ARG A 43 20.79 4.19 -12.83
CA ARG A 43 21.96 5.02 -12.66
C ARG A 43 21.76 6.07 -11.57
N PRO A 44 22.85 6.46 -10.90
CA PRO A 44 22.80 7.44 -9.82
C PRO A 44 22.49 8.85 -10.34
N GLY A 45 21.24 9.26 -10.22
CA GLY A 45 20.83 10.57 -10.68
C GLY A 45 19.64 10.52 -11.61
N GLU A 46 18.93 9.40 -11.59
CA GLU A 46 17.75 9.24 -12.44
C GLU A 46 16.47 9.24 -11.59
N ASP A 47 15.42 9.84 -12.14
CA ASP A 47 14.13 9.91 -11.45
C ASP A 47 13.41 8.57 -11.50
N VAL A 48 13.27 7.94 -10.34
CA VAL A 48 12.59 6.65 -10.25
C VAL A 48 11.14 6.82 -9.83
N LEU A 49 10.25 6.04 -10.44
CA LEU A 49 8.83 6.11 -10.14
C LEU A 49 8.39 4.86 -9.36
N PHE A 50 7.49 5.06 -8.40
CA PHE A 50 6.98 3.95 -7.59
C PHE A 50 5.47 3.82 -7.75
N VAL A 51 5.06 2.74 -8.42
CA VAL A 51 3.63 2.49 -8.64
C VAL A 51 3.02 1.74 -7.46
N VAL A 52 1.87 2.24 -6.99
CA VAL A 52 1.18 1.61 -5.87
C VAL A 52 -0.11 0.95 -6.32
N ARG A 53 -0.40 -0.22 -5.76
CA ARG A 53 -1.62 -0.95 -6.10
C ARG A 53 -1.99 -1.94 -5.00
N GLN A 54 -3.26 -1.94 -4.61
CA GLN A 54 -3.74 -2.83 -3.57
C GLN A 54 -4.93 -3.65 -4.05
N GLU A 55 -5.02 -4.90 -3.59
CA GLU A 55 -6.11 -5.79 -3.98
C GLU A 55 -7.45 -5.25 -3.50
N GLN A 56 -7.50 -4.85 -2.23
CA GLN A 56 -8.73 -4.32 -1.65
C GLN A 56 -8.49 -2.91 -1.08
N GLY A 57 -7.36 -2.31 -1.44
CA GLY A 57 -7.05 -0.98 -0.96
C GLY A 57 -7.29 0.09 -2.00
N ASP A 58 -7.95 -0.29 -3.09
CA ASP A 58 -8.25 0.65 -4.16
C ASP A 58 -9.65 1.24 -3.99
N VAL A 59 -10.48 0.56 -3.21
CA VAL A 59 -11.84 1.03 -2.96
C VAL A 59 -11.94 1.80 -1.66
N LEU A 60 -11.20 1.33 -0.65
CA LEU A 60 -11.18 1.99 0.66
C LEU A 60 -10.10 3.05 0.73
N THR A 61 -10.13 3.85 1.79
CA THR A 61 -9.14 4.91 1.97
C THR A 61 -8.16 4.57 3.08
N THR A 62 -6.90 4.40 2.72
CA THR A 62 -5.87 4.06 3.69
C THR A 62 -4.64 4.95 3.51
N LYS A 63 -4.04 5.35 4.63
CA LYS A 63 -2.85 6.21 4.60
C LYS A 63 -1.60 5.37 4.44
N TYR A 64 -0.73 5.80 3.53
CA TYR A 64 0.53 5.09 3.27
C TYR A 64 1.73 6.01 3.48
N GLN A 65 2.77 5.48 4.12
CA GLN A 65 3.97 6.26 4.38
C GLN A 65 5.09 5.86 3.43
N VAL A 66 5.50 6.79 2.58
CA VAL A 66 6.57 6.53 1.61
C VAL A 66 7.93 6.86 2.20
N ASP A 67 8.64 5.83 2.65
CA ASP A 67 9.97 6.01 3.23
C ASP A 67 11.06 5.57 2.26
N LEU A 68 11.80 6.55 1.73
CA LEU A 68 12.87 6.26 0.78
C LEU A 68 14.08 5.66 1.49
N GLY A 69 14.45 6.25 2.62
CA GLY A 69 15.59 5.78 3.38
C GLY A 69 16.77 6.71 3.31
N ASP A 70 17.08 7.19 2.11
CA ASP A 70 18.20 8.10 1.92
C ASP A 70 18.00 9.39 2.72
N GLY A 71 16.75 9.72 2.98
CA GLY A 71 16.45 10.92 3.74
C GLY A 71 15.11 11.52 3.37
N PHE A 72 14.57 11.11 2.23
CA PHE A 72 13.28 11.61 1.77
C PHE A 72 12.14 10.82 2.38
N LYS A 73 11.26 11.53 3.10
CA LYS A 73 10.12 10.89 3.75
C LYS A 73 8.88 11.78 3.66
N ALA A 74 7.77 11.19 3.26
CA ALA A 74 6.52 11.92 3.14
C ALA A 74 5.31 11.02 3.40
N MET A 75 4.13 11.62 3.50
CA MET A 75 2.91 10.87 3.75
C MET A 75 1.95 10.97 2.57
N TYR A 76 1.58 9.82 2.02
CA TYR A 76 0.67 9.78 0.87
C TYR A 76 -0.65 9.12 1.25
N VAL A 77 -1.76 9.81 0.96
CA VAL A 77 -3.08 9.28 1.27
C VAL A 77 -3.89 9.07 0.00
N ASN A 78 -4.70 8.02 0.00
CA ASN A 78 -5.54 7.70 -1.16
C ASN A 78 -4.70 7.62 -2.43
N LEU A 79 -3.47 7.14 -2.28
CA LEU A 79 -2.57 7.01 -3.42
C LEU A 79 -3.16 6.08 -4.49
N THR A 80 -3.65 4.93 -4.04
CA THR A 80 -4.25 3.96 -4.96
C THR A 80 -5.48 4.54 -5.65
N LEU A 81 -6.01 5.62 -5.09
CA LEU A 81 -7.19 6.27 -5.65
C LEU A 81 -6.80 7.26 -6.75
N THR A 82 -5.94 8.22 -6.39
CA THR A 82 -5.49 9.22 -7.35
C THR A 82 -4.68 8.58 -8.47
N GLY A 83 -4.01 7.47 -8.15
CA GLY A 83 -3.20 6.79 -9.15
C GLY A 83 -1.84 7.42 -9.32
N GLU A 84 -1.79 8.74 -9.23
CA GLU A 84 -0.53 9.47 -9.38
C GLU A 84 0.62 8.72 -8.71
N PRO A 85 1.68 8.46 -9.48
CA PRO A 85 2.86 7.74 -8.97
C PRO A 85 3.67 8.57 -7.98
N ILE A 86 4.80 8.03 -7.55
CA ILE A 86 5.67 8.73 -6.60
C ILE A 86 7.00 9.11 -7.24
N ARG A 87 7.13 10.38 -7.59
CA ARG A 87 8.36 10.88 -8.22
C ARG A 87 9.47 11.01 -7.18
N HIS A 88 10.68 10.61 -7.58
CA HIS A 88 11.84 10.68 -6.68
C HIS A 88 13.14 10.51 -7.47
N ARG A 89 14.22 11.03 -6.91
CA ARG A 89 15.52 10.94 -7.56
C ARG A 89 16.63 10.73 -6.52
N TYR A 90 17.74 10.13 -6.96
CA TYR A 90 18.86 9.88 -6.08
C TYR A 90 20.09 10.69 -6.49
N GLU A 91 20.96 10.96 -5.53
CA GLU A 91 22.17 11.73 -5.80
C GLU A 91 23.34 10.81 -6.09
N SER A 92 23.56 9.83 -5.22
CA SER A 92 24.66 8.88 -5.38
C SER A 92 24.13 7.46 -5.50
N PRO A 93 24.94 6.58 -6.12
CA PRO A 93 24.57 5.18 -6.32
C PRO A 93 24.57 4.39 -5.02
N GLY A 94 24.02 3.18 -5.07
CA GLY A 94 23.96 2.34 -3.88
C GLY A 94 22.56 1.84 -3.60
N ILE A 95 22.44 0.54 -3.37
CA ILE A 95 21.15 -0.07 -3.08
C ILE A 95 20.47 0.61 -1.90
N TYR A 96 19.27 1.14 -2.14
CA TYR A 96 18.52 1.81 -1.09
C TYR A 96 17.43 0.90 -0.53
N ARG A 97 16.96 1.22 0.67
CA ARG A 97 15.92 0.44 1.33
C ARG A 97 14.62 1.23 1.43
N VAL A 98 13.65 0.87 0.59
CA VAL A 98 12.36 1.55 0.58
C VAL A 98 11.31 0.72 1.30
N SER A 99 10.42 1.40 2.03
CA SER A 99 9.36 0.74 2.77
C SER A 99 8.06 1.52 2.69
N VAL A 100 6.96 0.87 3.02
CA VAL A 100 5.65 1.51 2.99
C VAL A 100 4.77 1.03 4.15
N ARG A 101 4.52 1.94 5.09
CA ARG A 101 3.70 1.62 6.25
C ARG A 101 2.27 2.15 6.07
N ALA A 102 1.30 1.36 6.52
CA ALA A 102 -0.10 1.74 6.41
C ALA A 102 -0.89 1.26 7.62
N GLU A 103 -1.68 2.16 8.20
CA GLU A 103 -2.49 1.84 9.37
C GLU A 103 -3.86 2.52 9.30
N ASN A 104 -4.88 1.73 8.99
CA ASN A 104 -6.24 2.26 8.89
C ASN A 104 -7.14 1.66 9.96
N THR A 105 -8.16 2.42 10.37
CA THR A 105 -9.09 1.97 11.39
C THR A 105 -9.34 0.47 11.28
N ALA A 106 -9.54 0.00 10.06
CA ALA A 106 -9.79 -1.42 9.80
C ALA A 106 -8.60 -2.27 10.24
N GLY A 107 -7.51 -2.19 9.46
CA GLY A 107 -6.33 -2.96 9.78
C GLY A 107 -5.05 -2.21 9.46
N HIS A 108 -3.92 -2.91 9.50
CA HIS A 108 -2.63 -2.31 9.21
C HIS A 108 -1.76 -3.24 8.39
N ASP A 109 -1.03 -2.67 7.43
CA ASP A 109 -0.16 -3.46 6.57
C ASP A 109 1.12 -2.69 6.24
N GLU A 110 2.13 -3.41 5.78
CA GLU A 110 3.41 -2.79 5.44
C GLU A 110 4.16 -3.64 4.41
N ALA A 111 4.99 -2.98 3.60
CA ALA A 111 5.77 -3.66 2.58
C ALA A 111 7.16 -3.05 2.45
N VAL A 112 8.03 -3.73 1.69
CA VAL A 112 9.38 -3.25 1.49
C VAL A 112 9.85 -3.51 0.06
N LEU A 113 10.79 -2.70 -0.41
CA LEU A 113 11.33 -2.84 -1.76
C LEU A 113 12.75 -2.30 -1.84
N PHE A 114 13.64 -3.08 -2.47
CA PHE A 114 15.03 -2.69 -2.62
C PHE A 114 15.29 -2.12 -4.01
N VAL A 115 15.93 -0.96 -4.07
CA VAL A 115 16.25 -0.31 -5.34
C VAL A 115 17.73 -0.44 -5.68
N GLN A 116 18.03 -1.19 -6.73
CA GLN A 116 19.41 -1.40 -7.16
C GLN A 116 19.86 -0.26 -8.07
N VAL A 117 20.79 0.56 -7.57
CA VAL A 117 21.31 1.68 -8.35
C VAL A 117 22.82 1.56 -8.54
N SER A 118 23.23 1.22 -9.75
CA SER A 118 24.64 1.07 -10.07
C SER A 118 25.18 2.30 -10.78
N GLY A 119 26.39 2.70 -10.43
CA GLY A 119 27.00 3.86 -11.05
C GLY A 119 27.31 3.64 -12.52
N PRO A 120 28.10 4.56 -13.11
CA PRO A 120 28.49 4.49 -14.52
C PRO A 120 29.45 3.34 -14.79
N SER A 121 29.53 2.93 -16.05
CA SER A 121 30.40 1.82 -16.45
C SER A 121 31.66 2.35 -17.14
N SER A 122 32.80 1.79 -16.78
CA SER A 122 34.08 2.21 -17.37
C SER A 122 34.71 1.07 -18.15
N GLY A 123 33.99 0.58 -19.16
CA GLY A 123 34.50 -0.51 -19.98
C GLY A 123 33.57 -0.87 -21.12
N GLY A 1 -7.89 -53.86 -12.25
CA GLY A 1 -7.54 -53.95 -10.85
C GLY A 1 -8.46 -53.12 -9.98
N SER A 2 -9.65 -53.66 -9.71
CA SER A 2 -10.63 -52.96 -8.88
C SER A 2 -10.82 -51.52 -9.35
N SER A 3 -10.89 -51.35 -10.67
CA SER A 3 -11.06 -50.02 -11.25
C SER A 3 -12.32 -49.35 -10.71
N GLY A 4 -12.30 -48.02 -10.69
CA GLY A 4 -13.45 -47.28 -10.18
C GLY A 4 -13.77 -46.06 -11.03
N SER A 5 -14.84 -45.36 -10.68
CA SER A 5 -15.26 -44.17 -11.42
C SER A 5 -16.01 -43.21 -10.52
N SER A 6 -15.80 -41.91 -10.73
CA SER A 6 -16.47 -40.89 -9.94
C SER A 6 -16.83 -39.69 -10.80
N GLY A 7 -17.98 -39.08 -10.52
CA GLY A 7 -18.42 -37.93 -11.27
C GLY A 7 -18.20 -36.63 -10.54
N CYS A 8 -19.23 -35.80 -10.48
CA CYS A 8 -19.14 -34.50 -9.79
C CYS A 8 -20.33 -34.31 -8.85
N GLU A 9 -21.53 -34.60 -9.34
CA GLU A 9 -22.74 -34.45 -8.54
C GLU A 9 -22.91 -33.00 -8.09
N GLY A 10 -22.88 -32.08 -9.04
CA GLY A 10 -23.03 -30.67 -8.72
C GLY A 10 -24.45 -30.18 -8.91
N GLY A 11 -25.08 -29.73 -7.83
CA GLY A 11 -26.44 -29.25 -7.91
C GLY A 11 -26.70 -28.08 -6.98
N VAL A 12 -26.40 -26.87 -7.45
CA VAL A 12 -26.59 -25.67 -6.64
C VAL A 12 -27.96 -25.05 -6.91
N ASP A 13 -28.96 -25.49 -6.13
CA ASP A 13 -30.32 -24.97 -6.29
C ASP A 13 -30.51 -23.69 -5.49
N MET A 14 -31.13 -22.69 -6.12
CA MET A 14 -31.37 -21.41 -5.46
C MET A 14 -32.84 -21.03 -5.53
N GLN A 15 -33.23 -20.04 -4.74
CA GLN A 15 -34.62 -19.59 -4.71
C GLN A 15 -34.73 -18.13 -5.15
N GLN A 16 -35.95 -17.64 -5.28
CA GLN A 16 -36.19 -16.27 -5.70
C GLN A 16 -36.13 -15.32 -4.51
N SER A 17 -34.93 -14.83 -4.22
CA SER A 17 -34.73 -13.91 -3.10
C SER A 17 -33.96 -12.67 -3.55
N GLN A 18 -34.65 -11.53 -3.58
CA GLN A 18 -34.03 -10.27 -3.98
C GLN A 18 -33.51 -9.50 -2.77
N VAL A 19 -32.83 -10.20 -1.87
CA VAL A 19 -32.28 -9.59 -0.67
C VAL A 19 -31.06 -8.74 -1.00
N GLN A 20 -30.75 -7.80 -0.13
CA GLN A 20 -29.61 -6.92 -0.32
C GLN A 20 -28.56 -7.13 0.76
N LEU A 21 -27.62 -8.05 0.50
CA LEU A 21 -26.56 -8.35 1.45
C LEU A 21 -25.45 -7.31 1.39
N GLN A 22 -25.21 -6.64 2.50
CA GLN A 22 -24.16 -5.63 2.57
C GLN A 22 -23.03 -6.07 3.49
N CYS A 23 -21.80 -5.93 3.01
CA CYS A 23 -20.62 -6.31 3.79
C CYS A 23 -19.87 -5.09 4.29
N PRO A 24 -19.31 -5.18 5.50
CA PRO A 24 -18.55 -4.09 6.11
C PRO A 24 -17.23 -3.83 5.41
N LEU A 25 -16.40 -2.98 6.01
CA LEU A 25 -15.10 -2.64 5.45
C LEU A 25 -14.19 -3.87 5.43
N THR A 26 -13.02 -3.72 4.82
CA THR A 26 -12.05 -4.81 4.72
C THR A 26 -10.64 -4.31 5.00
N PRO A 27 -9.84 -5.15 5.67
CA PRO A 27 -8.45 -4.82 6.01
C PRO A 27 -7.55 -4.80 4.78
N PRO A 28 -6.40 -4.12 4.90
CA PRO A 28 -5.43 -4.00 3.81
C PRO A 28 -4.73 -5.33 3.51
N ARG A 29 -4.82 -5.77 2.25
CA ARG A 29 -4.20 -7.02 1.84
C ARG A 29 -3.51 -6.86 0.49
N GLY A 30 -2.35 -7.50 0.34
CA GLY A 30 -1.62 -7.41 -0.90
C GLY A 30 -0.99 -6.05 -1.11
N LEU A 31 -0.73 -5.35 -0.02
CA LEU A 31 -0.14 -4.01 -0.09
C LEU A 31 1.37 -4.11 -0.36
N GLN A 32 1.80 -3.60 -1.51
CA GLN A 32 3.21 -3.62 -1.88
C GLN A 32 3.51 -2.56 -2.94
N VAL A 33 4.74 -2.06 -2.92
CA VAL A 33 5.15 -1.04 -3.87
C VAL A 33 5.94 -1.65 -5.02
N SER A 34 5.85 -1.04 -6.20
CA SER A 34 6.54 -1.53 -7.37
C SER A 34 7.13 -0.37 -8.19
N ILE A 35 8.03 -0.69 -9.10
CA ILE A 35 8.67 0.32 -9.93
C ILE A 35 8.24 0.18 -11.39
N GLN A 36 7.72 1.27 -11.95
CA GLN A 36 7.25 1.27 -13.33
C GLN A 36 8.15 0.38 -14.20
N GLY A 37 7.74 -0.88 -14.36
CA GLY A 37 8.51 -1.81 -15.15
C GLY A 37 9.68 -2.39 -14.39
N GLU A 38 10.05 -3.63 -14.73
CA GLU A 38 11.16 -4.31 -14.07
C GLU A 38 12.44 -3.48 -14.19
N ALA A 39 12.96 -3.03 -13.06
CA ALA A 39 14.18 -2.24 -13.03
C ALA A 39 15.34 -3.02 -12.42
N VAL A 40 16.57 -2.62 -12.77
CA VAL A 40 17.75 -3.29 -12.26
C VAL A 40 18.69 -2.30 -11.58
N ALA A 41 19.09 -1.27 -12.32
CA ALA A 41 19.98 -0.25 -11.78
C ALA A 41 19.54 1.14 -12.21
N VAL A 42 19.37 2.03 -11.23
CA VAL A 42 18.94 3.40 -11.50
C VAL A 42 20.13 4.36 -11.46
N ARG A 43 19.98 5.49 -12.15
CA ARG A 43 21.05 6.49 -12.19
C ARG A 43 20.92 7.47 -11.04
N PRO A 44 22.06 7.88 -10.48
CA PRO A 44 22.10 8.82 -9.36
C PRO A 44 21.68 10.23 -9.77
N GLY A 45 20.39 10.49 -9.76
CA GLY A 45 19.88 11.79 -10.13
C GLY A 45 18.64 11.71 -10.99
N GLU A 46 18.40 10.54 -11.57
CA GLU A 46 17.24 10.34 -12.43
C GLU A 46 15.98 10.15 -11.60
N ASP A 47 14.84 10.60 -12.13
CA ASP A 47 13.56 10.47 -11.45
C ASP A 47 12.95 9.10 -11.66
N VAL A 48 12.81 8.35 -10.58
CA VAL A 48 12.24 7.00 -10.65
C VAL A 48 10.76 7.01 -10.27
N LEU A 49 9.96 6.27 -11.03
CA LEU A 49 8.53 6.19 -10.79
C LEU A 49 8.18 4.97 -9.95
N PHE A 50 7.41 5.16 -8.90
CA PHE A 50 7.01 4.06 -8.02
C PHE A 50 5.51 3.79 -8.16
N VAL A 51 5.17 2.63 -8.69
CA VAL A 51 3.78 2.23 -8.86
C VAL A 51 3.21 1.65 -7.58
N VAL A 52 2.01 2.10 -7.21
CA VAL A 52 1.35 1.63 -6.00
C VAL A 52 -0.01 1.04 -6.32
N ARG A 53 -0.30 -0.12 -5.76
CA ARG A 53 -1.58 -0.79 -5.99
C ARG A 53 -1.93 -1.72 -4.82
N GLN A 54 -3.21 -1.98 -4.65
CA GLN A 54 -3.67 -2.86 -3.57
C GLN A 54 -4.46 -4.03 -4.12
N GLU A 55 -4.59 -5.09 -3.33
CA GLU A 55 -5.33 -6.28 -3.74
C GLU A 55 -6.73 -6.28 -3.13
N GLN A 56 -6.90 -5.57 -2.03
CA GLN A 56 -8.19 -5.51 -1.35
C GLN A 56 -8.70 -4.06 -1.31
N GLY A 57 -7.77 -3.12 -1.26
CA GLY A 57 -8.15 -1.71 -1.22
C GLY A 57 -8.61 -1.19 -2.56
N ASP A 58 -9.93 -1.13 -2.74
CA ASP A 58 -10.50 -0.65 -3.99
C ASP A 58 -10.98 0.80 -3.85
N VAL A 59 -11.60 1.11 -2.72
CA VAL A 59 -12.10 2.44 -2.46
C VAL A 59 -11.65 2.94 -1.08
N LEU A 60 -11.90 2.12 -0.06
CA LEU A 60 -11.53 2.48 1.30
C LEU A 60 -10.22 3.28 1.32
N THR A 61 -10.28 4.48 1.88
CA THR A 61 -9.11 5.34 1.97
C THR A 61 -8.22 4.94 3.14
N THR A 62 -6.95 4.68 2.84
CA THR A 62 -5.99 4.28 3.87
C THR A 62 -4.70 5.10 3.76
N LYS A 63 -4.16 5.49 4.91
CA LYS A 63 -2.93 6.27 4.95
C LYS A 63 -1.73 5.41 4.59
N TYR A 64 -0.94 5.86 3.61
CA TYR A 64 0.23 5.13 3.17
C TYR A 64 1.49 5.98 3.34
N GLN A 65 2.50 5.39 3.96
CA GLN A 65 3.76 6.09 4.19
C GLN A 65 4.75 5.81 3.06
N VAL A 66 5.53 6.82 2.70
CA VAL A 66 6.52 6.69 1.64
C VAL A 66 7.94 6.92 2.16
N ASP A 67 8.69 5.84 2.31
CA ASP A 67 10.05 5.92 2.81
C ASP A 67 11.05 5.53 1.72
N LEU A 68 11.79 6.52 1.23
CA LEU A 68 12.78 6.28 0.19
C LEU A 68 14.00 5.55 0.74
N GLY A 69 14.59 6.11 1.78
CA GLY A 69 15.75 5.50 2.40
C GLY A 69 16.59 6.49 3.19
N ASP A 70 17.49 7.18 2.51
CA ASP A 70 18.35 8.17 3.14
C ASP A 70 18.43 9.44 2.31
N GLY A 71 17.40 10.28 2.42
CA GLY A 71 17.37 11.52 1.67
C GLY A 71 15.98 12.13 1.62
N PHE A 72 15.00 11.32 1.23
CA PHE A 72 13.62 11.77 1.13
C PHE A 72 12.71 10.97 2.04
N LYS A 73 11.96 11.66 2.90
CA LYS A 73 11.04 11.01 3.82
C LYS A 73 9.71 11.75 3.88
N ALA A 74 8.66 11.13 3.34
CA ALA A 74 7.34 11.72 3.34
C ALA A 74 6.25 10.66 3.34
N MET A 75 5.01 11.08 3.52
CA MET A 75 3.88 10.16 3.55
C MET A 75 2.84 10.53 2.50
N TYR A 76 2.47 9.56 1.66
CA TYR A 76 1.50 9.80 0.60
C TYR A 76 0.15 9.20 0.98
N VAL A 77 -0.87 10.05 1.06
CA VAL A 77 -2.21 9.61 1.41
C VAL A 77 -3.15 9.72 0.21
N ASN A 78 -4.04 8.74 0.06
CA ASN A 78 -5.00 8.74 -1.04
C ASN A 78 -4.30 8.41 -2.36
N LEU A 79 -3.19 7.70 -2.27
CA LEU A 79 -2.43 7.32 -3.46
C LEU A 79 -3.19 6.28 -4.28
N THR A 80 -3.53 5.16 -3.64
CA THR A 80 -4.25 4.09 -4.30
C THR A 80 -5.63 4.57 -4.78
N LEU A 81 -5.99 5.79 -4.37
CA LEU A 81 -7.28 6.35 -4.75
C LEU A 81 -7.15 7.19 -6.03
N THR A 82 -5.93 7.54 -6.37
CA THR A 82 -5.67 8.34 -7.57
C THR A 82 -4.76 7.59 -8.54
N GLY A 83 -4.09 6.56 -8.04
CA GLY A 83 -3.19 5.78 -8.88
C GLY A 83 -1.84 6.45 -9.08
N GLU A 84 -1.87 7.78 -9.27
CA GLU A 84 -0.65 8.54 -9.47
C GLU A 84 0.51 7.94 -8.66
N PRO A 85 1.59 7.56 -9.37
CA PRO A 85 2.77 6.98 -8.75
C PRO A 85 3.55 7.99 -7.91
N ILE A 86 4.73 7.59 -7.44
CA ILE A 86 5.57 8.46 -6.63
C ILE A 86 6.91 8.72 -7.32
N ARG A 87 7.03 9.90 -7.92
CA ARG A 87 8.26 10.26 -8.62
C ARG A 87 9.28 10.84 -7.64
N HIS A 88 10.52 10.36 -7.73
CA HIS A 88 11.59 10.83 -6.85
C HIS A 88 12.96 10.46 -7.41
N ARG A 89 13.92 11.37 -7.28
CA ARG A 89 15.27 11.13 -7.78
C ARG A 89 16.26 11.02 -6.62
N TYR A 90 17.37 10.34 -6.87
CA TYR A 90 18.41 10.17 -5.85
C TYR A 90 19.58 11.11 -6.07
N GLU A 91 20.25 11.49 -5.00
CA GLU A 91 21.38 12.40 -5.08
C GLU A 91 22.69 11.62 -5.11
N SER A 92 22.81 10.64 -4.22
CA SER A 92 24.02 9.83 -4.14
C SER A 92 23.70 8.35 -4.39
N PRO A 93 24.67 7.63 -4.98
CA PRO A 93 24.51 6.21 -5.29
C PRO A 93 24.49 5.34 -4.03
N GLY A 94 24.12 4.07 -4.19
CA GLY A 94 24.06 3.16 -3.07
C GLY A 94 22.67 2.60 -2.85
N ILE A 95 22.60 1.32 -2.52
CA ILE A 95 21.32 0.65 -2.28
C ILE A 95 20.54 1.35 -1.18
N TYR A 96 19.29 1.71 -1.48
CA TYR A 96 18.43 2.38 -0.51
C TYR A 96 17.36 1.44 0.01
N ARG A 97 16.84 1.75 1.20
CA ARG A 97 15.80 0.93 1.82
C ARG A 97 14.43 1.58 1.65
N VAL A 98 13.62 0.99 0.77
CA VAL A 98 12.28 1.49 0.52
C VAL A 98 11.22 0.66 1.23
N SER A 99 10.26 1.34 1.86
CA SER A 99 9.20 0.65 2.58
C SER A 99 7.89 1.42 2.48
N VAL A 100 6.82 0.84 3.01
CA VAL A 100 5.50 1.47 2.97
C VAL A 100 4.64 1.01 4.13
N ARG A 101 4.30 1.93 5.03
CA ARG A 101 3.47 1.61 6.18
C ARG A 101 2.03 2.05 5.96
N ALA A 102 1.09 1.25 6.43
CA ALA A 102 -0.33 1.56 6.28
C ALA A 102 -1.14 1.02 7.46
N GLU A 103 -2.11 1.81 7.91
CA GLU A 103 -2.94 1.42 9.04
C GLU A 103 -4.30 2.12 8.98
N ASN A 104 -5.34 1.36 8.68
CA ASN A 104 -6.69 1.91 8.59
C ASN A 104 -7.59 1.32 9.67
N THR A 105 -8.78 1.90 9.82
CA THR A 105 -9.74 1.42 10.82
C THR A 105 -9.88 -0.09 10.75
N ALA A 106 -10.23 -0.61 9.58
CA ALA A 106 -10.40 -2.04 9.39
C ALA A 106 -9.18 -2.81 9.86
N GLY A 107 -8.05 -2.58 9.21
CA GLY A 107 -6.82 -3.26 9.58
C GLY A 107 -5.59 -2.44 9.25
N HIS A 108 -4.46 -3.13 9.06
CA HIS A 108 -3.20 -2.46 8.74
C HIS A 108 -2.25 -3.42 8.03
N ASP A 109 -1.44 -2.87 7.13
CA ASP A 109 -0.48 -3.68 6.39
C ASP A 109 0.79 -2.87 6.10
N GLU A 110 1.85 -3.57 5.68
CA GLU A 110 3.11 -2.92 5.36
C GLU A 110 3.92 -3.75 4.36
N ALA A 111 4.69 -3.07 3.53
CA ALA A 111 5.51 -3.74 2.52
C ALA A 111 6.92 -3.18 2.51
N VAL A 112 7.79 -3.83 1.75
CA VAL A 112 9.19 -3.40 1.65
C VAL A 112 9.74 -3.64 0.24
N LEU A 113 10.77 -2.88 -0.12
CA LEU A 113 11.39 -3.01 -1.44
C LEU A 113 12.79 -2.40 -1.43
N PHE A 114 13.73 -3.12 -2.06
CA PHE A 114 15.11 -2.65 -2.13
C PHE A 114 15.42 -2.09 -3.51
N VAL A 115 16.12 -0.96 -3.55
CA VAL A 115 16.48 -0.33 -4.82
C VAL A 115 17.99 -0.24 -4.97
N GLN A 116 18.47 -0.42 -6.20
CA GLN A 116 19.90 -0.35 -6.48
C GLN A 116 20.22 0.80 -7.42
N VAL A 117 20.95 1.79 -6.92
CA VAL A 117 21.33 2.94 -7.72
C VAL A 117 22.81 2.91 -8.06
N SER A 118 23.12 2.59 -9.31
CA SER A 118 24.50 2.52 -9.77
C SER A 118 25.28 3.76 -9.34
N GLY A 119 26.60 3.71 -9.48
CA GLY A 119 27.43 4.83 -9.10
C GLY A 119 28.91 4.52 -9.23
N PRO A 120 29.75 5.58 -9.20
CA PRO A 120 31.20 5.44 -9.32
C PRO A 120 31.82 4.80 -8.10
N SER A 121 30.97 4.39 -7.14
CA SER A 121 31.45 3.76 -5.92
C SER A 121 32.08 4.78 -4.98
N SER A 122 31.34 5.85 -4.69
CA SER A 122 31.83 6.91 -3.82
C SER A 122 31.25 6.76 -2.41
N GLY A 123 32.12 6.51 -1.44
CA GLY A 123 31.67 6.36 -0.07
C GLY A 123 31.72 4.92 0.39
N GLY A 1 6.38 -9.15 4.73
CA GLY A 1 5.88 -8.38 5.85
C GLY A 1 6.73 -8.55 7.09
N SER A 2 7.02 -7.45 7.78
CA SER A 2 7.84 -7.49 8.98
C SER A 2 7.41 -6.39 9.96
N SER A 3 6.78 -6.79 11.05
CA SER A 3 6.32 -5.85 12.06
C SER A 3 7.15 -5.95 13.33
N GLY A 4 7.37 -7.18 13.80
CA GLY A 4 8.15 -7.39 15.00
C GLY A 4 8.72 -8.79 15.08
N SER A 5 9.73 -8.98 15.91
CA SER A 5 10.37 -10.27 16.08
C SER A 5 9.60 -11.14 17.07
N SER A 6 9.19 -10.54 18.18
CA SER A 6 8.45 -11.25 19.21
C SER A 6 7.00 -10.79 19.25
N GLY A 7 6.09 -11.74 19.43
CA GLY A 7 4.67 -11.41 19.48
C GLY A 7 3.88 -12.41 20.31
N CYS A 8 3.25 -11.92 21.37
CA CYS A 8 2.45 -12.78 22.25
C CYS A 8 0.97 -12.60 21.98
N GLU A 9 0.55 -11.36 21.76
CA GLU A 9 -0.85 -11.06 21.48
C GLU A 9 -1.44 -12.05 20.49
N GLY A 10 -2.72 -12.37 20.65
CA GLY A 10 -3.38 -13.30 19.76
C GLY A 10 -4.85 -13.47 20.07
N GLY A 11 -5.55 -14.21 19.23
CA GLY A 11 -6.97 -14.43 19.43
C GLY A 11 -7.73 -14.65 18.13
N VAL A 12 -9.05 -14.72 18.23
CA VAL A 12 -9.89 -14.92 17.05
C VAL A 12 -11.35 -14.67 17.37
N ASP A 13 -12.09 -14.16 16.38
CA ASP A 13 -13.51 -13.88 16.56
C ASP A 13 -14.34 -15.16 16.45
N MET A 14 -15.58 -15.09 16.92
CA MET A 14 -16.47 -16.25 16.87
C MET A 14 -16.82 -16.60 15.42
N GLN A 15 -17.45 -17.75 15.24
CA GLN A 15 -17.84 -18.20 13.91
C GLN A 15 -19.34 -18.51 13.86
N GLN A 16 -19.90 -18.49 12.65
CA GLN A 16 -21.31 -18.76 12.46
C GLN A 16 -21.63 -19.02 10.99
N SER A 17 -22.60 -19.88 10.73
CA SER A 17 -23.00 -20.22 9.37
C SER A 17 -23.71 -19.04 8.71
N GLN A 18 -23.10 -18.51 7.66
CA GLN A 18 -23.66 -17.38 6.93
C GLN A 18 -23.49 -17.55 5.43
N VAL A 19 -24.28 -16.82 4.65
CA VAL A 19 -24.22 -16.89 3.20
C VAL A 19 -23.89 -15.53 2.60
N GLN A 20 -24.46 -14.48 3.19
CA GLN A 20 -24.23 -13.12 2.71
C GLN A 20 -24.44 -12.10 3.82
N LEU A 21 -23.68 -11.02 3.79
CA LEU A 21 -23.78 -9.97 4.80
C LEU A 21 -22.93 -8.76 4.42
N GLN A 22 -23.46 -7.57 4.70
CA GLN A 22 -22.76 -6.34 4.39
C GLN A 22 -21.64 -6.07 5.40
N CYS A 23 -20.46 -5.74 4.90
CA CYS A 23 -19.32 -5.46 5.76
C CYS A 23 -18.75 -4.08 5.49
N PRO A 24 -18.45 -3.34 6.57
CA PRO A 24 -17.90 -1.98 6.47
C PRO A 24 -16.47 -1.98 5.94
N LEU A 25 -15.78 -0.86 6.12
CA LEU A 25 -14.40 -0.72 5.67
C LEU A 25 -13.65 -2.05 5.81
N THR A 26 -12.68 -2.26 4.92
CA THR A 26 -11.89 -3.49 4.94
C THR A 26 -10.40 -3.18 5.08
N PRO A 27 -9.68 -4.07 5.79
CA PRO A 27 -8.24 -3.91 6.01
C PRO A 27 -7.43 -4.12 4.73
N PRO A 28 -6.30 -3.40 4.62
CA PRO A 28 -5.41 -3.49 3.46
C PRO A 28 -4.70 -4.84 3.37
N ARG A 29 -4.92 -5.56 2.27
CA ARG A 29 -4.30 -6.86 2.07
C ARG A 29 -3.30 -6.81 0.91
N GLY A 30 -2.35 -7.74 0.91
CA GLY A 30 -1.35 -7.78 -0.14
C GLY A 30 -0.86 -6.41 -0.52
N LEU A 31 -0.64 -5.55 0.47
CA LEU A 31 -0.16 -4.20 0.22
C LEU A 31 1.35 -4.19 -0.03
N GLN A 32 1.72 -3.86 -1.26
CA GLN A 32 3.13 -3.82 -1.64
C GLN A 32 3.38 -2.74 -2.69
N VAL A 33 4.63 -2.27 -2.77
CA VAL A 33 5.00 -1.24 -3.73
C VAL A 33 5.73 -1.83 -4.92
N SER A 34 5.69 -1.13 -6.05
CA SER A 34 6.35 -1.59 -7.26
C SER A 34 7.00 -0.43 -8.00
N ILE A 35 7.99 -0.73 -8.83
CA ILE A 35 8.69 0.29 -9.61
C ILE A 35 8.26 0.26 -11.07
N GLN A 36 7.70 1.38 -11.53
CA GLN A 36 7.24 1.49 -12.91
C GLN A 36 8.18 0.74 -13.85
N GLY A 37 7.75 -0.43 -14.32
CA GLY A 37 8.56 -1.22 -15.22
C GLY A 37 9.69 -1.93 -14.51
N GLU A 38 10.04 -3.12 -14.98
CA GLU A 38 11.11 -3.91 -14.38
C GLU A 38 12.44 -3.14 -14.43
N ALA A 39 12.88 -2.66 -13.27
CA ALA A 39 14.12 -1.91 -13.19
C ALA A 39 15.20 -2.72 -12.45
N VAL A 40 16.22 -3.14 -13.20
CA VAL A 40 17.31 -3.92 -12.62
C VAL A 40 18.47 -3.01 -12.20
N ALA A 41 18.78 -2.04 -13.05
CA ALA A 41 19.87 -1.11 -12.77
C ALA A 41 19.47 0.32 -13.13
N VAL A 42 19.30 1.17 -12.11
CA VAL A 42 18.93 2.56 -12.33
C VAL A 42 20.14 3.48 -12.18
N ARG A 43 20.05 4.66 -12.79
CA ARG A 43 21.14 5.62 -12.73
C ARG A 43 20.94 6.58 -11.55
N PRO A 44 22.06 7.08 -11.01
CA PRO A 44 22.04 8.01 -9.87
C PRO A 44 21.48 9.38 -10.25
N GLY A 45 20.29 9.69 -9.77
CA GLY A 45 19.66 10.97 -10.08
C GLY A 45 18.53 10.84 -11.07
N GLU A 46 18.05 9.62 -11.27
CA GLU A 46 16.95 9.37 -12.20
C GLU A 46 15.61 9.35 -11.49
N ASP A 47 14.74 10.29 -11.85
CA ASP A 47 13.43 10.40 -11.24
C ASP A 47 12.68 9.07 -11.33
N VAL A 48 12.94 8.19 -10.36
CA VAL A 48 12.30 6.88 -10.33
C VAL A 48 10.83 6.99 -9.94
N LEU A 49 10.00 6.11 -10.48
CA LEU A 49 8.58 6.12 -10.19
C LEU A 49 8.16 4.84 -9.48
N PHE A 50 7.33 4.98 -8.45
CA PHE A 50 6.85 3.82 -7.69
C PHE A 50 5.33 3.66 -7.84
N VAL A 51 4.92 2.54 -8.43
CA VAL A 51 3.51 2.27 -8.64
C VAL A 51 2.94 1.46 -7.48
N VAL A 52 1.87 1.97 -6.86
CA VAL A 52 1.23 1.29 -5.74
C VAL A 52 -0.05 0.59 -6.19
N ARG A 53 -0.23 -0.64 -5.73
CA ARG A 53 -1.41 -1.43 -6.09
C ARG A 53 -1.77 -2.41 -4.97
N GLN A 54 -3.04 -2.75 -4.88
CA GLN A 54 -3.51 -3.68 -3.85
C GLN A 54 -4.28 -4.83 -4.48
N GLU A 55 -4.35 -5.95 -3.76
CA GLU A 55 -5.05 -7.13 -4.25
C GLU A 55 -6.56 -7.02 -3.98
N GLN A 56 -6.90 -6.56 -2.77
CA GLN A 56 -8.30 -6.41 -2.39
C GLN A 56 -8.60 -4.96 -2.00
N GLY A 57 -7.77 -4.05 -2.49
CA GLY A 57 -7.98 -2.64 -2.19
C GLY A 57 -8.73 -1.92 -3.29
N ASP A 58 -10.04 -1.73 -3.08
CA ASP A 58 -10.87 -1.04 -4.05
C ASP A 58 -11.26 0.34 -3.56
N VAL A 59 -11.39 0.49 -2.25
CA VAL A 59 -11.76 1.76 -1.64
C VAL A 59 -11.65 1.70 -0.13
N LEU A 60 -10.86 2.61 0.44
CA LEU A 60 -10.67 2.67 1.88
C LEU A 60 -9.84 3.88 2.27
N THR A 61 -9.78 4.16 3.58
CA THR A 61 -9.01 5.30 4.08
C THR A 61 -7.80 4.83 4.87
N THR A 62 -6.70 4.58 4.17
CA THR A 62 -5.48 4.11 4.81
C THR A 62 -4.29 5.00 4.43
N LYS A 63 -3.67 5.60 5.43
CA LYS A 63 -2.52 6.48 5.21
C LYS A 63 -1.25 5.67 5.01
N TYR A 64 -0.59 5.87 3.88
CA TYR A 64 0.64 5.16 3.56
C TYR A 64 1.86 6.02 3.87
N GLN A 65 2.91 5.39 4.38
CA GLN A 65 4.15 6.10 4.71
C GLN A 65 5.28 5.67 3.80
N VAL A 66 5.64 6.54 2.86
CA VAL A 66 6.72 6.25 1.92
C VAL A 66 8.07 6.69 2.48
N ASP A 67 8.93 5.71 2.76
CA ASP A 67 10.26 5.99 3.30
C ASP A 67 11.34 5.58 2.31
N LEU A 68 12.01 6.58 1.73
CA LEU A 68 13.08 6.32 0.77
C LEU A 68 14.37 5.91 1.48
N GLY A 69 14.59 6.50 2.65
CA GLY A 69 15.80 6.19 3.41
C GLY A 69 16.88 7.23 3.23
N ASP A 70 17.10 7.65 1.99
CA ASP A 70 18.13 8.64 1.69
C ASP A 70 17.86 9.94 2.46
N GLY A 71 16.82 10.66 2.04
CA GLY A 71 16.48 11.91 2.70
C GLY A 71 15.14 12.45 2.26
N PHE A 72 14.27 11.56 1.80
CA PHE A 72 12.94 11.95 1.34
C PHE A 72 11.85 11.27 2.17
N LYS A 73 11.08 12.08 2.89
CA LYS A 73 10.00 11.55 3.74
C LYS A 73 8.68 12.20 3.36
N ALA A 74 7.78 11.43 2.75
CA ALA A 74 6.48 11.92 2.36
C ALA A 74 5.37 10.98 2.82
N MET A 75 4.14 11.49 2.83
CA MET A 75 2.99 10.69 3.26
C MET A 75 1.84 10.84 2.26
N TYR A 76 1.55 9.76 1.55
CA TYR A 76 0.46 9.76 0.58
C TYR A 76 -0.74 8.97 1.08
N VAL A 77 -1.91 9.26 0.51
CA VAL A 77 -3.14 8.57 0.90
C VAL A 77 -4.02 8.30 -0.31
N ASN A 78 -4.54 7.08 -0.39
CA ASN A 78 -5.41 6.70 -1.50
C ASN A 78 -4.73 6.97 -2.84
N LEU A 79 -3.50 6.48 -2.99
CA LEU A 79 -2.74 6.68 -4.22
C LEU A 79 -3.60 6.31 -5.43
N THR A 80 -4.24 5.15 -5.38
CA THR A 80 -5.08 4.69 -6.47
C THR A 80 -6.13 5.73 -6.85
N LEU A 81 -6.54 6.52 -5.86
CA LEU A 81 -7.54 7.56 -6.09
C LEU A 81 -6.90 8.81 -6.70
N THR A 82 -5.75 9.20 -6.15
CA THR A 82 -5.04 10.38 -6.64
C THR A 82 -4.40 10.11 -7.99
N GLY A 83 -4.22 8.83 -8.31
CA GLY A 83 -3.61 8.45 -9.58
C GLY A 83 -2.27 9.13 -9.80
N GLU A 84 -1.62 9.53 -8.72
CA GLU A 84 -0.32 10.20 -8.80
C GLU A 84 0.79 9.30 -8.26
N PRO A 85 1.73 8.93 -9.15
CA PRO A 85 2.86 8.07 -8.78
C PRO A 85 3.85 8.78 -7.86
N ILE A 86 4.61 7.99 -7.10
CA ILE A 86 5.60 8.54 -6.19
C ILE A 86 6.91 8.81 -6.89
N ARG A 87 7.11 10.05 -7.32
CA ARG A 87 8.35 10.43 -8.00
C ARG A 87 9.45 10.76 -7.01
N HIS A 88 10.65 10.27 -7.28
CA HIS A 88 11.79 10.51 -6.40
C HIS A 88 13.10 10.18 -7.11
N ARG A 89 14.17 10.87 -6.73
CA ARG A 89 15.48 10.64 -7.32
C ARG A 89 16.57 10.59 -6.25
N TYR A 90 17.63 9.84 -6.52
CA TYR A 90 18.73 9.71 -5.57
C TYR A 90 19.89 10.61 -5.97
N GLU A 91 20.86 10.76 -5.07
CA GLU A 91 22.02 11.59 -5.33
C GLU A 91 23.24 10.74 -5.65
N SER A 92 23.55 9.79 -4.77
CA SER A 92 24.69 8.91 -4.96
C SER A 92 24.23 7.47 -5.21
N PRO A 93 25.12 6.67 -5.83
CA PRO A 93 24.83 5.27 -6.14
C PRO A 93 24.77 4.40 -4.89
N GLY A 94 24.24 3.20 -5.03
CA GLY A 94 24.13 2.29 -3.90
C GLY A 94 22.71 1.83 -3.66
N ILE A 95 22.55 0.57 -3.26
CA ILE A 95 21.23 0.01 -2.99
C ILE A 95 20.52 0.80 -1.90
N TYR A 96 19.27 1.17 -2.15
CA TYR A 96 18.48 1.92 -1.18
C TYR A 96 17.36 1.06 -0.60
N ARG A 97 16.96 1.37 0.62
CA ARG A 97 15.89 0.63 1.29
C ARG A 97 14.59 1.44 1.30
N VAL A 98 13.62 0.97 0.52
CA VAL A 98 12.32 1.64 0.44
C VAL A 98 11.22 0.78 1.04
N SER A 99 10.51 1.32 2.02
CA SER A 99 9.42 0.60 2.68
C SER A 99 8.16 1.45 2.71
N VAL A 100 7.02 0.79 2.95
CA VAL A 100 5.74 1.48 3.01
C VAL A 100 4.92 1.00 4.20
N ARG A 101 4.59 1.92 5.10
CA ARG A 101 3.81 1.59 6.28
C ARG A 101 2.38 2.08 6.15
N ALA A 102 1.42 1.29 6.64
CA ALA A 102 0.02 1.66 6.57
C ALA A 102 -0.76 1.08 7.75
N GLU A 103 -1.53 1.93 8.43
CA GLU A 103 -2.32 1.51 9.58
C GLU A 103 -3.56 2.37 9.73
N ASN A 104 -4.71 1.81 9.39
CA ASN A 104 -5.98 2.53 9.49
C ASN A 104 -6.90 1.87 10.50
N THR A 105 -7.98 2.57 10.85
CA THR A 105 -8.94 2.04 11.81
C THR A 105 -9.31 0.59 11.49
N ALA A 106 -9.44 0.29 10.20
CA ALA A 106 -9.78 -1.07 9.77
C ALA A 106 -8.67 -2.05 10.13
N GLY A 107 -7.54 -1.94 9.43
CA GLY A 107 -6.43 -2.84 9.70
C GLY A 107 -5.09 -2.17 9.49
N HIS A 108 -4.10 -2.95 9.08
CA HIS A 108 -2.76 -2.42 8.83
C HIS A 108 -2.00 -3.29 7.83
N ASP A 109 -0.90 -2.75 7.31
CA ASP A 109 -0.09 -3.48 6.34
C ASP A 109 1.25 -2.77 6.10
N GLU A 110 2.24 -3.53 5.64
CA GLU A 110 3.55 -2.97 5.38
C GLU A 110 4.30 -3.79 4.33
N ALA A 111 5.16 -3.12 3.56
CA ALA A 111 5.93 -3.78 2.52
C ALA A 111 7.36 -3.26 2.47
N VAL A 112 8.24 -4.02 1.83
CA VAL A 112 9.63 -3.63 1.71
C VAL A 112 10.14 -3.83 0.28
N LEU A 113 10.98 -2.90 -0.18
CA LEU A 113 11.53 -2.98 -1.53
C LEU A 113 12.93 -2.37 -1.57
N PHE A 114 13.83 -3.02 -2.30
CA PHE A 114 15.20 -2.56 -2.43
C PHE A 114 15.50 -2.12 -3.86
N VAL A 115 15.96 -0.88 -4.00
CA VAL A 115 16.28 -0.34 -5.31
C VAL A 115 17.79 -0.38 -5.57
N GLN A 116 18.17 -1.00 -6.68
CA GLN A 116 19.58 -1.10 -7.04
C GLN A 116 19.98 -0.01 -8.04
N VAL A 117 20.84 0.89 -7.59
CA VAL A 117 21.30 1.98 -8.44
C VAL A 117 22.79 1.85 -8.77
N SER A 118 23.11 1.88 -10.06
CA SER A 118 24.50 1.76 -10.50
C SER A 118 25.25 3.07 -10.29
N GLY A 119 26.53 3.07 -10.66
CA GLY A 119 27.35 4.25 -10.51
C GLY A 119 27.49 5.03 -11.80
N PRO A 120 28.43 5.99 -11.81
CA PRO A 120 28.69 6.82 -12.98
C PRO A 120 29.34 6.03 -14.12
N SER A 121 29.52 4.74 -13.90
CA SER A 121 30.14 3.87 -14.91
C SER A 121 29.63 4.21 -16.30
N SER A 122 28.33 4.49 -16.40
CA SER A 122 27.72 4.84 -17.68
C SER A 122 28.05 6.27 -18.08
N GLY A 123 29.29 6.48 -18.52
CA GLY A 123 29.71 7.80 -18.93
C GLY A 123 31.02 7.78 -19.68
N GLY A 1 -61.99 -51.19 19.73
CA GLY A 1 -60.66 -50.97 19.18
C GLY A 1 -60.63 -49.81 18.21
N SER A 2 -59.51 -49.08 18.18
CA SER A 2 -59.36 -47.95 17.28
C SER A 2 -57.89 -47.56 17.14
N SER A 3 -57.60 -46.71 16.16
CA SER A 3 -56.23 -46.27 15.92
C SER A 3 -56.22 -44.99 15.09
N GLY A 4 -55.07 -44.31 15.06
CA GLY A 4 -54.95 -43.08 14.32
C GLY A 4 -54.47 -41.92 15.18
N SER A 5 -53.33 -41.35 14.82
CA SER A 5 -52.76 -40.23 15.57
C SER A 5 -52.09 -39.24 14.64
N SER A 6 -52.71 -38.08 14.46
CA SER A 6 -52.18 -37.04 13.60
C SER A 6 -52.02 -35.73 14.34
N GLY A 7 -51.12 -34.88 13.87
CA GLY A 7 -50.88 -33.60 14.51
C GLY A 7 -49.60 -32.93 14.03
N CYS A 8 -49.75 -31.99 13.10
CA CYS A 8 -48.59 -31.27 12.56
C CYS A 8 -48.89 -29.78 12.45
N GLU A 9 -47.88 -28.96 12.73
CA GLU A 9 -48.03 -27.52 12.65
C GLU A 9 -46.69 -26.84 12.38
N GLY A 10 -46.74 -25.65 11.80
CA GLY A 10 -45.53 -24.91 11.49
C GLY A 10 -45.19 -24.96 10.01
N GLY A 11 -44.06 -25.57 9.69
CA GLY A 11 -43.63 -25.68 8.29
C GLY A 11 -43.84 -24.38 7.54
N VAL A 12 -43.33 -23.28 8.09
CA VAL A 12 -43.45 -21.98 7.46
C VAL A 12 -42.10 -21.27 7.36
N ASP A 13 -41.79 -20.76 6.18
CA ASP A 13 -40.53 -20.07 5.96
C ASP A 13 -40.59 -19.22 4.70
N MET A 14 -39.96 -18.04 4.75
CA MET A 14 -39.95 -17.13 3.61
C MET A 14 -39.71 -17.90 2.31
N GLN A 15 -40.24 -17.37 1.21
CA GLN A 15 -40.08 -17.99 -0.10
C GLN A 15 -39.41 -17.04 -1.08
N GLN A 16 -39.98 -15.86 -1.24
CA GLN A 16 -39.43 -14.87 -2.15
C GLN A 16 -39.64 -13.45 -1.62
N SER A 17 -38.57 -12.68 -1.53
CA SER A 17 -38.65 -11.31 -1.03
C SER A 17 -37.54 -10.45 -1.62
N GLN A 18 -37.73 -9.14 -1.59
CA GLN A 18 -36.74 -8.21 -2.13
C GLN A 18 -35.93 -7.56 -1.00
N VAL A 19 -34.91 -8.28 -0.54
CA VAL A 19 -34.06 -7.77 0.53
C VAL A 19 -32.77 -7.17 -0.03
N GLN A 20 -32.15 -6.30 0.75
CA GLN A 20 -30.91 -5.65 0.34
C GLN A 20 -29.92 -5.56 1.49
N LEU A 21 -28.73 -6.13 1.29
CA LEU A 21 -27.69 -6.11 2.31
C LEU A 21 -26.30 -6.05 1.69
N GLN A 22 -25.50 -5.09 2.14
CA GLN A 22 -24.15 -4.93 1.62
C GLN A 22 -23.11 -5.22 2.70
N CYS A 23 -21.91 -5.58 2.28
CA CYS A 23 -20.83 -5.90 3.21
C CYS A 23 -20.07 -4.64 3.60
N PRO A 24 -19.47 -4.65 4.80
CA PRO A 24 -18.70 -3.53 5.32
C PRO A 24 -17.40 -3.32 4.57
N LEU A 25 -16.49 -2.54 5.16
CA LEU A 25 -15.20 -2.26 4.54
C LEU A 25 -14.26 -3.46 4.69
N THR A 26 -13.11 -3.39 4.03
CA THR A 26 -12.13 -4.47 4.10
C THR A 26 -10.74 -3.93 4.36
N PRO A 27 -9.95 -4.69 5.15
CA PRO A 27 -8.57 -4.30 5.50
C PRO A 27 -7.62 -4.37 4.31
N PRO A 28 -6.53 -3.59 4.36
CA PRO A 28 -5.52 -3.55 3.31
C PRO A 28 -4.72 -4.85 3.22
N ARG A 29 -4.84 -5.53 2.08
CA ARG A 29 -4.12 -6.79 1.88
C ARG A 29 -3.24 -6.70 0.64
N GLY A 30 -2.26 -7.59 0.55
CA GLY A 30 -1.36 -7.61 -0.58
C GLY A 30 -0.87 -6.22 -0.96
N LEU A 31 -0.57 -5.41 0.05
CA LEU A 31 -0.10 -4.05 -0.18
C LEU A 31 1.40 -4.03 -0.45
N GLN A 32 1.78 -3.72 -1.69
CA GLN A 32 3.18 -3.66 -2.07
C GLN A 32 3.42 -2.58 -3.11
N VAL A 33 4.69 -2.28 -3.36
CA VAL A 33 5.06 -1.25 -4.34
C VAL A 33 5.88 -1.85 -5.48
N SER A 34 5.91 -1.15 -6.60
CA SER A 34 6.65 -1.61 -7.77
C SER A 34 7.21 -0.43 -8.56
N ILE A 35 8.12 -0.73 -9.48
CA ILE A 35 8.74 0.31 -10.31
C ILE A 35 8.28 0.21 -11.75
N GLN A 36 7.87 1.34 -12.33
CA GLN A 36 7.42 1.37 -13.72
C GLN A 36 8.50 0.88 -14.66
N GLY A 37 8.09 0.18 -15.70
CA GLY A 37 9.04 -0.34 -16.68
C GLY A 37 10.05 -1.28 -16.05
N GLU A 38 10.17 -2.48 -16.62
CA GLU A 38 11.11 -3.47 -16.10
C GLU A 38 12.54 -2.92 -16.08
N ALA A 39 13.03 -2.64 -14.89
CA ALA A 39 14.38 -2.11 -14.72
C ALA A 39 15.30 -3.13 -14.09
N VAL A 40 16.61 -2.97 -14.29
CA VAL A 40 17.60 -3.89 -13.75
C VAL A 40 18.66 -3.13 -12.95
N ALA A 41 19.33 -2.19 -13.60
CA ALA A 41 20.36 -1.40 -12.95
C ALA A 41 20.26 0.07 -13.35
N VAL A 42 19.87 0.92 -12.41
CA VAL A 42 19.75 2.34 -12.66
C VAL A 42 21.02 3.09 -12.29
N ARG A 43 21.20 4.28 -12.86
CA ARG A 43 22.38 5.09 -12.60
C ARG A 43 22.14 6.00 -11.40
N PRO A 44 23.24 6.35 -10.69
CA PRO A 44 23.18 7.22 -9.52
C PRO A 44 22.83 8.67 -9.88
N GLY A 45 21.55 9.01 -9.77
CA GLY A 45 21.11 10.36 -10.09
C GLY A 45 19.93 10.37 -11.05
N GLU A 46 19.39 9.20 -11.33
CA GLU A 46 18.26 9.08 -12.24
C GLU A 46 16.94 9.12 -11.48
N ASP A 47 15.85 9.39 -12.20
CA ASP A 47 14.54 9.45 -11.59
C ASP A 47 13.80 8.12 -11.74
N VAL A 48 13.53 7.48 -10.60
CA VAL A 48 12.83 6.20 -10.61
C VAL A 48 11.38 6.36 -10.18
N LEU A 49 10.47 5.70 -10.89
CA LEU A 49 9.05 5.77 -10.58
C LEU A 49 8.65 4.68 -9.58
N PHE A 50 7.54 4.90 -8.89
CA PHE A 50 7.05 3.95 -7.91
C PHE A 50 5.53 3.82 -7.98
N VAL A 51 5.06 2.69 -8.52
CA VAL A 51 3.63 2.45 -8.64
C VAL A 51 3.08 1.77 -7.40
N VAL A 52 1.94 2.25 -6.92
CA VAL A 52 1.31 1.68 -5.73
C VAL A 52 -0.06 1.09 -6.07
N ARG A 53 -0.31 -0.12 -5.58
CA ARG A 53 -1.58 -0.80 -5.84
C ARG A 53 -1.83 -1.88 -4.80
N GLN A 54 -3.08 -2.34 -4.71
CA GLN A 54 -3.45 -3.38 -3.76
C GLN A 54 -4.13 -4.55 -4.46
N GLU A 55 -3.89 -5.75 -3.96
CA GLU A 55 -4.48 -6.95 -4.54
C GLU A 55 -5.98 -6.75 -4.81
N GLN A 56 -6.68 -6.25 -3.81
CA GLN A 56 -8.12 -6.01 -3.94
C GLN A 56 -8.43 -4.51 -3.91
N GLY A 57 -7.55 -3.75 -3.27
CA GLY A 57 -7.75 -2.31 -3.19
C GLY A 57 -9.20 -1.93 -2.94
N ASP A 58 -9.66 -2.14 -1.71
CA ASP A 58 -11.04 -1.82 -1.35
C ASP A 58 -11.08 -1.02 -0.05
N VAL A 59 -10.21 -0.04 0.07
CA VAL A 59 -10.14 0.79 1.27
C VAL A 59 -9.85 2.25 0.91
N LEU A 60 -10.25 3.16 1.78
CA LEU A 60 -10.03 4.59 1.56
C LEU A 60 -9.33 5.23 2.76
N THR A 61 -9.14 6.54 2.70
CA THR A 61 -8.49 7.26 3.78
C THR A 61 -7.40 6.42 4.44
N THR A 62 -6.59 5.76 3.62
CA THR A 62 -5.52 4.91 4.13
C THR A 62 -4.19 5.66 4.13
N LYS A 63 -3.71 6.00 5.32
CA LYS A 63 -2.45 6.71 5.47
C LYS A 63 -1.27 5.83 5.05
N TYR A 64 -0.50 6.30 4.09
CA TYR A 64 0.66 5.55 3.60
C TYR A 64 1.96 6.30 3.90
N GLN A 65 2.83 5.66 4.67
CA GLN A 65 4.11 6.27 5.04
C GLN A 65 5.22 5.79 4.11
N VAL A 66 5.52 6.58 3.09
CA VAL A 66 6.57 6.24 2.13
C VAL A 66 7.93 6.73 2.60
N ASP A 67 8.83 5.78 2.85
CA ASP A 67 10.18 6.11 3.31
C ASP A 67 11.22 5.78 2.24
N LEU A 68 11.79 6.82 1.64
CA LEU A 68 12.79 6.64 0.59
C LEU A 68 14.09 6.10 1.18
N GLY A 69 14.51 6.68 2.30
CA GLY A 69 15.74 6.26 2.96
C GLY A 69 16.78 7.35 2.99
N ASP A 70 17.06 7.94 1.83
CA ASP A 70 18.04 9.01 1.74
C ASP A 70 17.67 10.18 2.65
N GLY A 71 16.57 10.85 2.32
CA GLY A 71 16.12 11.98 3.11
C GLY A 71 14.76 12.47 2.70
N PHE A 72 13.90 11.55 2.26
CA PHE A 72 12.55 11.90 1.83
C PHE A 72 11.50 11.31 2.78
N LYS A 73 10.60 12.16 3.24
CA LYS A 73 9.55 11.73 4.16
C LYS A 73 8.23 12.42 3.84
N ALA A 74 7.26 11.66 3.32
CA ALA A 74 5.96 12.20 2.96
C ALA A 74 4.84 11.24 3.37
N MET A 75 3.64 11.78 3.52
CA MET A 75 2.49 10.97 3.90
C MET A 75 1.32 11.21 2.95
N TYR A 76 1.10 10.26 2.04
CA TYR A 76 0.02 10.37 1.07
C TYR A 76 -1.18 9.55 1.50
N VAL A 77 -2.36 10.16 1.48
CA VAL A 77 -3.59 9.48 1.86
C VAL A 77 -4.23 8.78 0.68
N ASN A 78 -4.91 7.67 0.93
CA ASN A 78 -5.57 6.90 -0.11
C ASN A 78 -4.77 6.97 -1.42
N LEU A 79 -3.45 6.93 -1.29
CA LEU A 79 -2.58 6.98 -2.46
C LEU A 79 -3.14 6.14 -3.60
N THR A 80 -3.70 4.99 -3.27
CA THR A 80 -4.28 4.10 -4.26
C THR A 80 -5.37 4.80 -5.06
N LEU A 81 -6.20 5.58 -4.38
CA LEU A 81 -7.28 6.31 -5.03
C LEU A 81 -6.74 7.25 -6.09
N THR A 82 -5.69 8.00 -5.74
CA THR A 82 -5.08 8.94 -6.66
C THR A 82 -4.51 8.22 -7.88
N GLY A 83 -4.09 6.97 -7.68
CA GLY A 83 -3.53 6.20 -8.77
C GLY A 83 -2.39 6.92 -9.47
N GLU A 84 -1.50 7.52 -8.69
CA GLU A 84 -0.37 8.24 -9.24
C GLU A 84 0.95 7.68 -8.72
N PRO A 85 1.93 7.53 -9.63
CA PRO A 85 3.25 7.00 -9.28
C PRO A 85 4.06 7.98 -8.43
N ILE A 86 5.12 7.47 -7.81
CA ILE A 86 5.98 8.29 -6.97
C ILE A 86 7.40 8.35 -7.52
N ARG A 87 7.70 9.41 -8.26
CA ARG A 87 9.03 9.59 -8.84
C ARG A 87 9.97 10.25 -7.85
N HIS A 88 11.22 9.80 -7.84
CA HIS A 88 12.23 10.35 -6.94
C HIS A 88 13.63 10.12 -7.49
N ARG A 89 14.47 11.15 -7.40
CA ARG A 89 15.84 11.08 -7.89
C ARG A 89 16.82 10.86 -6.74
N TYR A 90 17.77 9.95 -6.93
CA TYR A 90 18.77 9.66 -5.91
C TYR A 90 19.96 10.59 -6.03
N GLU A 91 20.82 10.59 -5.01
CA GLU A 91 22.00 11.43 -4.99
C GLU A 91 23.26 10.61 -5.22
N SER A 92 23.46 9.60 -4.36
CA SER A 92 24.63 8.73 -4.47
C SER A 92 24.23 7.31 -4.79
N PRO A 93 25.16 6.55 -5.38
CA PRO A 93 24.92 5.15 -5.76
C PRO A 93 24.82 4.23 -4.54
N GLY A 94 24.32 3.02 -4.76
CA GLY A 94 24.17 2.07 -3.67
C GLY A 94 22.73 1.66 -3.44
N ILE A 95 22.51 0.38 -3.18
CA ILE A 95 21.17 -0.14 -2.94
C ILE A 95 20.44 0.69 -1.88
N TYR A 96 19.20 1.07 -2.18
CA TYR A 96 18.40 1.86 -1.26
C TYR A 96 17.36 1.00 -0.56
N ARG A 97 16.89 1.47 0.59
CA ARG A 97 15.89 0.73 1.37
C ARG A 97 14.57 1.49 1.40
N VAL A 98 13.61 1.03 0.61
CA VAL A 98 12.29 1.67 0.54
C VAL A 98 11.28 0.91 1.39
N SER A 99 10.40 1.66 2.06
CA SER A 99 9.38 1.06 2.92
C SER A 99 8.04 1.76 2.74
N VAL A 100 6.97 1.07 3.09
CA VAL A 100 5.63 1.63 2.96
C VAL A 100 4.71 1.10 4.07
N ARG A 101 4.32 1.99 4.98
CA ARG A 101 3.45 1.62 6.08
C ARG A 101 1.99 1.94 5.75
N ALA A 102 1.07 1.17 6.34
CA ALA A 102 -0.35 1.38 6.11
C ALA A 102 -1.18 0.88 7.28
N GLU A 103 -2.10 1.71 7.75
CA GLU A 103 -2.96 1.35 8.88
C GLU A 103 -4.31 2.05 8.79
N ASN A 104 -5.34 1.29 8.42
CA ASN A 104 -6.67 1.84 8.29
C ASN A 104 -7.63 1.21 9.30
N THR A 105 -8.72 1.90 9.59
CA THR A 105 -9.71 1.41 10.55
C THR A 105 -10.00 -0.07 10.31
N ALA A 106 -9.96 -0.49 9.06
CA ALA A 106 -10.22 -1.87 8.70
C ALA A 106 -9.08 -2.78 9.15
N GLY A 107 -7.86 -2.45 8.72
CA GLY A 107 -6.70 -3.24 9.10
C GLY A 107 -5.40 -2.49 8.91
N HIS A 108 -4.35 -3.20 8.53
CA HIS A 108 -3.04 -2.60 8.32
C HIS A 108 -2.19 -3.44 7.37
N ASP A 109 -1.13 -2.85 6.85
CA ASP A 109 -0.24 -3.54 5.94
C ASP A 109 1.09 -2.79 5.79
N GLU A 110 2.10 -3.48 5.26
CA GLU A 110 3.41 -2.88 5.07
C GLU A 110 4.19 -3.62 3.99
N ALA A 111 5.03 -2.88 3.27
CA ALA A 111 5.83 -3.46 2.20
C ALA A 111 7.22 -2.82 2.15
N VAL A 112 8.14 -3.49 1.46
CA VAL A 112 9.51 -2.98 1.33
C VAL A 112 10.09 -3.31 -0.03
N LEU A 113 10.69 -2.31 -0.67
CA LEU A 113 11.29 -2.49 -1.98
C LEU A 113 12.76 -2.08 -1.98
N PHE A 114 13.61 -2.96 -2.48
CA PHE A 114 15.04 -2.69 -2.53
C PHE A 114 15.47 -2.25 -3.93
N VAL A 115 15.81 -0.97 -4.06
CA VAL A 115 16.23 -0.42 -5.34
C VAL A 115 17.75 -0.51 -5.50
N GLN A 116 18.19 -1.09 -6.61
CA GLN A 116 19.62 -1.23 -6.88
C GLN A 116 20.09 -0.16 -7.86
N VAL A 117 21.09 0.61 -7.45
CA VAL A 117 21.64 1.66 -8.29
C VAL A 117 23.15 1.50 -8.46
N SER A 118 23.57 1.05 -9.64
CA SER A 118 24.98 0.85 -9.93
C SER A 118 25.77 2.14 -9.70
N GLY A 119 27.09 2.04 -9.81
CA GLY A 119 27.93 3.20 -9.61
C GLY A 119 28.91 3.40 -10.76
N PRO A 120 29.55 4.58 -10.78
CA PRO A 120 30.53 4.93 -11.82
C PRO A 120 31.81 4.12 -11.70
N SER A 121 32.39 4.10 -10.51
CA SER A 121 33.62 3.36 -10.25
C SER A 121 34.72 3.81 -11.22
N SER A 122 34.83 5.12 -11.40
CA SER A 122 35.84 5.68 -12.29
C SER A 122 37.06 6.14 -11.51
N GLY A 123 37.94 5.20 -11.19
CA GLY A 123 39.15 5.52 -10.45
C GLY A 123 40.07 6.44 -11.20
N GLY A 1 -17.71 -11.73 -12.15
CA GLY A 1 -17.08 -10.67 -12.91
C GLY A 1 -15.60 -10.93 -13.15
N SER A 2 -14.85 -9.86 -13.41
CA SER A 2 -13.42 -9.98 -13.65
C SER A 2 -12.64 -9.94 -12.35
N SER A 3 -12.05 -11.07 -11.98
CA SER A 3 -11.27 -11.16 -10.74
C SER A 3 -10.21 -12.25 -10.86
N GLY A 4 -9.09 -12.05 -10.18
CA GLY A 4 -8.02 -13.03 -10.21
C GLY A 4 -6.88 -12.67 -9.26
N SER A 5 -6.78 -13.41 -8.16
CA SER A 5 -5.74 -13.17 -7.17
C SER A 5 -4.81 -14.37 -7.04
N SER A 6 -3.54 -14.11 -6.80
CA SER A 6 -2.55 -15.16 -6.66
C SER A 6 -2.06 -15.28 -5.22
N GLY A 7 -1.48 -16.42 -4.88
CA GLY A 7 -0.98 -16.63 -3.53
C GLY A 7 -1.80 -17.65 -2.76
N CYS A 8 -1.28 -18.86 -2.65
CA CYS A 8 -1.98 -19.94 -1.94
C CYS A 8 -2.59 -19.41 -0.65
N GLU A 9 -1.73 -18.93 0.26
CA GLU A 9 -2.19 -18.40 1.54
C GLU A 9 -2.76 -17.00 1.37
N GLY A 10 -4.06 -16.87 1.62
CA GLY A 10 -4.71 -15.58 1.49
C GLY A 10 -5.96 -15.47 2.36
N GLY A 11 -5.76 -15.42 3.67
CA GLY A 11 -6.89 -15.32 4.58
C GLY A 11 -6.45 -15.24 6.03
N VAL A 12 -5.74 -14.18 6.38
CA VAL A 12 -5.26 -14.00 7.75
C VAL A 12 -6.16 -13.04 8.53
N ASP A 13 -6.24 -13.25 9.83
CA ASP A 13 -7.07 -12.41 10.69
C ASP A 13 -6.74 -12.64 12.16
N MET A 14 -7.28 -11.78 13.02
CA MET A 14 -7.04 -11.89 14.46
C MET A 14 -5.55 -11.83 14.77
N GLN A 15 -4.85 -10.90 14.12
CA GLN A 15 -3.41 -10.75 14.33
C GLN A 15 -3.13 -10.08 15.67
N GLN A 16 -3.71 -8.91 15.88
CA GLN A 16 -3.52 -8.16 17.11
C GLN A 16 -4.84 -7.99 17.85
N SER A 17 -5.81 -7.39 17.19
CA SER A 17 -7.13 -7.16 17.79
C SER A 17 -8.15 -8.13 17.23
N GLN A 18 -8.58 -9.07 18.07
CA GLN A 18 -9.57 -10.07 17.66
C GLN A 18 -10.92 -9.79 18.30
N VAL A 19 -11.66 -8.85 17.72
CA VAL A 19 -12.98 -8.49 18.23
C VAL A 19 -14.03 -9.51 17.83
N GLN A 20 -15.07 -9.64 18.64
CA GLN A 20 -16.14 -10.59 18.37
C GLN A 20 -17.36 -9.87 17.80
N LEU A 21 -17.13 -8.94 16.89
CA LEU A 21 -18.21 -8.18 16.27
C LEU A 21 -18.01 -8.09 14.76
N GLN A 22 -18.90 -8.70 13.99
CA GLN A 22 -18.81 -8.67 12.54
C GLN A 22 -18.95 -7.25 12.01
N CYS A 23 -17.90 -6.76 11.36
CA CYS A 23 -17.91 -5.41 10.81
C CYS A 23 -17.78 -5.45 9.29
N PRO A 24 -18.48 -4.52 8.62
CA PRO A 24 -18.47 -4.42 7.16
C PRO A 24 -17.12 -3.94 6.62
N LEU A 25 -16.17 -3.73 7.52
CA LEU A 25 -14.84 -3.27 7.14
C LEU A 25 -13.81 -4.36 7.36
N THR A 26 -12.73 -4.32 6.57
CA THR A 26 -11.67 -5.31 6.68
C THR A 26 -10.30 -4.64 6.59
N PRO A 27 -9.27 -5.33 7.09
CA PRO A 27 -7.89 -4.84 7.08
C PRO A 27 -7.30 -4.80 5.67
N PRO A 28 -6.20 -4.05 5.51
CA PRO A 28 -5.52 -3.92 4.22
C PRO A 28 -4.81 -5.20 3.79
N ARG A 29 -4.94 -5.55 2.52
CA ARG A 29 -4.32 -6.76 1.99
C ARG A 29 -3.58 -6.47 0.69
N GLY A 30 -2.85 -7.46 0.19
CA GLY A 30 -2.11 -7.30 -1.04
C GLY A 30 -1.57 -5.89 -1.21
N LEU A 31 -0.92 -5.37 -0.16
CA LEU A 31 -0.36 -4.03 -0.19
C LEU A 31 1.14 -4.08 -0.40
N GLN A 32 1.60 -3.67 -1.58
CA GLN A 32 3.01 -3.66 -1.90
C GLN A 32 3.35 -2.56 -2.90
N VAL A 33 4.64 -2.32 -3.10
CA VAL A 33 5.08 -1.28 -4.03
C VAL A 33 5.92 -1.89 -5.16
N SER A 34 5.97 -1.18 -6.28
CA SER A 34 6.73 -1.64 -7.44
C SER A 34 7.35 -0.47 -8.19
N ILE A 35 8.27 -0.78 -9.09
CA ILE A 35 8.93 0.26 -9.88
C ILE A 35 8.40 0.29 -11.30
N GLN A 36 7.93 1.46 -11.73
CA GLN A 36 7.39 1.62 -13.07
C GLN A 36 8.25 0.89 -14.10
N GLY A 37 7.86 -0.34 -14.42
CA GLY A 37 8.61 -1.13 -15.39
C GLY A 37 9.74 -1.92 -14.75
N GLU A 38 9.74 -3.23 -14.98
CA GLU A 38 10.77 -4.10 -14.43
C GLU A 38 12.16 -3.63 -14.81
N ALA A 39 12.88 -3.08 -13.85
CA ALA A 39 14.23 -2.58 -14.09
C ALA A 39 15.27 -3.44 -13.40
N VAL A 40 16.43 -3.61 -14.04
CA VAL A 40 17.50 -4.42 -13.48
C VAL A 40 18.53 -3.55 -12.77
N ALA A 41 19.20 -2.69 -13.54
CA ALA A 41 20.21 -1.80 -12.99
C ALA A 41 20.05 -0.38 -13.53
N VAL A 42 19.66 0.54 -12.66
CA VAL A 42 19.47 1.93 -13.04
C VAL A 42 20.72 2.75 -12.78
N ARG A 43 20.87 3.85 -13.51
CA ARG A 43 22.03 4.72 -13.37
C ARG A 43 21.81 5.71 -12.22
N PRO A 44 22.92 6.13 -11.60
CA PRO A 44 22.88 7.09 -10.48
C PRO A 44 22.49 8.49 -10.93
N GLY A 45 21.24 8.86 -10.66
CA GLY A 45 20.76 10.18 -11.04
C GLY A 45 19.59 10.12 -12.00
N GLU A 46 18.83 9.03 -11.94
CA GLU A 46 17.68 8.85 -12.81
C GLU A 46 16.40 8.71 -11.99
N ASP A 47 15.53 9.71 -12.10
CA ASP A 47 14.26 9.71 -11.38
C ASP A 47 13.47 8.44 -11.68
N VAL A 48 13.16 7.68 -10.62
CA VAL A 48 12.40 6.44 -10.77
C VAL A 48 10.98 6.59 -10.23
N LEU A 49 10.05 5.88 -10.84
CA LEU A 49 8.64 5.93 -10.43
C LEU A 49 8.25 4.67 -9.66
N PHE A 50 7.40 4.84 -8.67
CA PHE A 50 6.95 3.71 -7.85
C PHE A 50 5.43 3.54 -7.96
N VAL A 51 5.00 2.44 -8.57
CA VAL A 51 3.58 2.16 -8.73
C VAL A 51 3.03 1.40 -7.54
N VAL A 52 1.87 1.84 -7.04
CA VAL A 52 1.24 1.21 -5.90
C VAL A 52 -0.06 0.53 -6.30
N ARG A 53 -0.38 -0.58 -5.65
CA ARG A 53 -1.60 -1.32 -5.93
C ARG A 53 -2.12 -2.04 -4.69
N GLN A 54 -3.42 -2.30 -4.66
CA GLN A 54 -4.03 -2.98 -3.52
C GLN A 54 -4.91 -4.14 -3.99
N GLU A 55 -5.20 -5.06 -3.08
CA GLU A 55 -6.04 -6.20 -3.40
C GLU A 55 -7.48 -5.98 -2.94
N GLN A 56 -7.65 -5.13 -1.95
CA GLN A 56 -8.96 -4.82 -1.41
C GLN A 56 -9.60 -3.65 -2.16
N GLY A 57 -8.77 -2.75 -2.66
CA GLY A 57 -9.27 -1.60 -3.40
C GLY A 57 -9.48 -0.39 -2.50
N ASP A 58 -8.59 -0.22 -1.53
CA ASP A 58 -8.68 0.92 -0.62
C ASP A 58 -10.04 0.93 0.08
N VAL A 59 -10.43 -0.20 0.65
CA VAL A 59 -11.70 -0.31 1.35
C VAL A 59 -12.12 1.02 1.95
N LEU A 60 -11.21 1.63 2.72
CA LEU A 60 -11.48 2.91 3.36
C LEU A 60 -10.21 3.75 3.45
N THR A 61 -10.37 5.00 3.87
CA THR A 61 -9.24 5.91 4.00
C THR A 61 -8.04 5.21 4.64
N THR A 62 -7.08 4.82 3.82
CA THR A 62 -5.89 4.15 4.30
C THR A 62 -4.65 5.03 4.16
N LYS A 63 -4.04 5.37 5.29
CA LYS A 63 -2.86 6.22 5.29
C LYS A 63 -1.63 5.44 4.81
N TYR A 64 -0.84 6.06 3.96
CA TYR A 64 0.36 5.42 3.42
C TYR A 64 1.61 6.22 3.79
N GLN A 65 2.63 5.52 4.29
CA GLN A 65 3.87 6.15 4.68
C GLN A 65 5.02 5.70 3.79
N VAL A 66 5.49 6.61 2.93
CA VAL A 66 6.58 6.29 2.02
C VAL A 66 7.93 6.65 2.65
N ASP A 67 8.78 5.64 2.79
CA ASP A 67 10.11 5.84 3.38
C ASP A 67 11.20 5.50 2.37
N LEU A 68 11.91 6.52 1.90
CA LEU A 68 12.99 6.33 0.93
C LEU A 68 14.25 5.79 1.62
N GLY A 69 14.73 6.53 2.61
CA GLY A 69 15.92 6.11 3.33
C GLY A 69 16.98 7.20 3.37
N ASP A 70 17.22 7.84 2.24
CA ASP A 70 18.22 8.90 2.15
C ASP A 70 17.80 10.10 2.99
N GLY A 71 16.67 10.70 2.64
CA GLY A 71 16.18 11.86 3.37
C GLY A 71 14.81 12.32 2.90
N PHE A 72 13.98 11.36 2.49
CA PHE A 72 12.65 11.68 2.00
C PHE A 72 11.59 10.99 2.86
N LYS A 73 10.71 11.79 3.46
CA LYS A 73 9.64 11.26 4.30
C LYS A 73 8.35 12.04 4.11
N ALA A 74 7.38 11.41 3.45
CA ALA A 74 6.09 12.05 3.19
C ALA A 74 4.94 11.10 3.48
N MET A 75 3.71 11.61 3.39
CA MET A 75 2.53 10.80 3.64
C MET A 75 1.46 11.07 2.59
N TYR A 76 1.11 10.04 1.83
CA TYR A 76 0.09 10.17 0.79
C TYR A 76 -1.12 9.30 1.10
N VAL A 77 -2.30 9.91 1.10
CA VAL A 77 -3.54 9.20 1.38
C VAL A 77 -4.22 8.75 0.09
N ASN A 78 -4.89 7.61 0.15
CA ASN A 78 -5.59 7.07 -1.01
C ASN A 78 -4.74 7.22 -2.27
N LEU A 79 -3.46 6.92 -2.15
CA LEU A 79 -2.54 7.03 -3.28
C LEU A 79 -3.16 6.45 -4.54
N THR A 80 -4.00 5.43 -4.37
CA THR A 80 -4.66 4.79 -5.49
C THR A 80 -5.77 5.67 -6.07
N LEU A 81 -6.43 6.42 -5.19
CA LEU A 81 -7.51 7.31 -5.60
C LEU A 81 -7.00 8.36 -6.57
N THR A 82 -5.93 9.05 -6.19
CA THR A 82 -5.35 10.09 -7.02
C THR A 82 -4.52 9.48 -8.15
N GLY A 83 -3.96 8.30 -7.90
CA GLY A 83 -3.16 7.63 -8.91
C GLY A 83 -1.74 8.17 -8.97
N GLU A 84 -1.60 9.48 -8.80
CA GLU A 84 -0.29 10.12 -8.84
C GLU A 84 0.78 9.22 -8.24
N PRO A 85 1.75 8.81 -9.06
CA PRO A 85 2.85 7.94 -8.63
C PRO A 85 3.81 8.65 -7.69
N ILE A 86 4.77 7.89 -7.17
CA ILE A 86 5.77 8.46 -6.25
C ILE A 86 7.09 8.71 -6.96
N ARG A 87 7.33 9.97 -7.34
CA ARG A 87 8.55 10.34 -8.04
C ARG A 87 9.69 10.54 -7.05
N HIS A 88 10.88 10.09 -7.42
CA HIS A 88 12.06 10.22 -6.56
C HIS A 88 13.34 10.17 -7.38
N ARG A 89 14.27 11.06 -7.07
CA ARG A 89 15.55 11.12 -7.78
C ARG A 89 16.71 10.92 -6.82
N TYR A 90 17.76 10.25 -7.30
CA TYR A 90 18.93 9.98 -6.48
C TYR A 90 20.14 10.78 -6.99
N GLU A 91 21.20 10.82 -6.18
CA GLU A 91 22.40 11.55 -6.55
C GLU A 91 23.58 10.60 -6.72
N SER A 92 23.88 9.85 -5.66
CA SER A 92 24.99 8.89 -5.69
C SER A 92 24.47 7.47 -5.82
N PRO A 93 25.30 6.58 -6.40
CA PRO A 93 24.95 5.18 -6.60
C PRO A 93 24.91 4.40 -5.29
N GLY A 94 24.37 3.19 -5.34
CA GLY A 94 24.29 2.36 -4.14
C GLY A 94 22.87 1.93 -3.84
N ILE A 95 22.70 0.66 -3.51
CA ILE A 95 21.38 0.12 -3.20
C ILE A 95 20.69 0.92 -2.10
N TYR A 96 19.40 1.17 -2.29
CA TYR A 96 18.63 1.94 -1.32
C TYR A 96 17.60 1.06 -0.61
N ARG A 97 17.13 1.51 0.54
CA ARG A 97 16.15 0.76 1.32
C ARG A 97 14.83 1.53 1.40
N VAL A 98 13.85 1.09 0.61
CA VAL A 98 12.55 1.74 0.60
C VAL A 98 11.48 0.85 1.24
N SER A 99 10.59 1.45 2.01
CA SER A 99 9.53 0.71 2.68
C SER A 99 8.26 1.54 2.76
N VAL A 100 7.11 0.86 2.70
CA VAL A 100 5.82 1.54 2.77
C VAL A 100 4.98 1.00 3.92
N ARG A 101 4.62 1.87 4.84
CA ARG A 101 3.81 1.48 6.00
C ARG A 101 2.42 2.10 5.92
N ALA A 102 1.40 1.25 5.87
CA ALA A 102 0.02 1.71 5.79
C ALA A 102 -0.82 1.09 6.90
N GLU A 103 -1.45 1.94 7.71
CA GLU A 103 -2.29 1.48 8.81
C GLU A 103 -3.66 2.13 8.76
N ASN A 104 -4.70 1.31 8.82
CA ASN A 104 -6.07 1.82 8.78
C ASN A 104 -6.81 1.50 10.08
N THR A 105 -8.03 2.02 10.21
CA THR A 105 -8.82 1.80 11.40
C THR A 105 -9.02 0.31 11.68
N ALA A 106 -9.32 -0.44 10.63
CA ALA A 106 -9.51 -1.88 10.76
C ALA A 106 -8.22 -2.58 11.16
N GLY A 107 -7.25 -2.60 10.23
CA GLY A 107 -5.98 -3.24 10.50
C GLY A 107 -4.80 -2.39 10.06
N HIS A 108 -3.68 -3.05 9.76
CA HIS A 108 -2.49 -2.34 9.32
C HIS A 108 -1.55 -3.29 8.58
N ASP A 109 -1.00 -2.81 7.46
CA ASP A 109 -0.10 -3.61 6.65
C ASP A 109 1.16 -2.81 6.28
N GLU A 110 2.16 -3.50 5.74
CA GLU A 110 3.40 -2.85 5.36
C GLU A 110 4.14 -3.67 4.30
N ALA A 111 5.03 -3.02 3.56
CA ALA A 111 5.79 -3.69 2.52
C ALA A 111 7.22 -3.15 2.45
N VAL A 112 8.08 -3.84 1.71
CA VAL A 112 9.46 -3.42 1.57
C VAL A 112 9.95 -3.61 0.13
N LEU A 113 10.87 -2.76 -0.29
CA LEU A 113 11.41 -2.82 -1.64
C LEU A 113 12.84 -2.29 -1.68
N PHE A 114 13.69 -2.96 -2.45
CA PHE A 114 15.09 -2.55 -2.58
C PHE A 114 15.40 -2.09 -4.00
N VAL A 115 16.08 -0.96 -4.13
CA VAL A 115 16.44 -0.41 -5.43
C VAL A 115 17.94 -0.54 -5.69
N GLN A 116 18.28 -1.23 -6.77
CA GLN A 116 19.68 -1.44 -7.13
C GLN A 116 20.12 -0.41 -8.16
N VAL A 117 21.07 0.44 -7.77
CA VAL A 117 21.59 1.47 -8.66
C VAL A 117 23.11 1.39 -8.78
N SER A 118 23.59 0.91 -9.92
CA SER A 118 25.02 0.77 -10.16
C SER A 118 25.69 2.13 -10.22
N GLY A 119 27.02 2.13 -10.38
CA GLY A 119 27.75 3.37 -10.46
C GLY A 119 27.68 4.02 -11.82
N PRO A 120 28.37 5.16 -11.99
CA PRO A 120 28.40 5.89 -13.26
C PRO A 120 29.16 5.15 -14.34
N SER A 121 28.99 5.58 -15.59
CA SER A 121 29.67 4.96 -16.72
C SER A 121 31.07 5.52 -16.90
N SER A 122 32.05 4.64 -17.03
CA SER A 122 33.43 5.06 -17.21
C SER A 122 33.82 6.11 -16.18
N GLY A 123 33.38 5.92 -14.95
CA GLY A 123 33.68 6.87 -13.90
C GLY A 123 34.98 6.54 -13.17
N GLY A 1 -64.84 -13.68 -27.78
CA GLY A 1 -64.90 -12.80 -26.62
C GLY A 1 -63.53 -12.37 -26.15
N SER A 2 -63.47 -11.71 -25.01
CA SER A 2 -62.21 -11.23 -24.45
C SER A 2 -62.39 -10.74 -23.02
N SER A 3 -61.28 -10.48 -22.34
CA SER A 3 -61.31 -10.01 -20.97
C SER A 3 -59.98 -9.40 -20.56
N GLY A 4 -59.91 -8.89 -19.33
CA GLY A 4 -58.67 -8.31 -18.85
C GLY A 4 -58.50 -8.46 -17.35
N SER A 5 -57.46 -7.85 -16.80
CA SER A 5 -57.19 -7.93 -15.37
C SER A 5 -56.15 -6.89 -14.96
N SER A 6 -55.87 -6.83 -13.66
CA SER A 6 -54.89 -5.87 -13.13
C SER A 6 -54.09 -6.50 -12.00
N GLY A 7 -53.03 -5.80 -11.58
CA GLY A 7 -52.19 -6.30 -10.50
C GLY A 7 -52.07 -5.32 -9.36
N CYS A 8 -51.35 -5.71 -8.32
CA CYS A 8 -51.16 -4.86 -7.15
C CYS A 8 -49.77 -5.05 -6.55
N GLU A 9 -49.44 -4.22 -5.56
CA GLU A 9 -48.14 -4.30 -4.91
C GLU A 9 -48.26 -4.11 -3.41
N GLY A 10 -47.15 -4.23 -2.70
CA GLY A 10 -47.16 -4.07 -1.26
C GLY A 10 -46.47 -2.79 -0.81
N GLY A 11 -45.86 -2.83 0.37
CA GLY A 11 -45.18 -1.67 0.88
C GLY A 11 -44.45 -1.95 2.18
N VAL A 12 -43.81 -0.93 2.74
CA VAL A 12 -43.07 -1.06 4.00
C VAL A 12 -42.82 0.29 4.65
N ASP A 13 -43.26 0.42 5.89
CA ASP A 13 -43.08 1.67 6.63
C ASP A 13 -41.66 1.79 7.17
N MET A 14 -40.97 2.85 6.76
CA MET A 14 -39.59 3.08 7.19
C MET A 14 -39.08 4.43 6.69
N GLN A 15 -38.05 4.94 7.35
CA GLN A 15 -37.48 6.23 6.97
C GLN A 15 -36.02 6.33 7.42
N GLN A 16 -35.10 6.26 6.46
CA GLN A 16 -33.68 6.34 6.76
C GLN A 16 -32.98 7.32 5.83
N SER A 17 -31.72 7.62 6.13
CA SER A 17 -30.94 8.55 5.32
C SER A 17 -31.06 8.22 3.84
N GLN A 18 -31.58 9.16 3.06
CA GLN A 18 -31.75 8.97 1.63
C GLN A 18 -30.40 8.80 0.94
N VAL A 19 -30.39 8.03 -0.14
CA VAL A 19 -29.16 7.79 -0.89
C VAL A 19 -27.95 7.71 0.03
N GLN A 20 -28.15 7.14 1.21
CA GLN A 20 -27.08 7.01 2.19
C GLN A 20 -27.16 5.67 2.91
N LEU A 21 -26.01 5.17 3.36
CA LEU A 21 -25.95 3.89 4.06
C LEU A 21 -24.58 3.68 4.69
N GLN A 22 -24.56 3.16 5.92
CA GLN A 22 -23.31 2.91 6.62
C GLN A 22 -22.82 1.49 6.37
N CYS A 23 -21.70 1.37 5.67
CA CYS A 23 -21.13 0.06 5.35
C CYS A 23 -19.70 -0.04 5.86
N PRO A 24 -19.32 -1.23 6.33
CA PRO A 24 -17.97 -1.49 6.85
C PRO A 24 -16.91 -1.47 5.77
N LEU A 25 -15.66 -1.63 6.16
CA LEU A 25 -14.55 -1.63 5.21
C LEU A 25 -13.59 -2.79 5.50
N THR A 26 -12.91 -3.26 4.47
CA THR A 26 -11.97 -4.35 4.60
C THR A 26 -10.56 -3.84 4.89
N PRO A 27 -9.76 -4.66 5.59
CA PRO A 27 -8.38 -4.30 5.94
C PRO A 27 -7.46 -4.29 4.73
N PRO A 28 -6.29 -3.64 4.87
CA PRO A 28 -5.30 -3.53 3.80
C PRO A 28 -4.64 -4.86 3.50
N ARG A 29 -5.01 -5.47 2.38
CA ARG A 29 -4.45 -6.75 1.98
C ARG A 29 -3.89 -6.67 0.56
N GLY A 30 -2.70 -7.25 0.37
CA GLY A 30 -2.08 -7.23 -0.94
C GLY A 30 -1.34 -5.94 -1.22
N LEU A 31 -0.99 -5.23 -0.16
CA LEU A 31 -0.28 -3.95 -0.29
C LEU A 31 1.20 -4.19 -0.56
N GLN A 32 1.65 -3.74 -1.74
CA GLN A 32 3.05 -3.89 -2.12
C GLN A 32 3.44 -2.88 -3.19
N VAL A 33 4.72 -2.52 -3.22
CA VAL A 33 5.22 -1.56 -4.19
C VAL A 33 6.19 -2.22 -5.17
N SER A 34 6.26 -1.66 -6.38
CA SER A 34 7.15 -2.20 -7.41
C SER A 34 7.63 -1.10 -8.34
N ILE A 35 8.77 -1.32 -8.97
CA ILE A 35 9.34 -0.34 -9.89
C ILE A 35 8.59 -0.34 -11.22
N GLN A 36 8.20 0.86 -11.67
CA GLN A 36 7.48 1.00 -12.93
C GLN A 36 8.13 0.18 -14.03
N GLY A 37 7.58 -1.01 -14.26
CA GLY A 37 8.13 -1.88 -15.30
C GLY A 37 9.39 -2.59 -14.86
N GLU A 38 9.67 -3.73 -15.48
CA GLU A 38 10.85 -4.51 -15.13
C GLU A 38 12.11 -3.67 -15.26
N ALA A 39 12.70 -3.30 -14.13
CA ALA A 39 13.92 -2.50 -14.11
C ALA A 39 15.11 -3.32 -13.65
N VAL A 40 16.29 -3.00 -14.19
CA VAL A 40 17.51 -3.72 -13.83
C VAL A 40 18.42 -2.84 -12.98
N ALA A 41 18.80 -1.69 -13.51
CA ALA A 41 19.67 -0.76 -12.80
C ALA A 41 19.19 0.68 -12.97
N VAL A 42 19.06 1.39 -11.86
CA VAL A 42 18.61 2.78 -11.88
C VAL A 42 19.80 3.73 -12.01
N ARG A 43 19.55 4.90 -12.58
CA ARG A 43 20.60 5.91 -12.76
C ARG A 43 20.72 6.79 -11.52
N PRO A 44 21.96 7.10 -11.14
CA PRO A 44 22.25 7.95 -9.97
C PRO A 44 21.84 9.40 -10.19
N GLY A 45 20.56 9.69 -9.98
CA GLY A 45 20.07 11.03 -10.16
C GLY A 45 18.87 11.10 -11.08
N GLU A 46 18.36 9.94 -11.48
CA GLU A 46 17.21 9.87 -12.37
C GLU A 46 15.91 9.80 -11.57
N ASP A 47 14.84 10.31 -12.17
CA ASP A 47 13.53 10.32 -11.51
C ASP A 47 12.89 8.94 -11.56
N VAL A 48 13.07 8.16 -10.50
CA VAL A 48 12.52 6.82 -10.43
C VAL A 48 11.03 6.86 -10.08
N LEU A 49 10.26 6.02 -10.76
CA LEU A 49 8.82 5.97 -10.54
C LEU A 49 8.44 4.72 -9.75
N PHE A 50 7.72 4.90 -8.65
CA PHE A 50 7.30 3.78 -7.81
C PHE A 50 5.80 3.53 -7.96
N VAL A 51 5.46 2.37 -8.50
CA VAL A 51 4.07 2.00 -8.69
C VAL A 51 3.43 1.53 -7.39
N VAL A 52 2.30 2.13 -7.03
CA VAL A 52 1.59 1.76 -5.81
C VAL A 52 0.14 1.41 -6.11
N ARG A 53 -0.25 0.20 -5.72
CA ARG A 53 -1.62 -0.27 -5.94
C ARG A 53 -1.97 -1.39 -4.98
N GLN A 54 -3.27 -1.54 -4.70
CA GLN A 54 -3.73 -2.58 -3.79
C GLN A 54 -4.56 -3.62 -4.54
N GLU A 55 -4.66 -4.82 -3.96
CA GLU A 55 -5.41 -5.90 -4.58
C GLU A 55 -6.92 -5.63 -4.49
N GLN A 56 -7.39 -5.34 -3.28
CA GLN A 56 -8.80 -5.06 -3.06
C GLN A 56 -8.99 -3.71 -2.38
N GLY A 57 -7.88 -3.08 -2.00
CA GLY A 57 -7.94 -1.78 -1.35
C GLY A 57 -7.53 -0.65 -2.27
N ASP A 58 -8.12 -0.62 -3.46
CA ASP A 58 -7.80 0.43 -4.43
C ASP A 58 -8.58 1.70 -4.14
N VAL A 59 -9.82 1.54 -3.68
CA VAL A 59 -10.68 2.67 -3.36
C VAL A 59 -10.60 3.02 -1.87
N LEU A 60 -10.48 1.99 -1.03
CA LEU A 60 -10.39 2.18 0.41
C LEU A 60 -9.55 3.40 0.74
N THR A 61 -9.79 3.98 1.92
CA THR A 61 -9.06 5.16 2.35
C THR A 61 -8.03 4.80 3.42
N THR A 62 -6.83 4.41 2.98
CA THR A 62 -5.77 4.04 3.89
C THR A 62 -4.52 4.88 3.66
N LYS A 63 -3.98 5.45 4.73
CA LYS A 63 -2.78 6.27 4.65
C LYS A 63 -1.54 5.42 4.41
N TYR A 64 -0.72 5.82 3.44
CA TYR A 64 0.50 5.09 3.13
C TYR A 64 1.73 5.98 3.29
N GLN A 65 2.52 5.71 4.31
CA GLN A 65 3.73 6.49 4.58
C GLN A 65 4.89 5.99 3.73
N VAL A 66 5.33 6.81 2.79
CA VAL A 66 6.43 6.46 1.90
C VAL A 66 7.77 6.84 2.53
N ASP A 67 8.63 5.85 2.72
CA ASP A 67 9.95 6.08 3.31
C ASP A 67 11.05 5.65 2.35
N LEU A 68 11.76 6.64 1.79
CA LEU A 68 12.84 6.37 0.85
C LEU A 68 14.03 5.72 1.56
N GLY A 69 14.46 6.32 2.66
CA GLY A 69 15.58 5.78 3.41
C GLY A 69 16.69 6.79 3.60
N ASP A 70 17.32 7.18 2.50
CA ASP A 70 18.41 8.15 2.54
C ASP A 70 18.11 9.27 3.53
N GLY A 71 17.22 10.17 3.13
CA GLY A 71 16.85 11.28 4.00
C GLY A 71 15.56 11.96 3.56
N PHE A 72 14.76 11.24 2.78
CA PHE A 72 13.49 11.77 2.29
C PHE A 72 12.31 11.12 3.00
N LYS A 73 11.35 11.93 3.43
CA LYS A 73 10.17 11.44 4.12
C LYS A 73 8.92 12.18 3.67
N ALA A 74 7.88 11.44 3.32
CA ALA A 74 6.63 12.03 2.88
C ALA A 74 5.47 11.07 3.06
N MET A 75 4.32 11.60 3.48
CA MET A 75 3.13 10.78 3.70
C MET A 75 2.03 11.14 2.71
N TYR A 76 1.58 10.15 1.94
CA TYR A 76 0.54 10.36 0.95
C TYR A 76 -0.70 9.54 1.28
N VAL A 77 -1.81 10.23 1.53
CA VAL A 77 -3.07 9.57 1.87
C VAL A 77 -3.89 9.30 0.62
N ASN A 78 -4.57 8.16 0.59
CA ASN A 78 -5.40 7.79 -0.55
C ASN A 78 -4.57 7.70 -1.82
N LEU A 79 -3.32 7.26 -1.69
CA LEU A 79 -2.43 7.12 -2.82
C LEU A 79 -3.01 6.18 -3.87
N THR A 80 -3.84 5.25 -3.42
CA THR A 80 -4.48 4.29 -4.32
C THR A 80 -5.64 4.92 -5.07
N LEU A 81 -6.37 5.79 -4.38
CA LEU A 81 -7.52 6.47 -4.98
C LEU A 81 -7.14 7.12 -6.30
N THR A 82 -6.23 8.09 -6.23
CA THR A 82 -5.77 8.79 -7.42
C THR A 82 -4.85 7.93 -8.27
N GLY A 83 -4.15 7.01 -7.61
CA GLY A 83 -3.24 6.12 -8.31
C GLY A 83 -1.91 6.78 -8.62
N GLU A 84 -1.89 8.11 -8.57
CA GLU A 84 -0.67 8.86 -8.85
C GLU A 84 0.55 8.16 -8.24
N PRO A 85 1.57 7.92 -9.06
CA PRO A 85 2.81 7.26 -8.63
C PRO A 85 3.64 8.14 -7.70
N ILE A 86 4.79 7.63 -7.29
CA ILE A 86 5.67 8.37 -6.39
C ILE A 86 6.97 8.75 -7.10
N ARG A 87 7.03 9.99 -7.59
CA ARG A 87 8.21 10.48 -8.28
C ARG A 87 9.26 10.96 -7.30
N HIS A 88 10.44 10.34 -7.34
CA HIS A 88 11.53 10.72 -6.44
C HIS A 88 12.88 10.64 -7.16
N ARG A 89 13.81 11.49 -6.77
CA ARG A 89 15.13 11.52 -7.37
C ARG A 89 16.21 11.26 -6.33
N TYR A 90 17.30 10.61 -6.75
CA TYR A 90 18.39 10.30 -5.85
C TYR A 90 19.57 11.26 -6.07
N GLU A 91 20.51 11.25 -5.15
CA GLU A 91 21.68 12.12 -5.24
C GLU A 91 22.95 11.29 -5.49
N SER A 92 23.19 10.31 -4.62
CA SER A 92 24.36 9.45 -4.75
C SER A 92 23.96 8.02 -5.06
N PRO A 93 24.82 7.31 -5.82
CA PRO A 93 24.57 5.92 -6.21
C PRO A 93 24.67 4.97 -5.03
N GLY A 94 24.06 3.79 -5.17
CA GLY A 94 24.10 2.80 -4.10
C GLY A 94 22.72 2.27 -3.78
N ILE A 95 22.64 0.96 -3.51
CA ILE A 95 21.37 0.32 -3.18
C ILE A 95 20.63 1.09 -2.09
N TYR A 96 19.31 1.11 -2.19
CA TYR A 96 18.48 1.82 -1.22
C TYR A 96 17.42 0.89 -0.64
N ARG A 97 16.97 1.20 0.58
CA ARG A 97 15.94 0.39 1.24
C ARG A 97 14.65 1.19 1.40
N VAL A 98 13.68 0.92 0.53
CA VAL A 98 12.39 1.61 0.58
C VAL A 98 11.33 0.74 1.22
N SER A 99 10.47 1.36 2.02
CA SER A 99 9.40 0.65 2.70
C SER A 99 8.09 1.43 2.65
N VAL A 100 6.99 0.72 2.44
CA VAL A 100 5.68 1.34 2.37
C VAL A 100 4.78 0.87 3.50
N ARG A 101 4.63 1.71 4.53
CA ARG A 101 3.80 1.36 5.68
C ARG A 101 2.42 1.99 5.55
N ALA A 102 1.43 1.37 6.20
CA ALA A 102 0.06 1.88 6.15
C ALA A 102 -0.75 1.34 7.33
N GLU A 103 -1.67 2.18 7.84
CA GLU A 103 -2.50 1.80 8.97
C GLU A 103 -3.82 2.56 8.95
N ASN A 104 -4.92 1.84 8.71
CA ASN A 104 -6.23 2.47 8.67
C ASN A 104 -7.08 2.02 9.86
N THR A 105 -8.26 2.62 10.01
CA THR A 105 -9.15 2.29 11.10
C THR A 105 -9.44 0.78 11.14
N ALA A 106 -9.76 0.21 9.99
CA ALA A 106 -10.04 -1.22 9.90
C ALA A 106 -8.80 -2.04 10.26
N GLY A 107 -7.82 -2.06 9.35
CA GLY A 107 -6.60 -2.81 9.59
C GLY A 107 -5.36 -2.02 9.26
N HIS A 108 -4.26 -2.72 9.03
CA HIS A 108 -3.00 -2.08 8.70
C HIS A 108 -2.06 -3.05 7.99
N ASP A 109 -1.33 -2.53 7.00
CA ASP A 109 -0.39 -3.35 6.24
C ASP A 109 0.84 -2.55 5.86
N GLU A 110 1.93 -3.26 5.54
CA GLU A 110 3.18 -2.61 5.17
C GLU A 110 4.04 -3.54 4.31
N ALA A 111 4.72 -2.96 3.33
CA ALA A 111 5.58 -3.74 2.44
C ALA A 111 6.98 -3.13 2.36
N VAL A 112 7.89 -3.85 1.71
CA VAL A 112 9.27 -3.39 1.56
C VAL A 112 9.77 -3.62 0.15
N LEU A 113 10.76 -2.83 -0.26
CA LEU A 113 11.34 -2.94 -1.59
C LEU A 113 12.81 -2.52 -1.58
N PHE A 114 13.62 -3.21 -2.38
CA PHE A 114 15.04 -2.91 -2.47
C PHE A 114 15.41 -2.44 -3.87
N VAL A 115 15.92 -1.21 -3.96
CA VAL A 115 16.31 -0.64 -5.25
C VAL A 115 17.82 -0.73 -5.45
N GLN A 116 18.24 -0.83 -6.71
CA GLN A 116 19.66 -0.93 -7.04
C GLN A 116 20.05 0.14 -8.06
N VAL A 117 20.60 1.24 -7.56
CA VAL A 117 21.03 2.34 -8.43
C VAL A 117 22.51 2.21 -8.78
N SER A 118 22.79 1.86 -10.04
CA SER A 118 24.16 1.71 -10.49
C SER A 118 24.95 3.01 -10.31
N GLY A 119 26.19 3.02 -10.77
CA GLY A 119 27.02 4.20 -10.64
C GLY A 119 26.97 5.08 -11.88
N PRO A 120 27.59 6.27 -11.79
CA PRO A 120 27.63 7.22 -12.90
C PRO A 120 28.51 6.73 -14.06
N SER A 121 28.30 7.32 -15.23
CA SER A 121 29.07 6.94 -16.42
C SER A 121 29.31 8.16 -17.31
N SER A 122 30.58 8.52 -17.45
CA SER A 122 30.96 9.66 -18.28
C SER A 122 30.97 9.29 -19.75
N GLY A 123 30.76 10.29 -20.61
CA GLY A 123 30.74 10.04 -22.04
C GLY A 123 29.50 10.58 -22.71
N GLY A 1 -55.09 -58.80 -21.40
CA GLY A 1 -54.22 -57.81 -20.80
C GLY A 1 -54.98 -56.70 -20.10
N SER A 2 -54.25 -55.77 -19.49
CA SER A 2 -54.87 -54.66 -18.78
C SER A 2 -53.83 -53.58 -18.46
N SER A 3 -54.30 -52.47 -17.89
CA SER A 3 -53.42 -51.37 -17.54
C SER A 3 -54.11 -50.40 -16.57
N GLY A 4 -53.36 -49.41 -16.11
CA GLY A 4 -53.92 -48.44 -15.19
C GLY A 4 -52.85 -47.56 -14.55
N SER A 5 -53.10 -46.26 -14.51
CA SER A 5 -52.15 -45.32 -13.93
C SER A 5 -52.75 -43.92 -13.85
N SER A 6 -52.68 -43.32 -12.67
CA SER A 6 -53.22 -41.99 -12.46
C SER A 6 -52.82 -41.44 -11.08
N GLY A 7 -52.16 -40.28 -11.08
CA GLY A 7 -51.73 -39.68 -9.83
C GLY A 7 -50.85 -38.47 -10.05
N CYS A 8 -51.43 -37.28 -9.90
CA CYS A 8 -50.68 -36.04 -10.09
C CYS A 8 -50.38 -35.38 -8.75
N GLU A 9 -49.17 -34.86 -8.60
CA GLU A 9 -48.75 -34.20 -7.37
C GLU A 9 -47.69 -33.14 -7.65
N GLY A 10 -47.53 -32.22 -6.70
CA GLY A 10 -46.55 -31.17 -6.86
C GLY A 10 -47.16 -29.79 -6.77
N GLY A 11 -46.43 -28.86 -6.14
CA GLY A 11 -46.93 -27.51 -6.00
C GLY A 11 -45.88 -26.55 -5.47
N VAL A 12 -46.03 -25.27 -5.78
CA VAL A 12 -45.08 -24.26 -5.33
C VAL A 12 -45.80 -22.99 -4.89
N ASP A 13 -45.39 -22.47 -3.73
CA ASP A 13 -45.99 -21.26 -3.19
C ASP A 13 -45.09 -20.05 -3.40
N MET A 14 -45.64 -18.86 -3.21
CA MET A 14 -44.89 -17.62 -3.38
C MET A 14 -44.37 -17.10 -2.05
N GLN A 15 -43.85 -18.01 -1.22
CA GLN A 15 -43.33 -17.64 0.09
C GLN A 15 -41.98 -16.95 -0.05
N GLN A 16 -41.07 -17.58 -0.78
CA GLN A 16 -39.73 -17.02 -0.98
C GLN A 16 -39.69 -16.15 -2.23
N SER A 17 -39.58 -14.84 -2.03
CA SER A 17 -39.53 -13.89 -3.13
C SER A 17 -38.09 -13.55 -3.50
N GLN A 18 -37.32 -13.10 -2.51
CA GLN A 18 -35.93 -12.74 -2.74
C GLN A 18 -35.14 -12.79 -1.43
N VAL A 19 -33.82 -12.82 -1.54
CA VAL A 19 -32.95 -12.87 -0.36
C VAL A 19 -31.83 -11.83 -0.48
N GLN A 20 -31.24 -11.49 0.66
CA GLN A 20 -30.15 -10.51 0.70
C GLN A 20 -29.34 -10.65 1.99
N LEU A 21 -28.04 -10.43 1.88
CA LEU A 21 -27.15 -10.52 3.04
C LEU A 21 -25.96 -9.59 2.88
N GLN A 22 -25.60 -8.91 3.97
CA GLN A 22 -24.48 -7.99 3.96
C GLN A 22 -23.34 -8.51 4.83
N CYS A 23 -22.11 -8.15 4.47
CA CYS A 23 -20.93 -8.59 5.22
C CYS A 23 -20.08 -7.39 5.62
N PRO A 24 -19.29 -7.55 6.69
CA PRO A 24 -18.40 -6.50 7.20
C PRO A 24 -17.24 -6.22 6.26
N LEU A 25 -16.34 -5.35 6.69
CA LEU A 25 -15.16 -5.00 5.89
C LEU A 25 -13.99 -5.90 6.23
N THR A 26 -13.01 -5.94 5.33
CA THR A 26 -11.82 -6.76 5.53
C THR A 26 -10.56 -5.91 5.64
N PRO A 27 -9.52 -6.46 6.27
CA PRO A 27 -8.25 -5.76 6.45
C PRO A 27 -7.49 -5.59 5.14
N PRO A 28 -6.54 -4.64 5.12
CA PRO A 28 -5.72 -4.36 3.93
C PRO A 28 -4.74 -5.49 3.62
N ARG A 29 -5.11 -6.34 2.67
CA ARG A 29 -4.26 -7.46 2.28
C ARG A 29 -3.76 -7.28 0.85
N GLY A 30 -2.58 -7.82 0.57
CA GLY A 30 -2.01 -7.72 -0.76
C GLY A 30 -1.39 -6.36 -1.02
N LEU A 31 -0.89 -5.72 0.03
CA LEU A 31 -0.27 -4.41 -0.09
C LEU A 31 1.22 -4.54 -0.40
N GLN A 32 1.61 -4.08 -1.57
CA GLN A 32 3.02 -4.13 -1.99
C GLN A 32 3.31 -3.09 -3.05
N VAL A 33 4.50 -2.50 -2.98
CA VAL A 33 4.92 -1.48 -3.94
C VAL A 33 5.80 -2.06 -5.02
N SER A 34 5.66 -1.54 -6.24
CA SER A 34 6.46 -2.02 -7.37
C SER A 34 6.98 -0.85 -8.21
N ILE A 35 8.12 -1.05 -8.84
CA ILE A 35 8.72 -0.01 -9.68
C ILE A 35 8.17 -0.07 -11.10
N GLN A 36 7.70 1.07 -11.59
CA GLN A 36 7.14 1.15 -12.94
C GLN A 36 8.01 0.39 -13.92
N GLY A 37 7.64 -0.86 -14.19
CA GLY A 37 8.40 -1.68 -15.12
C GLY A 37 9.55 -2.41 -14.45
N GLU A 38 9.68 -3.70 -14.74
CA GLU A 38 10.73 -4.51 -14.15
C GLU A 38 12.11 -3.91 -14.44
N ALA A 39 12.73 -3.33 -13.42
CA ALA A 39 14.04 -2.72 -13.56
C ALA A 39 15.13 -3.57 -12.89
N VAL A 40 16.38 -3.29 -13.22
CA VAL A 40 17.50 -4.03 -12.66
C VAL A 40 18.60 -3.08 -12.19
N ALA A 41 19.12 -2.27 -13.12
CA ALA A 41 20.18 -1.32 -12.80
C ALA A 41 19.89 0.04 -13.44
N VAL A 42 19.62 1.03 -12.60
CA VAL A 42 19.34 2.38 -13.07
C VAL A 42 20.52 3.32 -12.82
N ARG A 43 20.61 4.37 -13.63
CA ARG A 43 21.69 5.34 -13.50
C ARG A 43 21.35 6.40 -12.46
N PRO A 44 22.38 7.05 -11.91
CA PRO A 44 22.22 8.10 -10.90
C PRO A 44 21.60 9.37 -11.48
N GLY A 45 20.98 10.16 -10.60
CA GLY A 45 20.36 11.40 -11.04
C GLY A 45 18.97 11.17 -11.62
N GLU A 46 18.75 9.99 -12.18
CA GLU A 46 17.45 9.65 -12.78
C GLU A 46 16.42 9.39 -11.69
N ASP A 47 15.20 9.86 -11.93
CA ASP A 47 14.11 9.68 -10.98
C ASP A 47 13.40 8.35 -11.21
N VAL A 48 13.15 7.61 -10.13
CA VAL A 48 12.48 6.32 -10.22
C VAL A 48 10.98 6.46 -9.93
N LEU A 49 10.19 5.58 -10.53
CA LEU A 49 8.75 5.61 -10.33
C LEU A 49 8.30 4.45 -9.44
N PHE A 50 7.49 4.76 -8.44
CA PHE A 50 7.00 3.75 -7.51
C PHE A 50 5.48 3.61 -7.63
N VAL A 51 5.04 2.51 -8.24
CA VAL A 51 3.62 2.25 -8.41
C VAL A 51 3.01 1.62 -7.16
N VAL A 52 1.80 2.05 -6.82
CA VAL A 52 1.11 1.52 -5.65
C VAL A 52 -0.24 0.94 -6.02
N ARG A 53 -0.48 -0.30 -5.62
CA ARG A 53 -1.74 -0.98 -5.91
C ARG A 53 -2.07 -2.01 -4.83
N GLN A 54 -3.36 -2.18 -4.56
CA GLN A 54 -3.81 -3.14 -3.55
C GLN A 54 -4.87 -4.06 -4.11
N GLU A 55 -5.08 -5.20 -3.45
CA GLU A 55 -6.07 -6.17 -3.89
C GLU A 55 -7.36 -6.03 -3.09
N GLN A 56 -7.24 -6.06 -1.77
CA GLN A 56 -8.39 -5.93 -0.89
C GLN A 56 -8.72 -4.48 -0.62
N GLY A 57 -7.70 -3.62 -0.68
CA GLY A 57 -7.91 -2.20 -0.45
C GLY A 57 -8.91 -1.59 -1.40
N ASP A 58 -8.85 -0.28 -1.57
CA ASP A 58 -9.76 0.42 -2.46
C ASP A 58 -11.16 0.51 -1.86
N VAL A 59 -11.22 0.74 -0.55
CA VAL A 59 -12.49 0.85 0.15
C VAL A 59 -12.64 2.22 0.80
N LEU A 60 -11.61 2.66 1.51
CA LEU A 60 -11.63 3.95 2.18
C LEU A 60 -10.25 4.60 2.15
N THR A 61 -10.21 5.91 2.38
CA THR A 61 -8.95 6.65 2.38
C THR A 61 -8.02 6.14 3.47
N THR A 62 -6.90 5.55 3.06
CA THR A 62 -5.93 5.02 4.01
C THR A 62 -4.62 5.79 3.94
N LYS A 63 -3.98 5.98 5.09
CA LYS A 63 -2.71 6.69 5.16
C LYS A 63 -1.54 5.75 4.89
N TYR A 64 -0.68 6.15 3.95
CA TYR A 64 0.48 5.34 3.60
C TYR A 64 1.78 6.12 3.80
N GLN A 65 2.73 5.50 4.48
CA GLN A 65 4.02 6.15 4.74
C GLN A 65 5.07 5.68 3.74
N VAL A 66 5.86 6.63 3.23
CA VAL A 66 6.90 6.31 2.26
C VAL A 66 8.27 6.76 2.78
N ASP A 67 9.17 5.79 2.95
CA ASP A 67 10.51 6.08 3.43
C ASP A 67 11.55 5.77 2.36
N LEU A 68 12.15 6.82 1.80
CA LEU A 68 13.16 6.65 0.76
C LEU A 68 14.47 6.13 1.35
N GLY A 69 14.89 6.71 2.47
CA GLY A 69 16.12 6.29 3.12
C GLY A 69 17.18 7.36 3.11
N ASP A 70 17.57 7.79 1.91
CA ASP A 70 18.60 8.83 1.76
C ASP A 70 18.30 10.01 2.67
N GLY A 71 17.10 10.56 2.55
CA GLY A 71 16.71 11.70 3.36
C GLY A 71 15.37 12.29 2.94
N PHE A 72 14.50 11.45 2.40
CA PHE A 72 13.19 11.90 1.95
C PHE A 72 12.08 11.24 2.77
N LYS A 73 11.19 12.06 3.32
CA LYS A 73 10.08 11.56 4.13
C LYS A 73 8.81 12.35 3.85
N ALA A 74 7.75 11.64 3.48
CA ALA A 74 6.47 12.28 3.20
C ALA A 74 5.30 11.34 3.50
N MET A 75 4.10 11.90 3.58
CA MET A 75 2.91 11.11 3.86
C MET A 75 1.80 11.43 2.87
N TYR A 76 1.57 10.51 1.94
CA TYR A 76 0.55 10.69 0.92
C TYR A 76 -0.74 9.95 1.31
N VAL A 77 -1.88 10.60 1.09
CA VAL A 77 -3.16 10.02 1.42
C VAL A 77 -4.00 9.79 0.16
N ASN A 78 -4.70 8.65 0.12
CA ASN A 78 -5.53 8.32 -1.03
C ASN A 78 -4.68 8.14 -2.29
N LEU A 79 -3.50 7.55 -2.12
CA LEU A 79 -2.59 7.32 -3.25
C LEU A 79 -3.22 6.37 -4.26
N THR A 80 -3.53 5.15 -3.81
CA THR A 80 -4.14 4.15 -4.68
C THR A 80 -5.24 4.76 -5.54
N LEU A 81 -6.02 5.64 -4.93
CA LEU A 81 -7.13 6.30 -5.65
C LEU A 81 -6.59 7.33 -6.64
N THR A 82 -5.72 8.21 -6.15
CA THR A 82 -5.14 9.24 -7.00
C THR A 82 -4.36 8.63 -8.16
N GLY A 83 -3.85 7.42 -7.96
CA GLY A 83 -3.10 6.74 -8.99
C GLY A 83 -1.70 7.31 -9.15
N GLU A 84 -1.61 8.64 -9.23
CA GLU A 84 -0.32 9.31 -9.38
C GLU A 84 0.77 8.58 -8.60
N PRO A 85 1.77 8.06 -9.32
CA PRO A 85 2.89 7.33 -8.71
C PRO A 85 3.81 8.25 -7.91
N ILE A 86 4.85 7.67 -7.31
CA ILE A 86 5.80 8.43 -6.53
C ILE A 86 7.15 8.52 -7.23
N ARG A 87 7.46 9.71 -7.75
CA ARG A 87 8.73 9.93 -8.44
C ARG A 87 9.76 10.55 -7.52
N HIS A 88 11.00 10.07 -7.61
CA HIS A 88 12.08 10.58 -6.79
C HIS A 88 13.45 10.16 -7.34
N ARG A 89 14.37 11.11 -7.43
CA ARG A 89 15.71 10.83 -7.94
C ARG A 89 16.75 11.01 -6.85
N TYR A 90 17.91 10.38 -7.04
CA TYR A 90 19.00 10.47 -6.07
C TYR A 90 20.17 11.25 -6.64
N GLU A 91 21.10 11.63 -5.77
CA GLU A 91 22.28 12.38 -6.19
C GLU A 91 23.45 11.43 -6.46
N SER A 92 23.71 10.52 -5.53
CA SER A 92 24.80 9.57 -5.67
C SER A 92 24.26 8.15 -5.77
N PRO A 93 25.05 7.27 -6.42
CA PRO A 93 24.68 5.87 -6.61
C PRO A 93 24.71 5.08 -5.30
N GLY A 94 24.08 3.91 -5.31
CA GLY A 94 24.04 3.08 -4.12
C GLY A 94 22.68 2.45 -3.90
N ILE A 95 22.68 1.25 -3.32
CA ILE A 95 21.44 0.53 -3.06
C ILE A 95 20.61 1.24 -1.99
N TYR A 96 19.38 1.60 -2.35
CA TYR A 96 18.49 2.29 -1.42
C TYR A 96 17.44 1.33 -0.85
N ARG A 97 16.89 1.70 0.29
CA ARG A 97 15.88 0.87 0.95
C ARG A 97 14.57 1.64 1.10
N VAL A 98 13.54 1.20 0.38
CA VAL A 98 12.24 1.84 0.44
C VAL A 98 11.24 0.98 1.21
N SER A 99 10.34 1.64 1.93
CA SER A 99 9.33 0.93 2.72
C SER A 99 7.95 1.55 2.52
N VAL A 100 6.91 0.85 2.95
CA VAL A 100 5.54 1.33 2.82
C VAL A 100 4.67 0.82 3.97
N ARG A 101 4.06 1.74 4.69
CA ARG A 101 3.19 1.38 5.82
C ARG A 101 1.74 1.71 5.50
N ALA A 102 0.83 1.04 6.20
CA ALA A 102 -0.61 1.27 6.01
C ALA A 102 -1.41 0.77 7.19
N GLU A 103 -2.15 1.68 7.82
CA GLU A 103 -2.97 1.33 8.98
C GLU A 103 -4.36 1.96 8.88
N ASN A 104 -5.35 1.14 8.58
CA ASN A 104 -6.73 1.62 8.45
C ASN A 104 -7.62 1.00 9.52
N THR A 105 -8.87 1.46 9.58
CA THR A 105 -9.82 0.94 10.54
C THR A 105 -9.84 -0.58 10.55
N ALA A 106 -10.09 -1.17 9.39
CA ALA A 106 -10.11 -2.62 9.26
C ALA A 106 -8.85 -3.26 9.85
N GLY A 107 -7.72 -2.98 9.22
CA GLY A 107 -6.46 -3.53 9.68
C GLY A 107 -5.27 -2.70 9.25
N HIS A 108 -4.15 -3.36 8.97
CA HIS A 108 -2.94 -2.67 8.55
C HIS A 108 -2.11 -3.54 7.62
N ASP A 109 -0.99 -3.01 7.14
CA ASP A 109 -0.11 -3.74 6.24
C ASP A 109 1.21 -3.01 6.05
N GLU A 110 2.17 -3.68 5.45
CA GLU A 110 3.49 -3.09 5.21
C GLU A 110 4.22 -3.81 4.07
N ALA A 111 5.09 -3.09 3.40
CA ALA A 111 5.85 -3.66 2.29
C ALA A 111 7.28 -3.11 2.26
N VAL A 112 8.12 -3.71 1.43
CA VAL A 112 9.51 -3.30 1.30
C VAL A 112 10.00 -3.40 -0.14
N LEU A 113 10.79 -2.43 -0.56
CA LEU A 113 11.33 -2.40 -1.92
C LEU A 113 12.80 -2.02 -1.92
N PHE A 114 13.58 -2.68 -2.77
CA PHE A 114 15.01 -2.40 -2.87
C PHE A 114 15.35 -1.79 -4.23
N VAL A 115 16.04 -0.65 -4.21
CA VAL A 115 16.43 0.02 -5.43
C VAL A 115 17.93 -0.03 -5.63
N GLN A 116 18.35 -0.29 -6.88
CA GLN A 116 19.76 -0.38 -7.20
C GLN A 116 20.14 0.63 -8.28
N VAL A 117 21.04 1.55 -7.95
CA VAL A 117 21.48 2.57 -8.89
C VAL A 117 23.00 2.58 -9.02
N SER A 118 23.49 1.98 -10.10
CA SER A 118 24.93 1.92 -10.35
C SER A 118 25.42 3.17 -11.08
N GLY A 119 26.52 3.73 -10.60
CA GLY A 119 27.07 4.92 -11.22
C GLY A 119 27.50 4.69 -12.66
N PRO A 120 27.81 5.78 -13.38
CA PRO A 120 28.24 5.71 -14.78
C PRO A 120 29.63 5.09 -14.93
N SER A 121 30.16 5.13 -16.14
CA SER A 121 31.48 4.58 -16.42
C SER A 121 32.47 5.67 -16.79
N SER A 122 33.26 6.10 -15.80
CA SER A 122 34.25 7.15 -16.02
C SER A 122 35.11 6.84 -17.24
N GLY A 123 35.86 7.85 -17.69
CA GLY A 123 36.72 7.66 -18.84
C GLY A 123 35.96 7.73 -20.15
#